data_8VAW
# 
_entry.id   8VAW 
# 
_audit_conform.dict_name       mmcif_pdbx.dic 
_audit_conform.dict_version    5.404 
_audit_conform.dict_location   http://mmcif.pdb.org/dictionaries/ascii/mmcif_pdbx.dic 
# 
loop_
_database_2.database_id 
_database_2.database_code 
_database_2.pdbx_database_accession 
_database_2.pdbx_DOI 
PDB   8VAW         pdb_00008vaw 10.2210/pdb8vaw/pdb 
WWPDB D_1000279810 ?            ?                   
# 
loop_
_pdbx_audit_revision_history.ordinal 
_pdbx_audit_revision_history.data_content_type 
_pdbx_audit_revision_history.major_revision 
_pdbx_audit_revision_history.minor_revision 
_pdbx_audit_revision_history.revision_date 
_pdbx_audit_revision_history.part_number 
1 'Structure model' 1 0 2024-04-17 ? 
2 'Structure model' 1 1 2024-05-01 ? 
3 'Structure model' 2 0 2025-07-30 ? 
# 
_pdbx_audit_revision_details.ordinal             1 
_pdbx_audit_revision_details.revision_ordinal    1 
_pdbx_audit_revision_details.data_content_type   'Structure model' 
_pdbx_audit_revision_details.provider            repository 
_pdbx_audit_revision_details.type                'Initial release' 
_pdbx_audit_revision_details.description         ? 
_pdbx_audit_revision_details.details             ? 
# 
loop_
_pdbx_audit_revision_group.ordinal 
_pdbx_audit_revision_group.revision_ordinal 
_pdbx_audit_revision_group.data_content_type 
_pdbx_audit_revision_group.group 
1 2 'Structure model' 'Database references' 
2 3 'Structure model' 'Atomic model'        
3 3 'Structure model' 'Structure summary'   
# 
loop_
_pdbx_audit_revision_category.ordinal 
_pdbx_audit_revision_category.revision_ordinal 
_pdbx_audit_revision_category.data_content_type 
_pdbx_audit_revision_category.category 
1 2 'Structure model' citation           
2 2 'Structure model' citation_author    
3 3 'Structure model' atom_site          
4 3 'Structure model' pdbx_entry_details 
# 
loop_
_pdbx_audit_revision_item.ordinal 
_pdbx_audit_revision_item.revision_ordinal 
_pdbx_audit_revision_item.data_content_type 
_pdbx_audit_revision_item.item 
1 2 'Structure model' '_citation.journal_volume'                     
2 2 'Structure model' '_citation.page_first'                         
3 2 'Structure model' '_citation.page_last'                          
4 2 'Structure model' '_citation_author.identifier_ORCID'            
5 3 'Structure model' '_atom_site.auth_atom_id'                      
6 3 'Structure model' '_atom_site.label_atom_id'                     
7 3 'Structure model' '_pdbx_entry_details.has_protein_modification' 
# 
_pdbx_database_status.status_code                     REL 
_pdbx_database_status.status_code_sf                  REL 
_pdbx_database_status.status_code_mr                  ? 
_pdbx_database_status.entry_id                        8VAW 
_pdbx_database_status.recvd_initial_deposition_date   2023-12-11 
_pdbx_database_status.SG_entry                        N 
_pdbx_database_status.deposit_site                    RCSB 
_pdbx_database_status.process_site                    RCSB 
_pdbx_database_status.status_code_cs                  ? 
_pdbx_database_status.status_code_nmr_data            ? 
_pdbx_database_status.methods_development_category    ? 
_pdbx_database_status.pdb_format_compatible           Y 
# 
_pdbx_contact_author.id                 2 
_pdbx_contact_author.email              fang2@uchicago.edu 
_pdbx_contact_author.name_first         Ziyuan 
_pdbx_contact_author.name_last          Fang 
_pdbx_contact_author.name_mi            ? 
_pdbx_contact_author.role               'principal investigator/group leader' 
_pdbx_contact_author.identifier_ORCID   0000-0001-8679-6633 
# 
loop_
_audit_author.name 
_audit_author.pdbx_ordinal 
_audit_author.identifier_ORCID 
'Fang, Z.'      1 0000-0001-8679-6633 
'Szostak, J.W.' 2 0000-0003-4131-1203 
# 
_citation.abstract                  ? 
_citation.abstract_id_CAS           ? 
_citation.book_id_ISBN              ? 
_citation.book_publisher            ? 
_citation.book_publisher_city       ? 
_citation.book_title                ? 
_citation.coordinate_linkage        ? 
_citation.country                   US 
_citation.database_id_Medline       ? 
_citation.details                   ? 
_citation.id                        primary 
_citation.journal_abbrev            J.Am.Chem.Soc. 
_citation.journal_id_ASTM           JACSAT 
_citation.journal_id_CSD            ? 
_citation.journal_id_ISSN           1520-5126 
_citation.journal_full              ? 
_citation.journal_issue             ? 
_citation.journal_volume            146 
_citation.language                  ? 
_citation.page_first                10632 
_citation.page_last                 10639 
_citation.title                     'Catalytic Metal Ion-Substrate Coordination during Nonenzymatic RNA Primer Extension.' 
_citation.year                      2024 
_citation.database_id_CSD           ? 
_citation.pdbx_database_id_DOI      10.1021/jacs.4c00323 
_citation.pdbx_database_id_PubMed   38579124 
_citation.pdbx_database_id_patent   ? 
_citation.unpublished_flag          ? 
# 
loop_
_citation_author.citation_id 
_citation_author.name 
_citation_author.ordinal 
_citation_author.identifier_ORCID 
primary 'Fang, Z.'       1 ? 
primary 'Pazienza, L.T.' 2 ? 
primary 'Zhang, J.'      3 ? 
primary 'Tam, C.P.'      4 ? 
primary 'Szostak, J.W.'  5 ? 
# 
loop_
_entity.id 
_entity.type 
_entity.src_method 
_entity.pdbx_description 
_entity.formula_weight 
_entity.pdbx_number_of_molecules 
_entity.pdbx_ec 
_entity.pdbx_mutation 
_entity.pdbx_fragment 
_entity.details 
1 polymer     syn 'Magnesium catalyzed nonenzymatic RNA primer extension product' 4874.075 2   ? ? ? ? 
2 non-polymer nat 'MAGNESIUM ION'                                                 24.305   4   ? ? ? ? 
3 non-polymer syn "2'-DEOXYGUANOSINE-5'-MONOPHOSPHATE"                            347.221  2   ? ? ? ? 
4 water       nat water                                                           18.015   165 ? ? ? ? 
# 
_entity_poly.entity_id                      1 
_entity_poly.type                           polyribonucleotide 
_entity_poly.nstd_linkage                   no 
_entity_poly.nstd_monomer                   yes 
_entity_poly.pdbx_seq_one_letter_code       '(LCC)(LCC)(LCC)(LCG)ACUUAAGUCG(G46)' 
_entity_poly.pdbx_seq_one_letter_code_can   NNNGACUUAAGUCGG 
_entity_poly.pdbx_strand_id                 A,B 
_entity_poly.pdbx_target_identifier         ? 
# 
loop_
_pdbx_entity_nonpoly.entity_id 
_pdbx_entity_nonpoly.name 
_pdbx_entity_nonpoly.comp_id 
2 'MAGNESIUM ION'                      MG  
3 "2'-DEOXYGUANOSINE-5'-MONOPHOSPHATE" DGP 
4 water                                HOH 
# 
loop_
_entity_poly_seq.entity_id 
_entity_poly_seq.num 
_entity_poly_seq.mon_id 
_entity_poly_seq.hetero 
1 1  LCC n 
1 2  LCC n 
1 3  LCC n 
1 4  LCG n 
1 5  A   n 
1 6  C   n 
1 7  U   n 
1 8  U   n 
1 9  A   n 
1 10 A   n 
1 11 G   n 
1 12 U   n 
1 13 C   n 
1 14 G   n 
1 15 G46 n 
# 
_pdbx_entity_src_syn.entity_id              1 
_pdbx_entity_src_syn.pdbx_src_id            1 
_pdbx_entity_src_syn.pdbx_alt_source_flag   sample 
_pdbx_entity_src_syn.pdbx_beg_seq_num       1 
_pdbx_entity_src_syn.pdbx_end_seq_num       15 
_pdbx_entity_src_syn.organism_scientific    'synthetic construct' 
_pdbx_entity_src_syn.organism_common_name   ? 
_pdbx_entity_src_syn.ncbi_taxonomy_id       32630 
_pdbx_entity_src_syn.details                ? 
# 
loop_
_chem_comp.id 
_chem_comp.type 
_chem_comp.mon_nstd_flag 
_chem_comp.name 
_chem_comp.pdbx_synonyms 
_chem_comp.formula 
_chem_comp.formula_weight 
A   'RNA linking' y "ADENOSINE-5'-MONOPHOSPHATE" ?                             'C10 H14 N5 O7 P'   347.221 
C   'RNA linking' y "CYTIDINE-5'-MONOPHOSPHATE" ?                             'C9 H14 N3 O8 P'    323.197 
DGP non-polymer   n "2'-DEOXYGUANOSINE-5'-MONOPHOSPHATE" ?                             'C10 H14 N5 O7 P'   347.221 
G   'RNA linking' y "GUANOSINE-5'-MONOPHOSPHATE" ?                             'C10 H14 N5 O8 P'   363.221 
G46 'RNA linking' n "GUANOSINE-5'-MONOTHIOPHOSPHATE" "5'-O-thiophosphonoguanosine" 'C10 H14 N5 O7 P S' 379.286 
HOH non-polymer   . WATER ?                             'H2 O'              18.015  
LCC 'RNA linking' . 
'[(1R,3R,4R,7S)-7-HYDROXY-3-(5-METHYLCYTOSIN-1-YL)-2,5-DIOXABICYCLO[2.2.1]HEPT-1-YL]METHYL DIHYDROGEN PHOSPHATE' ? 
'C11 H16 N3 O8 P'   349.234 
LCG 'RNA linking' n '[(1R,3R,4R,7S)-7-HYDROXY-3-(GUANIN-9-YL)-2,5-DIOXABICYCLO[2.2.1]HEPT-1-YL]METHYL DIHYDROGEN PHOSPHATE' ? 
'C11 H14 N5 O8 P'   375.231 
MG  non-polymer   . 'MAGNESIUM ION' ?                             'Mg 2'              24.305  
U   'RNA linking' y "URIDINE-5'-MONOPHOSPHATE" ?                             'C9 H13 N2 O9 P'    324.181 
# 
loop_
_pdbx_poly_seq_scheme.asym_id 
_pdbx_poly_seq_scheme.entity_id 
_pdbx_poly_seq_scheme.seq_id 
_pdbx_poly_seq_scheme.mon_id 
_pdbx_poly_seq_scheme.ndb_seq_num 
_pdbx_poly_seq_scheme.pdb_seq_num 
_pdbx_poly_seq_scheme.auth_seq_num 
_pdbx_poly_seq_scheme.pdb_mon_id 
_pdbx_poly_seq_scheme.auth_mon_id 
_pdbx_poly_seq_scheme.pdb_strand_id 
_pdbx_poly_seq_scheme.pdb_ins_code 
_pdbx_poly_seq_scheme.hetero 
A 1 1  LCC 1  1  1  LCC LCC A . n 
A 1 2  LCC 2  2  2  LCC LCC A . n 
A 1 3  LCC 3  3  3  LCC LCC A . n 
A 1 4  LCG 4  4  4  LCG LCG A . n 
A 1 5  A   5  5  5  A   A   A . n 
A 1 6  C   6  6  6  C   C   A . n 
A 1 7  U   7  7  7  U   U   A . n 
A 1 8  U   8  8  8  U   U   A . n 
A 1 9  A   9  9  9  A   A   A . n 
A 1 10 A   10 10 10 A   A   A . n 
A 1 11 G   11 11 11 G   G   A . n 
A 1 12 U   12 12 12 U   U   A . n 
A 1 13 C   13 13 13 C   C   A . n 
A 1 14 G   14 14 14 G   G   A . n 
A 1 15 G46 15 15 15 G46 1SG A . n 
B 1 1  LCC 1  1  1  LCC LCC B . n 
B 1 2  LCC 2  2  2  LCC LCC B . n 
B 1 3  LCC 3  3  3  LCC LCC B . n 
B 1 4  LCG 4  4  4  LCG LCG B . n 
B 1 5  A   5  5  5  A   A   B . n 
B 1 6  C   6  6  6  C   C   B . n 
B 1 7  U   7  7  7  U   U   B . n 
B 1 8  U   8  8  8  U   U   B . n 
B 1 9  A   9  9  9  A   A   B . n 
B 1 10 A   10 10 10 A   A   B . n 
B 1 11 G   11 11 11 G   G   B . n 
B 1 12 U   12 12 12 U   U   B . n 
B 1 13 C   13 13 13 C   C   B . n 
B 1 14 G   14 14 14 G   G   B . n 
B 1 15 G46 15 15 15 G46 1SG B . n 
# 
_pdbx_entity_instance_feature.ordinal        1 
_pdbx_entity_instance_feature.comp_id        G46 
_pdbx_entity_instance_feature.asym_id        ? 
_pdbx_entity_instance_feature.seq_num        ? 
_pdbx_entity_instance_feature.auth_comp_id   G46 
_pdbx_entity_instance_feature.auth_asym_id   ? 
_pdbx_entity_instance_feature.auth_seq_num   ? 
_pdbx_entity_instance_feature.feature_type   'SUBJECT OF INVESTIGATION' 
_pdbx_entity_instance_feature.details        ? 
# 
loop_
_pdbx_nonpoly_scheme.asym_id 
_pdbx_nonpoly_scheme.entity_id 
_pdbx_nonpoly_scheme.mon_id 
_pdbx_nonpoly_scheme.ndb_seq_num 
_pdbx_nonpoly_scheme.pdb_seq_num 
_pdbx_nonpoly_scheme.auth_seq_num 
_pdbx_nonpoly_scheme.pdb_mon_id 
_pdbx_nonpoly_scheme.auth_mon_id 
_pdbx_nonpoly_scheme.pdb_strand_id 
_pdbx_nonpoly_scheme.pdb_ins_code 
C 2 MG  1  201 2   MG  MG  A . 
D 2 MG  1  202 4   MG  MG  A . 
E 3 DGP 1  203 101 DGP DGP A . 
F 2 MG  1  201 1   MG  MG  B . 
G 2 MG  1  202 3   MG  MG  B . 
H 3 DGP 1  203 101 DGP DGP B . 
I 4 HOH 1  301 139 HOH HOH A . 
I 4 HOH 2  302 93  HOH HOH A . 
I 4 HOH 3  303 88  HOH HOH A . 
I 4 HOH 4  304 89  HOH HOH A . 
I 4 HOH 5  305 125 HOH HOH A . 
I 4 HOH 6  306 138 HOH HOH A . 
I 4 HOH 7  307 7   HOH HOH A . 
I 4 HOH 8  308 96  HOH HOH A . 
I 4 HOH 9  309 87  HOH HOH A . 
I 4 HOH 10 310 21  HOH HOH A . 
I 4 HOH 11 311 5   HOH HOH A . 
I 4 HOH 12 312 117 HOH HOH A . 
I 4 HOH 13 313 95  HOH HOH A . 
I 4 HOH 14 314 111 HOH HOH A . 
I 4 HOH 15 315 148 HOH HOH A . 
I 4 HOH 16 316 67  HOH HOH A . 
I 4 HOH 17 317 103 HOH HOH A . 
I 4 HOH 18 318 72  HOH HOH A . 
I 4 HOH 19 319 65  HOH HOH A . 
I 4 HOH 20 320 113 HOH HOH A . 
I 4 HOH 21 321 124 HOH HOH A . 
I 4 HOH 22 322 114 HOH HOH A . 
I 4 HOH 23 323 126 HOH HOH A . 
I 4 HOH 24 324 128 HOH HOH A . 
I 4 HOH 25 325 79  HOH HOH A . 
I 4 HOH 26 326 47  HOH HOH A . 
I 4 HOH 27 327 46  HOH HOH A . 
I 4 HOH 28 328 17  HOH HOH A . 
I 4 HOH 29 329 129 HOH HOH A . 
I 4 HOH 30 330 15  HOH HOH A . 
I 4 HOH 31 331 55  HOH HOH A . 
I 4 HOH 32 332 92  HOH HOH A . 
I 4 HOH 33 333 86  HOH HOH A . 
I 4 HOH 34 334 68  HOH HOH A . 
I 4 HOH 35 335 24  HOH HOH A . 
I 4 HOH 36 336 98  HOH HOH A . 
I 4 HOH 37 337 6   HOH HOH A . 
I 4 HOH 38 338 164 HOH HOH A . 
I 4 HOH 39 339 19  HOH HOH A . 
I 4 HOH 40 340 81  HOH HOH A . 
I 4 HOH 41 341 97  HOH HOH A . 
I 4 HOH 42 342 62  HOH HOH A . 
I 4 HOH 43 343 12  HOH HOH A . 
I 4 HOH 44 344 20  HOH HOH A . 
I 4 HOH 45 345 4   HOH HOH A . 
I 4 HOH 46 346 102 HOH HOH A . 
I 4 HOH 47 347 10  HOH HOH A . 
I 4 HOH 48 348 45  HOH HOH A . 
I 4 HOH 49 349 66  HOH HOH A . 
I 4 HOH 50 350 60  HOH HOH A . 
I 4 HOH 51 351 118 HOH HOH A . 
I 4 HOH 52 352 140 HOH HOH A . 
I 4 HOH 53 353 85  HOH HOH A . 
I 4 HOH 54 354 131 HOH HOH A . 
I 4 HOH 55 355 16  HOH HOH A . 
I 4 HOH 56 356 149 HOH HOH A . 
I 4 HOH 57 357 44  HOH HOH A . 
I 4 HOH 58 358 18  HOH HOH A . 
I 4 HOH 59 359 143 HOH HOH A . 
I 4 HOH 60 360 110 HOH HOH A . 
I 4 HOH 61 361 22  HOH HOH A . 
I 4 HOH 62 362 52  HOH HOH A . 
I 4 HOH 63 363 133 HOH HOH A . 
I 4 HOH 64 364 8   HOH HOH A . 
I 4 HOH 65 365 64  HOH HOH A . 
I 4 HOH 66 366 136 HOH HOH A . 
I 4 HOH 67 367 80  HOH HOH A . 
I 4 HOH 68 368 157 HOH HOH A . 
I 4 HOH 69 369 156 HOH HOH A . 
I 4 HOH 70 370 119 HOH HOH A . 
I 4 HOH 71 371 153 HOH HOH A . 
I 4 HOH 72 372 82  HOH HOH A . 
I 4 HOH 73 373 147 HOH HOH A . 
I 4 HOH 74 374 83  HOH HOH A . 
I 4 HOH 75 375 163 HOH HOH A . 
J 4 HOH 1  301 141 HOH HOH B . 
J 4 HOH 2  302 132 HOH HOH B . 
J 4 HOH 3  303 57  HOH HOH B . 
J 4 HOH 4  304 23  HOH HOH B . 
J 4 HOH 5  305 74  HOH HOH B . 
J 4 HOH 6  306 48  HOH HOH B . 
J 4 HOH 7  307 134 HOH HOH B . 
J 4 HOH 8  308 51  HOH HOH B . 
J 4 HOH 9  309 101 HOH HOH B . 
J 4 HOH 10 310 14  HOH HOH B . 
J 4 HOH 11 311 28  HOH HOH B . 
J 4 HOH 12 312 69  HOH HOH B . 
J 4 HOH 13 313 9   HOH HOH B . 
J 4 HOH 14 314 53  HOH HOH B . 
J 4 HOH 15 315 58  HOH HOH B . 
J 4 HOH 16 316 137 HOH HOH B . 
J 4 HOH 17 317 25  HOH HOH B . 
J 4 HOH 18 318 90  HOH HOH B . 
J 4 HOH 19 319 50  HOH HOH B . 
J 4 HOH 20 320 78  HOH HOH B . 
J 4 HOH 21 321 73  HOH HOH B . 
J 4 HOH 22 322 31  HOH HOH B . 
J 4 HOH 23 323 41  HOH HOH B . 
J 4 HOH 24 324 107 HOH HOH B . 
J 4 HOH 25 325 99  HOH HOH B . 
J 4 HOH 26 326 106 HOH HOH B . 
J 4 HOH 27 327 29  HOH HOH B . 
J 4 HOH 28 328 109 HOH HOH B . 
J 4 HOH 29 329 36  HOH HOH B . 
J 4 HOH 30 330 63  HOH HOH B . 
J 4 HOH 31 331 77  HOH HOH B . 
J 4 HOH 32 332 105 HOH HOH B . 
J 4 HOH 33 333 115 HOH HOH B . 
J 4 HOH 34 334 34  HOH HOH B . 
J 4 HOH 35 335 32  HOH HOH B . 
J 4 HOH 36 336 3   HOH HOH B . 
J 4 HOH 37 337 61  HOH HOH B . 
J 4 HOH 38 338 49  HOH HOH B . 
J 4 HOH 39 339 135 HOH HOH B . 
J 4 HOH 40 340 42  HOH HOH B . 
J 4 HOH 41 341 108 HOH HOH B . 
J 4 HOH 42 342 1   HOH HOH B . 
J 4 HOH 43 343 71  HOH HOH B . 
J 4 HOH 44 344 27  HOH HOH B . 
J 4 HOH 45 345 38  HOH HOH B . 
J 4 HOH 46 346 13  HOH HOH B . 
J 4 HOH 47 347 37  HOH HOH B . 
J 4 HOH 48 348 11  HOH HOH B . 
J 4 HOH 49 349 120 HOH HOH B . 
J 4 HOH 50 350 70  HOH HOH B . 
J 4 HOH 51 351 54  HOH HOH B . 
J 4 HOH 52 352 130 HOH HOH B . 
J 4 HOH 53 353 75  HOH HOH B . 
J 4 HOH 54 354 100 HOH HOH B . 
J 4 HOH 55 355 35  HOH HOH B . 
J 4 HOH 56 356 33  HOH HOH B . 
J 4 HOH 57 357 154 HOH HOH B . 
J 4 HOH 58 358 166 HOH HOH B . 
J 4 HOH 59 359 91  HOH HOH B . 
J 4 HOH 60 360 150 HOH HOH B . 
J 4 HOH 61 361 94  HOH HOH B . 
J 4 HOH 62 362 146 HOH HOH B . 
J 4 HOH 63 363 123 HOH HOH B . 
J 4 HOH 64 364 40  HOH HOH B . 
J 4 HOH 65 365 26  HOH HOH B . 
J 4 HOH 66 366 144 HOH HOH B . 
J 4 HOH 67 367 104 HOH HOH B . 
J 4 HOH 68 368 142 HOH HOH B . 
J 4 HOH 69 369 56  HOH HOH B . 
J 4 HOH 70 370 152 HOH HOH B . 
J 4 HOH 71 371 43  HOH HOH B . 
J 4 HOH 72 372 145 HOH HOH B . 
J 4 HOH 73 373 165 HOH HOH B . 
J 4 HOH 74 374 84  HOH HOH B . 
J 4 HOH 75 375 59  HOH HOH B . 
J 4 HOH 76 376 39  HOH HOH B . 
J 4 HOH 77 377 159 HOH HOH B . 
J 4 HOH 78 378 158 HOH HOH B . 
J 4 HOH 79 379 2   HOH HOH B . 
J 4 HOH 80 380 155 HOH HOH B . 
J 4 HOH 81 381 161 HOH HOH B . 
J 4 HOH 82 382 112 HOH HOH B . 
J 4 HOH 83 383 162 HOH HOH B . 
J 4 HOH 84 384 116 HOH HOH B . 
J 4 HOH 85 385 30  HOH HOH B . 
J 4 HOH 86 386 151 HOH HOH B . 
J 4 HOH 87 387 76  HOH HOH B . 
J 4 HOH 88 388 122 HOH HOH B . 
J 4 HOH 89 389 127 HOH HOH B . 
J 4 HOH 90 390 160 HOH HOH B . 
# 
loop_
_pdbx_unobs_or_zero_occ_atoms.id 
_pdbx_unobs_or_zero_occ_atoms.PDB_model_num 
_pdbx_unobs_or_zero_occ_atoms.polymer_flag 
_pdbx_unobs_or_zero_occ_atoms.occupancy_flag 
_pdbx_unobs_or_zero_occ_atoms.auth_asym_id 
_pdbx_unobs_or_zero_occ_atoms.auth_comp_id 
_pdbx_unobs_or_zero_occ_atoms.auth_seq_id 
_pdbx_unobs_or_zero_occ_atoms.PDB_ins_code 
_pdbx_unobs_or_zero_occ_atoms.auth_atom_id 
_pdbx_unobs_or_zero_occ_atoms.label_alt_id 
_pdbx_unobs_or_zero_occ_atoms.label_asym_id 
_pdbx_unobs_or_zero_occ_atoms.label_comp_id 
_pdbx_unobs_or_zero_occ_atoms.label_seq_id 
_pdbx_unobs_or_zero_occ_atoms.label_atom_id 
1 1 N 1 A DGP 203 ? OP3 ? E DGP 1 OP3 
2 1 N 1 B DGP 203 ? OP3 ? H DGP 1 OP3 
# 
loop_
_software.citation_id 
_software.classification 
_software.compiler_name 
_software.compiler_version 
_software.contact_author 
_software.contact_author_email 
_software.date 
_software.description 
_software.dependencies 
_software.hardware 
_software.language 
_software.location 
_software.mods 
_software.name 
_software.os 
_software.os_version 
_software.type 
_software.version 
_software.pdbx_ordinal 
? refinement       ? ? ? ? ? ? ? ? ? ? ? REFMAC   ? ? ? 5.8.0419 1 
? 'data reduction' ? ? ? ? ? ? ? ? ? ? ? HKL-2000 ? ? ? .        2 
? 'data scaling'   ? ? ? ? ? ? ? ? ? ? ? HKL-2000 ? ? ? .        3 
? phasing          ? ? ? ? ? ? ? ? ? ? ? PHASER   ? ? ? .        4 
# 
_cell.angle_alpha                  90.000 
_cell.angle_alpha_esd              ? 
_cell.angle_beta                   90.000 
_cell.angle_beta_esd               ? 
_cell.angle_gamma                  120.000 
_cell.angle_gamma_esd              ? 
_cell.entry_id                     8VAW 
_cell.details                      ? 
_cell.formula_units_Z              ? 
_cell.length_a                     43.570 
_cell.length_a_esd                 ? 
_cell.length_b                     43.570 
_cell.length_b_esd                 ? 
_cell.length_c                     84.342 
_cell.length_c_esd                 ? 
_cell.volume                       ? 
_cell.volume_esd                   ? 
_cell.Z_PDB                        12 
_cell.reciprocal_angle_alpha       ? 
_cell.reciprocal_angle_beta        ? 
_cell.reciprocal_angle_gamma       ? 
_cell.reciprocal_angle_alpha_esd   ? 
_cell.reciprocal_angle_beta_esd    ? 
_cell.reciprocal_angle_gamma_esd   ? 
_cell.reciprocal_length_a          ? 
_cell.reciprocal_length_b          ? 
_cell.reciprocal_length_c          ? 
_cell.reciprocal_length_a_esd      ? 
_cell.reciprocal_length_b_esd      ? 
_cell.reciprocal_length_c_esd      ? 
_cell.pdbx_unique_axis             ? 
_cell.pdbx_esd_method              ? 
# 
_symmetry.entry_id                         8VAW 
_symmetry.cell_setting                     ? 
_symmetry.Int_Tables_number                150 
_symmetry.space_group_name_Hall            ? 
_symmetry.space_group_name_H-M             'P 3 2 1' 
_symmetry.pdbx_full_space_group_name_H-M   ? 
# 
_exptl.absorpt_coefficient_mu     ? 
_exptl.absorpt_correction_T_max   ? 
_exptl.absorpt_correction_T_min   ? 
_exptl.absorpt_correction_type    ? 
_exptl.absorpt_process_details    ? 
_exptl.entry_id                   8VAW 
_exptl.crystals_number            1 
_exptl.details                    ? 
_exptl.method                     'X-RAY DIFFRACTION' 
_exptl.method_details             ? 
# 
_exptl_crystal.colour                       ? 
_exptl_crystal.density_diffrn               ? 
_exptl_crystal.density_Matthews             2.19 
_exptl_crystal.density_method               ? 
_exptl_crystal.density_percent_sol          43.78 
_exptl_crystal.description                  ? 
_exptl_crystal.F_000                        ? 
_exptl_crystal.id                           1 
_exptl_crystal.preparation                  ? 
_exptl_crystal.size_max                     ? 
_exptl_crystal.size_mid                     ? 
_exptl_crystal.size_min                     ? 
_exptl_crystal.size_rad                     ? 
_exptl_crystal.colour_lustre                ? 
_exptl_crystal.colour_modifier              ? 
_exptl_crystal.colour_primary               ? 
_exptl_crystal.density_meas                 ? 
_exptl_crystal.density_meas_esd             ? 
_exptl_crystal.density_meas_gt              ? 
_exptl_crystal.density_meas_lt              ? 
_exptl_crystal.density_meas_temp            ? 
_exptl_crystal.density_meas_temp_esd        ? 
_exptl_crystal.density_meas_temp_gt         ? 
_exptl_crystal.density_meas_temp_lt         ? 
_exptl_crystal.pdbx_crystal_image_url       ? 
_exptl_crystal.pdbx_crystal_image_format    ? 
_exptl_crystal.pdbx_mosaicity               ? 
_exptl_crystal.pdbx_mosaicity_esd           ? 
_exptl_crystal.pdbx_mosaic_method           ? 
_exptl_crystal.pdbx_mosaic_block_size       ? 
_exptl_crystal.pdbx_mosaic_block_size_esd   ? 
# 
_exptl_crystal_grow.apparatus       ? 
_exptl_crystal_grow.atmosphere      ? 
_exptl_crystal_grow.crystal_id      1 
_exptl_crystal_grow.details         ? 
_exptl_crystal_grow.method          'VAPOR DIFFUSION, SITTING DROP' 
_exptl_crystal_grow.method_ref      ? 
_exptl_crystal_grow.pH              7.5 
_exptl_crystal_grow.pressure        ? 
_exptl_crystal_grow.pressure_esd    ? 
_exptl_crystal_grow.seeding         ? 
_exptl_crystal_grow.seeding_ref     ? 
_exptl_crystal_grow.temp_details    ? 
_exptl_crystal_grow.temp_esd        ? 
_exptl_crystal_grow.time            ? 
_exptl_crystal_grow.pdbx_details    '2.5 M Sodium chloride, 50 mM TRIS pH 7.5, 0.25 M Magnesium chloride.' 
_exptl_crystal_grow.pdbx_pH_range   ? 
_exptl_crystal_grow.temp            293 
# 
_diffrn.ambient_environment              ? 
_diffrn.ambient_temp                     99 
_diffrn.ambient_temp_details             ? 
_diffrn.ambient_temp_esd                 ? 
_diffrn.crystal_id                       1 
_diffrn.crystal_support                  ? 
_diffrn.crystal_treatment                ? 
_diffrn.details                          ? 
_diffrn.id                               1 
_diffrn.ambient_pressure                 ? 
_diffrn.ambient_pressure_esd             ? 
_diffrn.ambient_pressure_gt              ? 
_diffrn.ambient_pressure_lt              ? 
_diffrn.ambient_temp_gt                  ? 
_diffrn.ambient_temp_lt                  ? 
_diffrn.pdbx_serial_crystal_experiment   N 
# 
_diffrn_detector.details                      ? 
_diffrn_detector.detector                     PIXEL 
_diffrn_detector.diffrn_id                    1 
_diffrn_detector.type                         'DECTRIS PILATUS3 2M' 
_diffrn_detector.area_resol_mean              ? 
_diffrn_detector.dtime                        ? 
_diffrn_detector.pdbx_frames_total            ? 
_diffrn_detector.pdbx_collection_time_total   ? 
_diffrn_detector.pdbx_collection_date         2023-04-25 
_diffrn_detector.pdbx_frequency               ? 
_diffrn_detector.id                           ? 
_diffrn_detector.number_of_axes               ? 
# 
_diffrn_radiation.collimation                      ? 
_diffrn_radiation.diffrn_id                        1 
_diffrn_radiation.filter_edge                      ? 
_diffrn_radiation.inhomogeneity                    ? 
_diffrn_radiation.monochromator                    ? 
_diffrn_radiation.polarisn_norm                    ? 
_diffrn_radiation.polarisn_ratio                   ? 
_diffrn_radiation.probe                            ? 
_diffrn_radiation.type                             ? 
_diffrn_radiation.xray_symbol                      ? 
_diffrn_radiation.wavelength_id                    1 
_diffrn_radiation.pdbx_monochromatic_or_laue_m_l   M 
_diffrn_radiation.pdbx_wavelength_list             ? 
_diffrn_radiation.pdbx_wavelength                  ? 
_diffrn_radiation.pdbx_diffrn_protocol             'SINGLE WAVELENGTH' 
_diffrn_radiation.pdbx_analyzer                    ? 
_diffrn_radiation.pdbx_scattering_type             x-ray 
# 
_diffrn_radiation_wavelength.id           1 
_diffrn_radiation_wavelength.wavelength   0.97648 
_diffrn_radiation_wavelength.wt           1.0 
# 
_diffrn_source.current                     ? 
_diffrn_source.details                     ? 
_diffrn_source.diffrn_id                   1 
_diffrn_source.power                       ? 
_diffrn_source.size                        ? 
_diffrn_source.source                      SYNCHROTRON 
_diffrn_source.target                      ? 
_diffrn_source.type                        'ALS BEAMLINE 5.0.3' 
_diffrn_source.voltage                     ? 
_diffrn_source.take-off_angle              ? 
_diffrn_source.pdbx_wavelength_list        0.97648 
_diffrn_source.pdbx_wavelength             ? 
_diffrn_source.pdbx_synchrotron_beamline   5.0.3 
_diffrn_source.pdbx_synchrotron_site       ALS 
# 
_reflns.B_iso_Wilson_estimate                          ? 
_reflns.entry_id                                       8VAW 
_reflns.data_reduction_details                         ? 
_reflns.data_reduction_method                          ? 
_reflns.d_resolution_high                              1.25 
_reflns.d_resolution_low                               50 
_reflns.details                                        ? 
_reflns.limit_h_max                                    ? 
_reflns.limit_h_min                                    ? 
_reflns.limit_k_max                                    ? 
_reflns.limit_k_min                                    ? 
_reflns.limit_l_max                                    ? 
_reflns.limit_l_min                                    ? 
_reflns.number_all                                     ? 
_reflns.number_obs                                     27390 
_reflns.observed_criterion                             ? 
_reflns.observed_criterion_F_max                       ? 
_reflns.observed_criterion_F_min                       ? 
_reflns.observed_criterion_I_max                       ? 
_reflns.observed_criterion_I_min                       ? 
_reflns.observed_criterion_sigma_F                     ? 
_reflns.observed_criterion_sigma_I                     ? 
_reflns.percent_possible_obs                           98.4 
_reflns.R_free_details                                 ? 
_reflns.Rmerge_F_all                                   ? 
_reflns.Rmerge_F_obs                                   ? 
_reflns.Friedel_coverage                               ? 
_reflns.number_gt                                      ? 
_reflns.threshold_expression                           ? 
_reflns.pdbx_redundancy                                8.4 
_reflns.pdbx_netI_over_av_sigmaI                       ? 
_reflns.pdbx_netI_over_sigmaI                          50.2 
_reflns.pdbx_res_netI_over_av_sigmaI_2                 ? 
_reflns.pdbx_res_netI_over_sigmaI_2                    ? 
_reflns.pdbx_chi_squared                               0.889 
_reflns.pdbx_scaling_rejects                           ? 
_reflns.pdbx_d_res_high_opt                            ? 
_reflns.pdbx_d_res_low_opt                             ? 
_reflns.pdbx_d_res_opt_method                          ? 
_reflns.phase_calculation_details                      ? 
_reflns.pdbx_Rrim_I_all                                0.042 
_reflns.pdbx_Rpim_I_all                                0.014 
_reflns.pdbx_d_opt                                     ? 
_reflns.pdbx_number_measured_all                       ? 
_reflns.pdbx_diffrn_id                                 1 
_reflns.pdbx_ordinal                                   1 
_reflns.pdbx_CC_half                                   0.989 
_reflns.pdbx_CC_star                                   0.997 
_reflns.pdbx_R_split                                   ? 
_reflns.pdbx_Rmerge_I_obs                              0.044 
_reflns.pdbx_Rmerge_I_all                              ? 
_reflns.pdbx_Rsym_value                                ? 
_reflns.pdbx_CC_split_method                           ? 
_reflns.pdbx_aniso_diffraction_limit_axis_1_ortho[1]   ? 
_reflns.pdbx_aniso_diffraction_limit_axis_1_ortho[2]   ? 
_reflns.pdbx_aniso_diffraction_limit_axis_1_ortho[3]   ? 
_reflns.pdbx_aniso_diffraction_limit_axis_2_ortho[1]   ? 
_reflns.pdbx_aniso_diffraction_limit_axis_2_ortho[2]   ? 
_reflns.pdbx_aniso_diffraction_limit_axis_2_ortho[3]   ? 
_reflns.pdbx_aniso_diffraction_limit_axis_3_ortho[1]   ? 
_reflns.pdbx_aniso_diffraction_limit_axis_3_ortho[2]   ? 
_reflns.pdbx_aniso_diffraction_limit_axis_3_ortho[3]   ? 
_reflns.pdbx_aniso_diffraction_limit_1                 ? 
_reflns.pdbx_aniso_diffraction_limit_2                 ? 
_reflns.pdbx_aniso_diffraction_limit_3                 ? 
_reflns.pdbx_aniso_B_tensor_eigenvector_1_ortho[1]     ? 
_reflns.pdbx_aniso_B_tensor_eigenvector_1_ortho[2]     ? 
_reflns.pdbx_aniso_B_tensor_eigenvector_1_ortho[3]     ? 
_reflns.pdbx_aniso_B_tensor_eigenvector_2_ortho[1]     ? 
_reflns.pdbx_aniso_B_tensor_eigenvector_2_ortho[2]     ? 
_reflns.pdbx_aniso_B_tensor_eigenvector_2_ortho[3]     ? 
_reflns.pdbx_aniso_B_tensor_eigenvector_3_ortho[1]     ? 
_reflns.pdbx_aniso_B_tensor_eigenvector_3_ortho[2]     ? 
_reflns.pdbx_aniso_B_tensor_eigenvector_3_ortho[3]     ? 
_reflns.pdbx_aniso_B_tensor_eigenvalue_1               ? 
_reflns.pdbx_aniso_B_tensor_eigenvalue_2               ? 
_reflns.pdbx_aniso_B_tensor_eigenvalue_3               ? 
_reflns.pdbx_orthogonalization_convention              ? 
_reflns.pdbx_percent_possible_ellipsoidal              ? 
_reflns.pdbx_percent_possible_spherical                ? 
_reflns.pdbx_percent_possible_ellipsoidal_anomalous    ? 
_reflns.pdbx_percent_possible_spherical_anomalous      ? 
_reflns.pdbx_redundancy_anomalous                      ? 
_reflns.pdbx_CC_half_anomalous                         ? 
_reflns.pdbx_absDiff_over_sigma_anomalous              ? 
_reflns.pdbx_percent_possible_anomalous                ? 
_reflns.pdbx_observed_signal_threshold                 ? 
_reflns.pdbx_signal_type                               ? 
_reflns.pdbx_signal_details                            ? 
_reflns.pdbx_signal_software_id                        ? 
# 
_reflns_shell.d_res_high                                    1.25 
_reflns_shell.d_res_low                                     1.27 
_reflns_shell.meanI_over_sigI_all                           ? 
_reflns_shell.meanI_over_sigI_obs                           2.9 
_reflns_shell.number_measured_all                           ? 
_reflns_shell.number_measured_obs                           ? 
_reflns_shell.number_possible                               ? 
_reflns_shell.number_unique_all                             ? 
_reflns_shell.number_unique_obs                             968 
_reflns_shell.percent_possible_obs                          ? 
_reflns_shell.Rmerge_F_all                                  ? 
_reflns_shell.Rmerge_F_obs                                  ? 
_reflns_shell.meanI_over_sigI_gt                            ? 
_reflns_shell.meanI_over_uI_all                             ? 
_reflns_shell.meanI_over_uI_gt                              ? 
_reflns_shell.number_measured_gt                            ? 
_reflns_shell.number_unique_gt                              ? 
_reflns_shell.percent_possible_gt                           ? 
_reflns_shell.Rmerge_F_gt                                   ? 
_reflns_shell.Rmerge_I_gt                                   ? 
_reflns_shell.pdbx_redundancy                               3.5 
_reflns_shell.pdbx_chi_squared                              1.130 
_reflns_shell.pdbx_netI_over_sigmaI_all                     ? 
_reflns_shell.pdbx_netI_over_sigmaI_obs                     ? 
_reflns_shell.pdbx_Rrim_I_all                               0.499 
_reflns_shell.pdbx_Rpim_I_all                               0.255 
_reflns_shell.pdbx_rejects                                  ? 
_reflns_shell.pdbx_ordinal                                  1 
_reflns_shell.pdbx_diffrn_id                                1 
_reflns_shell.pdbx_CC_half                                  0.842 
_reflns_shell.pdbx_CC_star                                  0.956 
_reflns_shell.pdbx_R_split                                  ? 
_reflns_shell.percent_possible_all                          82.0 
_reflns_shell.Rmerge_I_all                                  ? 
_reflns_shell.Rmerge_I_obs                                  0.424 
_reflns_shell.pdbx_Rsym_value                               ? 
_reflns_shell.pdbx_percent_possible_ellipsoidal             ? 
_reflns_shell.pdbx_percent_possible_spherical               ? 
_reflns_shell.pdbx_percent_possible_ellipsoidal_anomalous   ? 
_reflns_shell.pdbx_percent_possible_spherical_anomalous     ? 
_reflns_shell.pdbx_redundancy_anomalous                     ? 
_reflns_shell.pdbx_CC_half_anomalous                        ? 
_reflns_shell.pdbx_absDiff_over_sigma_anomalous             ? 
_reflns_shell.pdbx_percent_possible_anomalous               ? 
# 
_refine.aniso_B[1][1]                            0.001 
_refine.aniso_B[1][2]                            0.000 
_refine.aniso_B[1][3]                            0.000 
_refine.aniso_B[2][2]                            0.001 
_refine.aniso_B[2][3]                            -0.000 
_refine.aniso_B[3][3]                            -0.003 
_refine.B_iso_max                                ? 
_refine.B_iso_mean                               13.775 
_refine.B_iso_min                                ? 
_refine.correlation_coeff_Fo_to_Fc               0.969 
_refine.correlation_coeff_Fo_to_Fc_free          0.975 
_refine.details                                  'Hydrogens have been added in their riding positions' 
_refine.diff_density_max                         ? 
_refine.diff_density_max_esd                     ? 
_refine.diff_density_min                         ? 
_refine.diff_density_min_esd                     ? 
_refine.diff_density_rms                         ? 
_refine.diff_density_rms_esd                     ? 
_refine.entry_id                                 8VAW 
_refine.pdbx_refine_id                           'X-RAY DIFFRACTION' 
_refine.ls_abs_structure_details                 ? 
_refine.ls_abs_structure_Flack                   ? 
_refine.ls_abs_structure_Flack_esd               ? 
_refine.ls_abs_structure_Rogers                  ? 
_refine.ls_abs_structure_Rogers_esd              ? 
_refine.ls_d_res_high                            1.250 
_refine.ls_d_res_low                             37.733 
_refine.ls_extinction_coef                       ? 
_refine.ls_extinction_coef_esd                   ? 
_refine.ls_extinction_expression                 ? 
_refine.ls_extinction_method                     ? 
_refine.ls_goodness_of_fit_all                   ? 
_refine.ls_goodness_of_fit_all_esd               ? 
_refine.ls_goodness_of_fit_obs                   ? 
_refine.ls_goodness_of_fit_obs_esd               ? 
_refine.ls_hydrogen_treatment                    ? 
_refine.ls_matrix_type                           ? 
_refine.ls_number_constraints                    ? 
_refine.ls_number_parameters                     ? 
_refine.ls_number_reflns_all                     ? 
_refine.ls_number_reflns_obs                     24841 
_refine.ls_number_reflns_R_free                  1156 
_refine.ls_number_reflns_R_work                  23685 
_refine.ls_number_restraints                     ? 
_refine.ls_percent_reflns_obs                    94.034 
_refine.ls_percent_reflns_R_free                 4.654 
_refine.ls_R_factor_all                          0.188 
_refine.ls_R_factor_obs                          ? 
_refine.ls_R_factor_R_free                       0.1908 
_refine.ls_R_factor_R_free_error                 ? 
_refine.ls_R_factor_R_free_error_details         ? 
_refine.ls_R_factor_R_work                       0.1878 
_refine.ls_R_Fsqd_factor_obs                     ? 
_refine.ls_R_I_factor_obs                        ? 
_refine.ls_redundancy_reflns_all                 ? 
_refine.ls_redundancy_reflns_obs                 ? 
_refine.ls_restrained_S_all                      ? 
_refine.ls_restrained_S_obs                      ? 
_refine.ls_shift_over_esd_max                    ? 
_refine.ls_shift_over_esd_mean                   ? 
_refine.ls_structure_factor_coef                 ? 
_refine.ls_weighting_details                     ? 
_refine.ls_weighting_scheme                      ? 
_refine.ls_wR_factor_all                         ? 
_refine.ls_wR_factor_obs                         ? 
_refine.ls_wR_factor_R_free                      ? 
_refine.ls_wR_factor_R_work                      ? 
_refine.occupancy_max                            ? 
_refine.occupancy_min                            ? 
_refine.solvent_model_details                    'MASK BULK SOLVENT' 
_refine.solvent_model_param_bsol                 ? 
_refine.solvent_model_param_ksol                 ? 
_refine.pdbx_R_complete                          ? 
_refine.ls_R_factor_gt                           ? 
_refine.ls_goodness_of_fit_gt                    ? 
_refine.ls_goodness_of_fit_ref                   ? 
_refine.ls_shift_over_su_max                     ? 
_refine.ls_shift_over_su_max_lt                  ? 
_refine.ls_shift_over_su_mean                    ? 
_refine.ls_shift_over_su_mean_lt                 ? 
_refine.pdbx_ls_sigma_I                          ? 
_refine.pdbx_ls_sigma_F                          ? 
_refine.pdbx_ls_sigma_Fsqd                       ? 
_refine.pdbx_data_cutoff_high_absF               ? 
_refine.pdbx_data_cutoff_high_rms_absF           ? 
_refine.pdbx_data_cutoff_low_absF                ? 
_refine.pdbx_isotropic_thermal_model             ? 
_refine.pdbx_ls_cross_valid_method               NONE 
_refine.pdbx_method_to_determine_struct          'MOLECULAR REPLACEMENT' 
_refine.pdbx_starting_model                      ? 
_refine.pdbx_stereochemistry_target_values       ? 
_refine.pdbx_R_Free_selection_details            ? 
_refine.pdbx_stereochem_target_val_spec_case     ? 
_refine.pdbx_overall_ESU_R                       0.050 
_refine.pdbx_overall_ESU_R_Free                  0.047 
_refine.pdbx_solvent_vdw_probe_radii             1.200 
_refine.pdbx_solvent_ion_probe_radii             0.800 
_refine.pdbx_solvent_shrinkage_radii             0.800 
_refine.pdbx_real_space_R                        ? 
_refine.pdbx_density_correlation                 ? 
_refine.pdbx_pd_number_of_powder_patterns        ? 
_refine.pdbx_pd_number_of_points                 ? 
_refine.pdbx_pd_meas_number_of_points            ? 
_refine.pdbx_pd_proc_ls_prof_R_factor            ? 
_refine.pdbx_pd_proc_ls_prof_wR_factor           ? 
_refine.pdbx_pd_Marquardt_correlation_coeff      ? 
_refine.pdbx_pd_Fsqrd_R_factor                   ? 
_refine.pdbx_pd_ls_matrix_band_width             ? 
_refine.pdbx_overall_phase_error                 ? 
_refine.pdbx_overall_SU_R_free_Cruickshank_DPI   ? 
_refine.pdbx_overall_SU_R_free_Blow_DPI          ? 
_refine.pdbx_overall_SU_R_Blow_DPI               ? 
_refine.pdbx_TLS_residual_ADP_flag               ? 
_refine.pdbx_diffrn_id                           1 
_refine.overall_SU_B                             0.688 
_refine.overall_SU_ML                            0.030 
_refine.overall_SU_R_Cruickshank_DPI             ? 
_refine.overall_SU_R_free                        ? 
_refine.overall_FOM_free_R_set                   ? 
_refine.overall_FOM_work_R_set                   ? 
_refine.pdbx_average_fsc_overall                 ? 
_refine.pdbx_average_fsc_work                    ? 
_refine.pdbx_average_fsc_free                    ? 
# 
_refine_hist.pdbx_refine_id                   'X-RAY DIFFRACTION' 
_refine_hist.cycle_id                         LAST 
_refine_hist.details                          ? 
_refine_hist.d_res_high                       1.250 
_refine_hist.d_res_low                        37.733 
_refine_hist.number_atoms_solvent             165 
_refine_hist.number_atoms_total               859 
_refine_hist.number_reflns_all                ? 
_refine_hist.number_reflns_obs                ? 
_refine_hist.number_reflns_R_free             ? 
_refine_hist.number_reflns_R_work             ? 
_refine_hist.R_factor_all                     ? 
_refine_hist.R_factor_obs                     ? 
_refine_hist.R_factor_R_free                  ? 
_refine_hist.R_factor_R_work                  ? 
_refine_hist.pdbx_number_residues_total       ? 
_refine_hist.pdbx_B_iso_mean_ligand           ? 
_refine_hist.pdbx_B_iso_mean_solvent          ? 
_refine_hist.pdbx_number_atoms_protein        0 
_refine_hist.pdbx_number_atoms_nucleic_acid   690 
_refine_hist.pdbx_number_atoms_ligand         4 
_refine_hist.pdbx_number_atoms_lipid          ? 
_refine_hist.pdbx_number_atoms_carb           ? 
_refine_hist.pdbx_pseudo_atom_details         ? 
# 
loop_
_refine_ls_restr.pdbx_refine_id 
_refine_ls_restr.criterion 
_refine_ls_restr.dev_ideal 
_refine_ls_restr.dev_ideal_target 
_refine_ls_restr.number 
_refine_ls_restr.rejects 
_refine_ls_restr.type 
_refine_ls_restr.weight 
_refine_ls_restr.pdbx_restraint_function 
'X-RAY DIFFRACTION' ? 0.022 0.016  774  ? r_bond_refined_d               ? ? 
'X-RAY DIFFRACTION' ? 0.028 0.023  348  ? r_bond_other_d                 ? ? 
'X-RAY DIFFRACTION' ? 2.926 2.206  1178 ? r_angle_refined_deg            ? ? 
'X-RAY DIFFRACTION' ? 3.468 2.340  822  ? r_angle_other_deg              ? ? 
'X-RAY DIFFRACTION' ? 0.079 5.000  16   ? r_dihedral_angle_other_2_deg   ? ? 
'X-RAY DIFFRACTION' ? 0.119 0.200  152  ? r_chiral_restr                 ? ? 
'X-RAY DIFFRACTION' ? 1.693 0.200  20   ? r_chiral_restr_other           ? ? 
'X-RAY DIFFRACTION' ? 0.024 0.021  400  ? r_gen_planes_refined           ? ? 
'X-RAY DIFFRACTION' ? 0.001 0.022  128  ? r_gen_planes_other             ? ? 
'X-RAY DIFFRACTION' ? 0.189 0.200  84   ? r_nbd_refined                  ? ? 
'X-RAY DIFFRACTION' ? 0.204 0.200  440  ? r_symmetry_nbd_other           ? ? 
'X-RAY DIFFRACTION' ? 0.247 0.200  307  ? r_nbtor_refined                ? ? 
'X-RAY DIFFRACTION' ? 0.265 0.200  202  ? r_symmetry_nbtor_other         ? ? 
'X-RAY DIFFRACTION' ? 0.273 0.200  116  ? r_xyhbond_nbd_refined          ? ? 
'X-RAY DIFFRACTION' ? 0.122 0.200  25   ? r_symmetry_nbd_refined         ? ? 
'X-RAY DIFFRACTION' ? 0.167 0.200  43   ? r_nbd_other                    ? ? 
'X-RAY DIFFRACTION' ? 0.178 0.200  34   ? r_symmetry_xyhbond_nbd_refined ? ? 
'X-RAY DIFFRACTION' ? 2.935 1.653  774  ? r_scbond_it                    ? ? 
'X-RAY DIFFRACTION' ? 2.934 1.653  774  ? r_scbond_other                 ? ? 
'X-RAY DIFFRACTION' ? 3.753 2.980  1178 ? r_scangle_it                   ? ? 
'X-RAY DIFFRACTION' ? 3.752 2.980  1179 ? r_scangle_other                ? ? 
'X-RAY DIFFRACTION' ? 5.495 20.782 1159 ? r_lrange_it                    ? ? 
'X-RAY DIFFRACTION' ? 5.160 20.421 1098 ? r_lrange_other                 ? ? 
# 
loop_
_refine_ls_shell.pdbx_refine_id 
_refine_ls_shell.d_res_high 
_refine_ls_shell.d_res_low 
_refine_ls_shell.number_reflns_all 
_refine_ls_shell.number_reflns_obs 
_refine_ls_shell.number_reflns_R_free 
_refine_ls_shell.number_reflns_R_work 
_refine_ls_shell.percent_reflns_obs 
_refine_ls_shell.percent_reflns_R_free 
_refine_ls_shell.R_factor_all 
_refine_ls_shell.R_factor_obs 
_refine_ls_shell.R_factor_R_free_error 
_refine_ls_shell.R_factor_R_work 
_refine_ls_shell.redundancy_reflns_all 
_refine_ls_shell.redundancy_reflns_obs 
_refine_ls_shell.wR_factor_all 
_refine_ls_shell.wR_factor_obs 
_refine_ls_shell.wR_factor_R_free 
_refine_ls_shell.wR_factor_R_work 
_refine_ls_shell.pdbx_R_complete 
_refine_ls_shell.pdbx_total_number_of_bins_used 
_refine_ls_shell.pdbx_phase_error 
_refine_ls_shell.pdbx_fsc_work 
_refine_ls_shell.pdbx_fsc_free 
_refine_ls_shell.R_factor_R_free 
'X-RAY DIFFRACTION' 1.250 1.282  . . 41 702  38.1809  . . . . 0.256 . . . . . . . . . . . 0.280 
'X-RAY DIFFRACTION' 1.282 1.318  . . 73 1478 82.5000  . . . . 0.232 . . . . . . . . . . . 0.287 
'X-RAY DIFFRACTION' 1.318 1.356  . . 71 1686 98.7634  . . . . .     . . . . . . . . . . . 0.189 
'X-RAY DIFFRACTION' 1.356 1.397  . . 79 1699 100.0000 . . . . 0.208 . . . . . . . . . . . 0.222 
'X-RAY DIFFRACTION' 1.397 1.443  . . 74 1636 99.9416  . . . . 0.191 . . . . . . . . . . . 0.211 
'X-RAY DIFFRACTION' 1.443 1.494  . . 84 1549 100.0000 . . . . 0.191 . . . . . . . . . . . 0.226 
'X-RAY DIFFRACTION' 1.494 1.550  . . 64 1565 100.0000 . . . . 0.185 . . . . . . . . . . . 0.199 
'X-RAY DIFFRACTION' 1.550 1.613  . . 71 1489 100.0000 . . . . .     . . . . . . . . . . . 0.191 
'X-RAY DIFFRACTION' 1.613 1.685  . . 69 1405 99.9322  . . . . 0.184 . . . . . . . . . . . 0.247 
'X-RAY DIFFRACTION' 1.685 1.767  . . 66 1359 100.0000 . . . . 0.183 . . . . . . . . . . . 0.205 
'X-RAY DIFFRACTION' 1.767 1.862  . . 63 1296 100.0000 . . . . 0.182 . . . . . . . . . . . 0.206 
'X-RAY DIFFRACTION' 1.862 1.975  . . 57 1227 99.8445  . . . . 0.179 . . . . . . . . . . . 0.180 
'X-RAY DIFFRACTION' 1.975 2.111  . . 62 1166 99.9186  . . . . .     . . . . . . . . . . . 0.159 
'X-RAY DIFFRACTION' 2.111 2.279  . . 41 1103 100.0000 . . . . 0.188 . . . . . . . . . . . 0.208 
'X-RAY DIFFRACTION' 2.279 2.496  . . 58 990  99.9047  . . . . 0.186 . . . . . . . . . . . 0.239 
'X-RAY DIFFRACTION' 2.496 2.789  . . 57 910  100.0000 . . . . 0.219 . . . . . . . . . . . 0.194 
'X-RAY DIFFRACTION' 2.789 3.217  . . 39 807  99.2958  . . . . 0.191 . . . . . . . . . . . 0.239 
'X-RAY DIFFRACTION' 3.217 3.933  . . 36 708  99.2000  . . . . .     . . . . . . . . . . . 0.139 
'X-RAY DIFFRACTION' 3.933 5.533  . . 35 557  100.0000 . . . . .     . . . . . . . . . . . 0.136 
'X-RAY DIFFRACTION' 5.533 37.733 . . 16 352  99.4595  . . . . .     . . . . . . . . . . . 0.190 
# 
_struct.entry_id                     8VAW 
_struct.title                        
'Magnesium catalyzed primer extension product with 14mer primer and mixed phosphorothioate activated G monomer' 
_struct.pdbx_model_details           ? 
_struct.pdbx_formula_weight          ? 
_struct.pdbx_formula_weight_method   ? 
_struct.pdbx_model_type_details      ? 
_struct.pdbx_CASP_flag               N 
# 
_struct_keywords.entry_id        8VAW 
_struct_keywords.text            'Phosphorothioate, Magnesium, oxophilic metal ion, nonenzymatic primer extension, RNA' 
_struct_keywords.pdbx_keywords   RNA 
# 
loop_
_struct_asym.id 
_struct_asym.pdbx_blank_PDB_chainid_flag 
_struct_asym.pdbx_modified 
_struct_asym.entity_id 
_struct_asym.details 
A N N 1 ? 
B N N 1 ? 
C N N 2 ? 
D N N 2 ? 
E N N 3 ? 
F N N 2 ? 
G N N 2 ? 
H N N 3 ? 
I N N 4 ? 
J N N 4 ? 
# 
_struct_ref.id                         1 
_struct_ref.db_name                    PDB 
_struct_ref.db_code                    8VAW 
_struct_ref.pdbx_db_accession          8VAW 
_struct_ref.pdbx_db_isoform            ? 
_struct_ref.entity_id                  1 
_struct_ref.pdbx_seq_one_letter_code   ? 
_struct_ref.pdbx_align_begin           1 
# 
loop_
_struct_ref_seq.align_id 
_struct_ref_seq.ref_id 
_struct_ref_seq.pdbx_PDB_id_code 
_struct_ref_seq.pdbx_strand_id 
_struct_ref_seq.seq_align_beg 
_struct_ref_seq.pdbx_seq_align_beg_ins_code 
_struct_ref_seq.seq_align_end 
_struct_ref_seq.pdbx_seq_align_end_ins_code 
_struct_ref_seq.pdbx_db_accession 
_struct_ref_seq.db_align_beg 
_struct_ref_seq.pdbx_db_align_beg_ins_code 
_struct_ref_seq.db_align_end 
_struct_ref_seq.pdbx_db_align_end_ins_code 
_struct_ref_seq.pdbx_auth_seq_align_beg 
_struct_ref_seq.pdbx_auth_seq_align_end 
1 1 8VAW A 1 ? 15 ? 8VAW 1 ? 15 ? 1 15 
2 1 8VAW B 1 ? 15 ? 8VAW 1 ? 15 ? 1 15 
# 
_pdbx_struct_assembly.id                   1 
_pdbx_struct_assembly.details              author_defined_assembly 
_pdbx_struct_assembly.method_details       ? 
_pdbx_struct_assembly.oligomeric_details   dimeric 
_pdbx_struct_assembly.oligomeric_count     2 
# 
_pdbx_struct_assembly_gen.assembly_id       1 
_pdbx_struct_assembly_gen.oper_expression   1 
_pdbx_struct_assembly_gen.asym_id_list      A,B,C,D,E,F,G,H,I,J 
# 
_pdbx_struct_oper_list.id                   1 
_pdbx_struct_oper_list.type                 'identity operation' 
_pdbx_struct_oper_list.name                 1_555 
_pdbx_struct_oper_list.symmetry_operation   x,y,z 
_pdbx_struct_oper_list.matrix[1][1]         1.0000000000 
_pdbx_struct_oper_list.matrix[1][2]         0.0000000000 
_pdbx_struct_oper_list.matrix[1][3]         0.0000000000 
_pdbx_struct_oper_list.vector[1]            0.0000000000 
_pdbx_struct_oper_list.matrix[2][1]         0.0000000000 
_pdbx_struct_oper_list.matrix[2][2]         1.0000000000 
_pdbx_struct_oper_list.matrix[2][3]         0.0000000000 
_pdbx_struct_oper_list.vector[2]            0.0000000000 
_pdbx_struct_oper_list.matrix[3][1]         0.0000000000 
_pdbx_struct_oper_list.matrix[3][2]         0.0000000000 
_pdbx_struct_oper_list.matrix[3][3]         1.0000000000 
_pdbx_struct_oper_list.vector[3]            0.0000000000 
# 
loop_
_struct_conn.id 
_struct_conn.conn_type_id 
_struct_conn.pdbx_leaving_atom_flag 
_struct_conn.pdbx_PDB_id 
_struct_conn.ptnr1_label_asym_id 
_struct_conn.ptnr1_label_comp_id 
_struct_conn.ptnr1_label_seq_id 
_struct_conn.ptnr1_label_atom_id 
_struct_conn.pdbx_ptnr1_label_alt_id 
_struct_conn.pdbx_ptnr1_PDB_ins_code 
_struct_conn.pdbx_ptnr1_standard_comp_id 
_struct_conn.ptnr1_symmetry 
_struct_conn.ptnr2_label_asym_id 
_struct_conn.ptnr2_label_comp_id 
_struct_conn.ptnr2_label_seq_id 
_struct_conn.ptnr2_label_atom_id 
_struct_conn.pdbx_ptnr2_label_alt_id 
_struct_conn.pdbx_ptnr2_PDB_ins_code 
_struct_conn.ptnr1_auth_asym_id 
_struct_conn.ptnr1_auth_comp_id 
_struct_conn.ptnr1_auth_seq_id 
_struct_conn.ptnr2_auth_asym_id 
_struct_conn.ptnr2_auth_comp_id 
_struct_conn.ptnr2_auth_seq_id 
_struct_conn.ptnr2_symmetry 
_struct_conn.pdbx_ptnr3_label_atom_id 
_struct_conn.pdbx_ptnr3_label_seq_id 
_struct_conn.pdbx_ptnr3_label_comp_id 
_struct_conn.pdbx_ptnr3_label_asym_id 
_struct_conn.pdbx_ptnr3_label_alt_id 
_struct_conn.pdbx_ptnr3_PDB_ins_code 
_struct_conn.details 
_struct_conn.pdbx_dist_value 
_struct_conn.pdbx_value_order 
_struct_conn.pdbx_role 
covale1  covale both ? A LCC 1  "O3'" ? ? ? 1_555 A LCC 2  P  ? ? A LCC 1   A LCC 2   1_555 ? ? ? ? ? ? ?            1.614 ? ? 
covale2  covale both ? A LCC 2  "O3'" ? ? ? 1_555 A LCC 3  P  ? ? A LCC 2   A LCC 3   1_555 ? ? ? ? ? ? ?            1.592 ? ? 
covale3  covale both ? A LCC 3  "O3'" ? ? ? 1_555 A LCG 4  P  ? ? A LCC 3   A LCG 4   1_555 ? ? ? ? ? ? ?            1.615 ? ? 
covale4  covale both ? A LCG 4  "O3'" ? ? ? 1_555 A A   5  P  ? ? A LCG 4   A A   5   1_555 ? ? ? ? ? ? ?            1.581 ? ? 
covale5  covale both ? A G   14 "O3'" ? ? ? 1_555 A G46 15 P  ? ? A G   14  A G46 15  1_555 ? ? ? ? ? ? ?            1.635 ? ? 
covale6  covale both ? B LCC 1  "O3'" ? ? ? 1_555 B LCC 2  P  ? ? B LCC 1   B LCC 2   1_555 ? ? ? ? ? ? ?            1.662 ? ? 
covale7  covale both ? B LCC 2  "O3'" ? ? ? 1_555 B LCC 3  P  ? ? B LCC 2   B LCC 3   1_555 ? ? ? ? ? ? ?            1.658 ? ? 
covale8  covale both ? B LCC 3  "O3'" ? ? ? 1_555 B LCG 4  P  ? ? B LCC 3   B LCG 4   1_555 ? ? ? ? ? ? ?            1.648 ? ? 
covale9  covale both ? B LCG 4  "O3'" ? ? ? 1_555 B A   5  P  ? ? B LCG 4   B A   5   1_555 ? ? ? ? ? ? ?            1.578 ? ? 
covale10 covale both ? B G   14 "O3'" ? ? ? 1_555 B G46 15 P  ? ? B G   14  B G46 15  1_555 ? ? ? ? ? ? ?            1.624 ? ? 
metalc1  metalc ?    ? A G46 15 "O3'" ? ? ? 1_555 D MG  .  MG ? ? A G46 15  A MG  202 1_555 ? ? ? ? ? ? ?            2.301 ? ? 
metalc2  metalc ?    ? A G46 15 "O2'" ? ? ? 1_555 D MG  .  MG ? ? A G46 15  A MG  202 1_555 ? ? ? ? ? ? ?            2.270 ? ? 
metalc3  metalc ?    ? A G46 15 "O3'" ? ? ? 1_555 D MG  .  MG ? ? A G46 15  A MG  202 2_665 ? ? ? ? ? ? ?            2.301 ? ? 
metalc4  metalc ?    ? A G46 15 "O2'" ? ? ? 1_555 D MG  .  MG ? ? A G46 15  A MG  202 2_665 ? ? ? ? ? ? ?            2.270 ? ? 
metalc5  metalc ?    ? C MG  .  MG    ? ? ? 1_555 I HOH .  O  ? ? A MG  201 A HOH 311 1_555 ? ? ? ? ? ? ?            2.083 ? ? 
metalc6  metalc ?    ? C MG  .  MG    ? ? ? 1_555 I HOH .  O  ? ? A MG  201 A HOH 337 1_555 ? ? ? ? ? ? ?            2.070 ? ? 
metalc7  metalc ?    ? C MG  .  MG    ? ? ? 1_555 I HOH .  O  ? ? A MG  201 A HOH 345 1_555 ? ? ? ? ? ? ?            2.078 ? ? 
metalc8  metalc ?    ? C MG  .  MG    ? ? ? 1_555 J HOH .  O  ? ? A MG  201 B HOH 336 1_555 ? ? ? ? ? ? ?            2.082 ? ? 
metalc9  metalc ?    ? C MG  .  MG    ? ? ? 1_555 J HOH .  O  ? ? A MG  201 B HOH 342 1_555 ? ? ? ? ? ? ?            2.103 ? ? 
metalc10 metalc ?    ? C MG  .  MG    ? ? ? 1_555 J HOH .  O  ? ? A MG  201 B HOH 379 1_555 ? ? ? ? ? ? ?            2.026 ? ? 
metalc11 metalc ?    ? I HOH .  O     ? ? ? 1_555 F MG  .  MG ? ? A HOH 343 B MG  201 1_555 ? ? ? ? ? ? ?            2.100 ? ? 
metalc12 metalc ?    ? I HOH .  O     ? ? ? 1_555 F MG  .  MG ? ? A HOH 347 B MG  201 1_555 ? ? ? ? ? ? ?            2.086 ? ? 
metalc13 metalc ?    ? I HOH .  O     ? ? ? 1_555 F MG  .  MG ? ? A HOH 364 B MG  201 1_555 ? ? ? ? ? ? ?            2.044 ? ? 
metalc14 metalc ?    ? B G46 15 "O3'" ? ? ? 1_555 G MG  .  MG ? ? B G46 15  B MG  202 1_555 ? ? ? ? ? ? ?            2.439 ? ? 
metalc15 metalc ?    ? B G46 15 "O2'" ? ? ? 1_555 G MG  .  MG ? ? B G46 15  B MG  202 1_555 ? ? ? ? ? ? ?            2.367 ? ? 
metalc16 metalc ?    ? B G46 15 "O3'" ? ? ? 1_555 G MG  .  MG ? ? B G46 15  B MG  202 2_665 ? ? ? ? ? ? ?            2.440 ? ? 
metalc17 metalc ?    ? B G46 15 "O2'" ? ? ? 1_555 G MG  .  MG ? ? B G46 15  B MG  202 2_665 ? ? ? ? ? ? ?            2.367 ? ? 
metalc18 metalc ?    ? F MG  .  MG    ? ? ? 1_555 J HOH .  O  ? ? B MG  201 B HOH 313 1_555 ? ? ? ? ? ? ?            2.073 ? ? 
metalc19 metalc ?    ? F MG  .  MG    ? ? ? 1_555 J HOH .  O  ? ? B MG  201 B HOH 346 1_555 ? ? ? ? ? ? ?            2.096 ? ? 
metalc20 metalc ?    ? F MG  .  MG    ? ? ? 1_555 J HOH .  O  ? ? B MG  201 B HOH 348 1_555 ? ? ? ? ? ? ?            2.089 ? ? 
hydrog1  hydrog ?    ? A LCG 4  N1    ? ? ? 1_555 B C   13 N3 ? ? A LCG 4   B C   13  1_555 ? ? ? ? ? ? WATSON-CRICK ?     ? ? 
hydrog2  hydrog ?    ? A LCG 4  N2    ? ? ? 1_555 B C   13 O2 ? ? A LCG 4   B C   13  1_555 ? ? ? ? ? ? WATSON-CRICK ?     ? ? 
hydrog3  hydrog ?    ? A LCG 4  O6    ? ? ? 1_555 B C   13 N4 ? ? A LCG 4   B C   13  1_555 ? ? ? ? ? ? WATSON-CRICK ?     ? ? 
hydrog4  hydrog ?    ? A A   5  N1    ? ? ? 1_555 B U   12 N3 ? ? A A   5   B U   12  1_555 ? ? ? ? ? ? WATSON-CRICK ?     ? ? 
hydrog5  hydrog ?    ? A A   5  N6    ? ? ? 1_555 B U   12 O4 ? ? A A   5   B U   12  1_555 ? ? ? ? ? ? WATSON-CRICK ?     ? ? 
hydrog6  hydrog ?    ? A C   6  N3    ? ? ? 1_555 B G   11 N1 ? ? A C   6   B G   11  1_555 ? ? ? ? ? ? WATSON-CRICK ?     ? ? 
hydrog7  hydrog ?    ? A C   6  N4    ? ? ? 1_555 B G   11 O6 ? ? A C   6   B G   11  1_555 ? ? ? ? ? ? WATSON-CRICK ?     ? ? 
hydrog8  hydrog ?    ? A C   6  O2    ? ? ? 1_555 B G   11 N2 ? ? A C   6   B G   11  1_555 ? ? ? ? ? ? WATSON-CRICK ?     ? ? 
hydrog9  hydrog ?    ? A U   7  N3    ? ? ? 1_555 B A   10 N1 ? ? A U   7   B A   10  1_555 ? ? ? ? ? ? WATSON-CRICK ?     ? ? 
hydrog10 hydrog ?    ? A U   7  O4    ? ? ? 1_555 B A   10 N6 ? ? A U   7   B A   10  1_555 ? ? ? ? ? ? WATSON-CRICK ?     ? ? 
hydrog11 hydrog ?    ? A U   8  N3    ? ? ? 1_555 B A   9  N1 ? ? A U   8   B A   9   1_555 ? ? ? ? ? ? WATSON-CRICK ?     ? ? 
hydrog12 hydrog ?    ? A U   8  O4    ? ? ? 1_555 B A   9  N6 ? ? A U   8   B A   9   1_555 ? ? ? ? ? ? WATSON-CRICK ?     ? ? 
hydrog13 hydrog ?    ? A A   9  N1    ? ? ? 1_555 B U   8  N3 ? ? A A   9   B U   8   1_555 ? ? ? ? ? ? WATSON-CRICK ?     ? ? 
hydrog14 hydrog ?    ? A A   9  N6    ? ? ? 1_555 B U   8  O4 ? ? A A   9   B U   8   1_555 ? ? ? ? ? ? WATSON-CRICK ?     ? ? 
hydrog15 hydrog ?    ? A A   10 N1    ? ? ? 1_555 B U   7  N3 ? ? A A   10  B U   7   1_555 ? ? ? ? ? ? WATSON-CRICK ?     ? ? 
hydrog16 hydrog ?    ? A A   10 N6    ? ? ? 1_555 B U   7  O4 ? ? A A   10  B U   7   1_555 ? ? ? ? ? ? WATSON-CRICK ?     ? ? 
hydrog17 hydrog ?    ? A G   11 N1    ? ? ? 1_555 B C   6  N3 ? ? A G   11  B C   6   1_555 ? ? ? ? ? ? WATSON-CRICK ?     ? ? 
hydrog18 hydrog ?    ? A G   11 N2    ? ? ? 1_555 B C   6  O2 ? ? A G   11  B C   6   1_555 ? ? ? ? ? ? WATSON-CRICK ?     ? ? 
hydrog19 hydrog ?    ? A G   11 O6    ? ? ? 1_555 B C   6  N4 ? ? A G   11  B C   6   1_555 ? ? ? ? ? ? WATSON-CRICK ?     ? ? 
hydrog20 hydrog ?    ? A U   12 N3    ? ? ? 1_555 B A   5  N1 ? ? A U   12  B A   5   1_555 ? ? ? ? ? ? WATSON-CRICK ?     ? ? 
hydrog21 hydrog ?    ? A U   12 O4    ? ? ? 1_555 B A   5  N6 ? ? A U   12  B A   5   1_555 ? ? ? ? ? ? WATSON-CRICK ?     ? ? 
hydrog22 hydrog ?    ? A C   13 N3    ? ? ? 1_555 B LCG 4  N1 ? ? A C   13  B LCG 4   1_555 ? ? ? ? ? ? WATSON-CRICK ?     ? ? 
hydrog23 hydrog ?    ? A C   13 N4    ? ? ? 1_555 B LCG 4  O6 ? ? A C   13  B LCG 4   1_555 ? ? ? ? ? ? WATSON-CRICK ?     ? ? 
hydrog24 hydrog ?    ? A C   13 O2    ? ? ? 1_555 B LCG 4  N2 ? ? A C   13  B LCG 4   1_555 ? ? ? ? ? ? WATSON-CRICK ?     ? ? 
# 
loop_
_struct_conn_type.id 
_struct_conn_type.criteria 
_struct_conn_type.reference 
covale ? ? 
metalc ? ? 
hydrog ? ? 
# 
loop_
_pdbx_struct_conn_angle.id 
_pdbx_struct_conn_angle.ptnr1_label_atom_id 
_pdbx_struct_conn_angle.ptnr1_label_alt_id 
_pdbx_struct_conn_angle.ptnr1_label_asym_id 
_pdbx_struct_conn_angle.ptnr1_label_comp_id 
_pdbx_struct_conn_angle.ptnr1_label_seq_id 
_pdbx_struct_conn_angle.ptnr1_auth_atom_id 
_pdbx_struct_conn_angle.ptnr1_auth_asym_id 
_pdbx_struct_conn_angle.ptnr1_auth_comp_id 
_pdbx_struct_conn_angle.ptnr1_auth_seq_id 
_pdbx_struct_conn_angle.ptnr1_PDB_ins_code 
_pdbx_struct_conn_angle.ptnr1_symmetry 
_pdbx_struct_conn_angle.ptnr2_label_atom_id 
_pdbx_struct_conn_angle.ptnr2_label_alt_id 
_pdbx_struct_conn_angle.ptnr2_label_asym_id 
_pdbx_struct_conn_angle.ptnr2_label_comp_id 
_pdbx_struct_conn_angle.ptnr2_label_seq_id 
_pdbx_struct_conn_angle.ptnr2_auth_atom_id 
_pdbx_struct_conn_angle.ptnr2_auth_asym_id 
_pdbx_struct_conn_angle.ptnr2_auth_comp_id 
_pdbx_struct_conn_angle.ptnr2_auth_seq_id 
_pdbx_struct_conn_angle.ptnr2_PDB_ins_code 
_pdbx_struct_conn_angle.ptnr2_symmetry 
_pdbx_struct_conn_angle.ptnr3_label_atom_id 
_pdbx_struct_conn_angle.ptnr3_label_alt_id 
_pdbx_struct_conn_angle.ptnr3_label_asym_id 
_pdbx_struct_conn_angle.ptnr3_label_comp_id 
_pdbx_struct_conn_angle.ptnr3_label_seq_id 
_pdbx_struct_conn_angle.ptnr3_auth_atom_id 
_pdbx_struct_conn_angle.ptnr3_auth_asym_id 
_pdbx_struct_conn_angle.ptnr3_auth_comp_id 
_pdbx_struct_conn_angle.ptnr3_auth_seq_id 
_pdbx_struct_conn_angle.ptnr3_PDB_ins_code 
_pdbx_struct_conn_angle.ptnr3_symmetry 
_pdbx_struct_conn_angle.value 
_pdbx_struct_conn_angle.value_esd 
1  "O3'" ? A G46 15 ? A G46 15  ? 1_555 MG ? D MG . ? A MG 202 ? 1_555 "O2'" ? A G46 15 ? A G46 15  ? 1_555 67.6  ? 
2  "O3'" ? A G46 15 ? A G46 15  ? 1_555 MG ? D MG . ? A MG 202 ? 1_555 "O3'" ? A G46 15 ? A G46 15  ? 1_555 0.0   ? 
3  "O2'" ? A G46 15 ? A G46 15  ? 1_555 MG ? D MG . ? A MG 202 ? 1_555 "O3'" ? A G46 15 ? A G46 15  ? 1_555 67.6  ? 
4  "O3'" ? A G46 15 ? A G46 15  ? 1_555 MG ? D MG . ? A MG 202 ? 1_555 "O2'" ? A G46 15 ? A G46 15  ? 1_555 67.6  ? 
5  "O2'" ? A G46 15 ? A G46 15  ? 1_555 MG ? D MG . ? A MG 202 ? 1_555 "O2'" ? A G46 15 ? A G46 15  ? 1_555 0.0   ? 
6  "O3'" ? A G46 15 ? A G46 15  ? 1_555 MG ? D MG . ? A MG 202 ? 1_555 "O2'" ? A G46 15 ? A G46 15  ? 1_555 67.6  ? 
7  O     ? I HOH .  ? A HOH 311 ? 1_555 MG ? C MG . ? A MG 201 ? 1_555 O     ? I HOH .  ? A HOH 337 ? 1_555 93.0  ? 
8  O     ? I HOH .  ? A HOH 311 ? 1_555 MG ? C MG . ? A MG 201 ? 1_555 O     ? I HOH .  ? A HOH 345 ? 1_555 92.2  ? 
9  O     ? I HOH .  ? A HOH 337 ? 1_555 MG ? C MG . ? A MG 201 ? 1_555 O     ? I HOH .  ? A HOH 345 ? 1_555 88.3  ? 
10 O     ? I HOH .  ? A HOH 311 ? 1_555 MG ? C MG . ? A MG 201 ? 1_555 O     ? J HOH .  ? B HOH 336 ? 1_555 86.7  ? 
11 O     ? I HOH .  ? A HOH 337 ? 1_555 MG ? C MG . ? A MG 201 ? 1_555 O     ? J HOH .  ? B HOH 336 ? 1_555 89.1  ? 
12 O     ? I HOH .  ? A HOH 345 ? 1_555 MG ? C MG . ? A MG 201 ? 1_555 O     ? J HOH .  ? B HOH 336 ? 1_555 177.1 ? 
13 O     ? I HOH .  ? A HOH 311 ? 1_555 MG ? C MG . ? A MG 201 ? 1_555 O     ? J HOH .  ? B HOH 342 ? 1_555 87.7  ? 
14 O     ? I HOH .  ? A HOH 337 ? 1_555 MG ? C MG . ? A MG 201 ? 1_555 O     ? J HOH .  ? B HOH 342 ? 1_555 177.0 ? 
15 O     ? I HOH .  ? A HOH 345 ? 1_555 MG ? C MG . ? A MG 201 ? 1_555 O     ? J HOH .  ? B HOH 342 ? 1_555 88.8  ? 
16 O     ? J HOH .  ? B HOH 336 ? 1_555 MG ? C MG . ? A MG 201 ? 1_555 O     ? J HOH .  ? B HOH 342 ? 1_555 93.8  ? 
17 O     ? I HOH .  ? A HOH 311 ? 1_555 MG ? C MG . ? A MG 201 ? 1_555 O     ? J HOH .  ? B HOH 379 ? 1_555 174.3 ? 
18 O     ? I HOH .  ? A HOH 337 ? 1_555 MG ? C MG . ? A MG 201 ? 1_555 O     ? J HOH .  ? B HOH 379 ? 1_555 90.8  ? 
19 O     ? I HOH .  ? A HOH 345 ? 1_555 MG ? C MG . ? A MG 201 ? 1_555 O     ? J HOH .  ? B HOH 379 ? 1_555 92.1  ? 
20 O     ? J HOH .  ? B HOH 336 ? 1_555 MG ? C MG . ? A MG 201 ? 1_555 O     ? J HOH .  ? B HOH 379 ? 1_555 89.2  ? 
21 O     ? J HOH .  ? B HOH 342 ? 1_555 MG ? C MG . ? A MG 201 ? 1_555 O     ? J HOH .  ? B HOH 379 ? 1_555 88.7  ? 
22 O     ? I HOH .  ? A HOH 343 ? 1_555 MG ? F MG . ? B MG 201 ? 1_555 O     ? I HOH .  ? A HOH 347 ? 1_555 94.0  ? 
23 O     ? I HOH .  ? A HOH 343 ? 1_555 MG ? F MG . ? B MG 201 ? 1_555 O     ? I HOH .  ? A HOH 364 ? 1_555 90.2  ? 
24 O     ? I HOH .  ? A HOH 347 ? 1_555 MG ? F MG . ? B MG 201 ? 1_555 O     ? I HOH .  ? A HOH 364 ? 1_555 87.7  ? 
25 O     ? I HOH .  ? A HOH 343 ? 1_555 MG ? F MG . ? B MG 201 ? 1_555 O     ? J HOH .  ? B HOH 313 ? 1_555 87.2  ? 
26 O     ? I HOH .  ? A HOH 347 ? 1_555 MG ? F MG . ? B MG 201 ? 1_555 O     ? J HOH .  ? B HOH 313 ? 1_555 88.5  ? 
27 O     ? I HOH .  ? A HOH 364 ? 1_555 MG ? F MG . ? B MG 201 ? 1_555 O     ? J HOH .  ? B HOH 313 ? 1_555 175.2 ? 
28 O     ? I HOH .  ? A HOH 343 ? 1_555 MG ? F MG . ? B MG 201 ? 1_555 O     ? J HOH .  ? B HOH 346 ? 1_555 177.9 ? 
29 O     ? I HOH .  ? A HOH 347 ? 1_555 MG ? F MG . ? B MG 201 ? 1_555 O     ? J HOH .  ? B HOH 346 ? 1_555 87.5  ? 
30 O     ? I HOH .  ? A HOH 364 ? 1_555 MG ? F MG . ? B MG 201 ? 1_555 O     ? J HOH .  ? B HOH 346 ? 1_555 91.3  ? 
31 O     ? J HOH .  ? B HOH 313 ? 1_555 MG ? F MG . ? B MG 201 ? 1_555 O     ? J HOH .  ? B HOH 346 ? 1_555 91.4  ? 
32 O     ? I HOH .  ? A HOH 343 ? 1_555 MG ? F MG . ? B MG 201 ? 1_555 O     ? J HOH .  ? B HOH 348 ? 1_555 87.9  ? 
33 O     ? I HOH .  ? A HOH 347 ? 1_555 MG ? F MG . ? B MG 201 ? 1_555 O     ? J HOH .  ? B HOH 348 ? 1_555 177.8 ? 
34 O     ? I HOH .  ? A HOH 364 ? 1_555 MG ? F MG . ? B MG 201 ? 1_555 O     ? J HOH .  ? B HOH 348 ? 1_555 91.1  ? 
35 O     ? J HOH .  ? B HOH 313 ? 1_555 MG ? F MG . ? B MG 201 ? 1_555 O     ? J HOH .  ? B HOH 348 ? 1_555 92.8  ? 
36 O     ? J HOH .  ? B HOH 346 ? 1_555 MG ? F MG . ? B MG 201 ? 1_555 O     ? J HOH .  ? B HOH 348 ? 1_555 90.6  ? 
37 "O3'" ? B G46 15 ? B G46 15  ? 1_555 MG ? G MG . ? B MG 202 ? 1_555 "O2'" ? B G46 15 ? B G46 15  ? 1_555 68.4  ? 
38 "O3'" ? B G46 15 ? B G46 15  ? 1_555 MG ? G MG . ? B MG 202 ? 1_555 "O3'" ? B G46 15 ? B G46 15  ? 1_555 0.0   ? 
39 "O2'" ? B G46 15 ? B G46 15  ? 1_555 MG ? G MG . ? B MG 202 ? 1_555 "O3'" ? B G46 15 ? B G46 15  ? 1_555 68.4  ? 
40 "O3'" ? B G46 15 ? B G46 15  ? 1_555 MG ? G MG . ? B MG 202 ? 1_555 "O2'" ? B G46 15 ? B G46 15  ? 1_555 68.4  ? 
41 "O2'" ? B G46 15 ? B G46 15  ? 1_555 MG ? G MG . ? B MG 202 ? 1_555 "O2'" ? B G46 15 ? B G46 15  ? 1_555 0.0   ? 
42 "O3'" ? B G46 15 ? B G46 15  ? 1_555 MG ? G MG . ? B MG 202 ? 1_555 "O2'" ? B G46 15 ? B G46 15  ? 1_555 68.4  ? 
# 
_pdbx_entry_details.entry_id                   8VAW 
_pdbx_entry_details.has_ligand_of_interest     Y 
_pdbx_entry_details.compound_details           ? 
_pdbx_entry_details.source_details             ? 
_pdbx_entry_details.nonpolymer_details         ? 
_pdbx_entry_details.sequence_details           ? 
_pdbx_entry_details.has_protein_modification   N 
# 
loop_
_pdbx_validate_close_contact.id 
_pdbx_validate_close_contact.PDB_model_num 
_pdbx_validate_close_contact.auth_atom_id_1 
_pdbx_validate_close_contact.auth_asym_id_1 
_pdbx_validate_close_contact.auth_comp_id_1 
_pdbx_validate_close_contact.auth_seq_id_1 
_pdbx_validate_close_contact.PDB_ins_code_1 
_pdbx_validate_close_contact.label_alt_id_1 
_pdbx_validate_close_contact.auth_atom_id_2 
_pdbx_validate_close_contact.auth_asym_id_2 
_pdbx_validate_close_contact.auth_comp_id_2 
_pdbx_validate_close_contact.auth_seq_id_2 
_pdbx_validate_close_contact.PDB_ins_code_2 
_pdbx_validate_close_contact.label_alt_id_2 
_pdbx_validate_close_contact.dist 
1 1 O     B HOH 322 ? ? O B HOH 385 ? ? 1.99 
2 1 O     B HOH 385 ? ? O B HOH 388 ? ? 2.03 
3 1 "C5'" B DGP 203 ? ? O B HOH 304 ? ? 2.05 
4 1 O     B HOH 327 ? ? O B HOH 385 ? ? 2.11 
5 1 O     B HOH 307 ? ? O B HOH 387 ? ? 2.12 
6 1 O     A HOH 363 ? ? O B HOH 378 ? ? 2.18 
7 1 O     B HOH 329 ? ? O B HOH 387 ? ? 2.19 
8 1 O     A HOH 320 ? ? O A HOH 366 ? ? 2.19 
# 
_pdbx_validate_rmsd_angle.id                         1 
_pdbx_validate_rmsd_angle.PDB_model_num              1 
_pdbx_validate_rmsd_angle.auth_atom_id_1             "O5'" 
_pdbx_validate_rmsd_angle.auth_asym_id_1             B 
_pdbx_validate_rmsd_angle.auth_comp_id_1             G 
_pdbx_validate_rmsd_angle.auth_seq_id_1              11 
_pdbx_validate_rmsd_angle.PDB_ins_code_1             ? 
_pdbx_validate_rmsd_angle.label_alt_id_1             ? 
_pdbx_validate_rmsd_angle.auth_atom_id_2             P 
_pdbx_validate_rmsd_angle.auth_asym_id_2             B 
_pdbx_validate_rmsd_angle.auth_comp_id_2             G 
_pdbx_validate_rmsd_angle.auth_seq_id_2              11 
_pdbx_validate_rmsd_angle.PDB_ins_code_2             ? 
_pdbx_validate_rmsd_angle.label_alt_id_2             ? 
_pdbx_validate_rmsd_angle.auth_atom_id_3             OP2 
_pdbx_validate_rmsd_angle.auth_asym_id_3             B 
_pdbx_validate_rmsd_angle.auth_comp_id_3             G 
_pdbx_validate_rmsd_angle.auth_seq_id_3              11 
_pdbx_validate_rmsd_angle.PDB_ins_code_3             ? 
_pdbx_validate_rmsd_angle.label_alt_id_3             ? 
_pdbx_validate_rmsd_angle.angle_value                99.47 
_pdbx_validate_rmsd_angle.angle_target_value         105.70 
_pdbx_validate_rmsd_angle.angle_deviation            -6.23 
_pdbx_validate_rmsd_angle.angle_standard_deviation   0.90 
_pdbx_validate_rmsd_angle.linker_flag                N 
# 
_pdbx_validate_planes.id              1 
_pdbx_validate_planes.PDB_model_num   1 
_pdbx_validate_planes.auth_comp_id    U 
_pdbx_validate_planes.auth_asym_id    A 
_pdbx_validate_planes.auth_seq_id     7 
_pdbx_validate_planes.PDB_ins_code    ? 
_pdbx_validate_planes.label_alt_id    ? 
_pdbx_validate_planes.rmsd            0.062 
_pdbx_validate_planes.type            'SIDE CHAIN' 
# 
loop_
_pdbx_struct_special_symmetry.id 
_pdbx_struct_special_symmetry.PDB_model_num 
_pdbx_struct_special_symmetry.auth_asym_id 
_pdbx_struct_special_symmetry.auth_comp_id 
_pdbx_struct_special_symmetry.auth_seq_id 
_pdbx_struct_special_symmetry.PDB_ins_code 
_pdbx_struct_special_symmetry.label_asym_id 
_pdbx_struct_special_symmetry.label_comp_id 
_pdbx_struct_special_symmetry.label_seq_id 
1 1 A MG  202 ? D MG  . 
2 1 B MG  202 ? G MG  . 
3 1 A HOH 336 ? I HOH . 
4 1 A HOH 341 ? I HOH . 
5 1 A HOH 375 ? I HOH . 
6 1 B HOH 305 ? J HOH . 
7 1 B HOH 321 ? J HOH . 
8 1 B HOH 383 ? J HOH . 
# 
loop_
_chem_comp_atom.comp_id 
_chem_comp_atom.atom_id 
_chem_comp_atom.type_symbol 
_chem_comp_atom.pdbx_aromatic_flag 
_chem_comp_atom.pdbx_stereo_config 
_chem_comp_atom.pdbx_ordinal 
A   OP3    O  N N 1   
A   P      P  N N 2   
A   OP1    O  N N 3   
A   OP2    O  N N 4   
A   "O5'"  O  N N 5   
A   "C5'"  C  N N 6   
A   "C4'"  C  N R 7   
A   "O4'"  O  N N 8   
A   "C3'"  C  N S 9   
A   "O3'"  O  N N 10  
A   "C2'"  C  N R 11  
A   "O2'"  O  N N 12  
A   "C1'"  C  N R 13  
A   N9     N  Y N 14  
A   C8     C  Y N 15  
A   N7     N  Y N 16  
A   C5     C  Y N 17  
A   C6     C  Y N 18  
A   N6     N  N N 19  
A   N1     N  Y N 20  
A   C2     C  Y N 21  
A   N3     N  Y N 22  
A   C4     C  Y N 23  
A   HOP3   H  N N 24  
A   HOP2   H  N N 25  
A   "H5'"  H  N N 26  
A   "H5''" H  N N 27  
A   "H4'"  H  N N 28  
A   "H3'"  H  N N 29  
A   "HO3'" H  N N 30  
A   "H2'"  H  N N 31  
A   "HO2'" H  N N 32  
A   "H1'"  H  N N 33  
A   H8     H  N N 34  
A   H61    H  N N 35  
A   H62    H  N N 36  
A   H2     H  N N 37  
C   OP3    O  N N 38  
C   P      P  N N 39  
C   OP1    O  N N 40  
C   OP2    O  N N 41  
C   "O5'"  O  N N 42  
C   "C5'"  C  N N 43  
C   "C4'"  C  N R 44  
C   "O4'"  O  N N 45  
C   "C3'"  C  N S 46  
C   "O3'"  O  N N 47  
C   "C2'"  C  N R 48  
C   "O2'"  O  N N 49  
C   "C1'"  C  N R 50  
C   N1     N  N N 51  
C   C2     C  N N 52  
C   O2     O  N N 53  
C   N3     N  N N 54  
C   C4     C  N N 55  
C   N4     N  N N 56  
C   C5     C  N N 57  
C   C6     C  N N 58  
C   HOP3   H  N N 59  
C   HOP2   H  N N 60  
C   "H5'"  H  N N 61  
C   "H5''" H  N N 62  
C   "H4'"  H  N N 63  
C   "H3'"  H  N N 64  
C   "HO3'" H  N N 65  
C   "H2'"  H  N N 66  
C   "HO2'" H  N N 67  
C   "H1'"  H  N N 68  
C   H41    H  N N 69  
C   H42    H  N N 70  
C   H5     H  N N 71  
C   H6     H  N N 72  
DGP P      P  N N 73  
DGP OP1    O  N N 74  
DGP OP2    O  N N 75  
DGP OP3    O  N N 76  
DGP "O5'"  O  N N 77  
DGP "C5'"  C  N N 78  
DGP "C4'"  C  N R 79  
DGP "O4'"  O  N N 80  
DGP "C3'"  C  N S 81  
DGP "O3'"  O  N N 82  
DGP "C2'"  C  N N 83  
DGP "C1'"  C  N R 84  
DGP N9     N  Y N 85  
DGP C8     C  Y N 86  
DGP N7     N  Y N 87  
DGP C5     C  Y N 88  
DGP C6     C  N N 89  
DGP O6     O  N N 90  
DGP N1     N  N N 91  
DGP C2     C  N N 92  
DGP N2     N  N N 93  
DGP N3     N  N N 94  
DGP C4     C  Y N 95  
DGP HOP2   H  N N 96  
DGP HOP3   H  N N 97  
DGP "H5'"  H  N N 98  
DGP "H5''" H  N N 99  
DGP "H4'"  H  N N 100 
DGP "H3'"  H  N N 101 
DGP "HO3'" H  N N 102 
DGP "H2'"  H  N N 103 
DGP "H2''" H  N N 104 
DGP "H1'"  H  N N 105 
DGP H8     H  N N 106 
DGP HN1    H  N N 107 
DGP HN21   H  N N 108 
DGP HN22   H  N N 109 
G   OP3    O  N N 110 
G   P      P  N N 111 
G   OP1    O  N N 112 
G   OP2    O  N N 113 
G   "O5'"  O  N N 114 
G   "C5'"  C  N N 115 
G   "C4'"  C  N R 116 
G   "O4'"  O  N N 117 
G   "C3'"  C  N S 118 
G   "O3'"  O  N N 119 
G   "C2'"  C  N R 120 
G   "O2'"  O  N N 121 
G   "C1'"  C  N R 122 
G   N9     N  Y N 123 
G   C8     C  Y N 124 
G   N7     N  Y N 125 
G   C5     C  Y N 126 
G   C6     C  N N 127 
G   O6     O  N N 128 
G   N1     N  N N 129 
G   C2     C  N N 130 
G   N2     N  N N 131 
G   N3     N  N N 132 
G   C4     C  Y N 133 
G   HOP3   H  N N 134 
G   HOP2   H  N N 135 
G   "H5'"  H  N N 136 
G   "H5''" H  N N 137 
G   "H4'"  H  N N 138 
G   "H3'"  H  N N 139 
G   "HO3'" H  N N 140 
G   "H2'"  H  N N 141 
G   "HO2'" H  N N 142 
G   "H1'"  H  N N 143 
G   H8     H  N N 144 
G   H1     H  N N 145 
G   H21    H  N N 146 
G   H22    H  N N 147 
G46 P      P  N N 148 
G46 O1P    O  N N 149 
G46 S2P    S  N N 150 
G46 O3P    O  N N 151 
G46 "O5'"  O  N N 152 
G46 "C5'"  C  N N 153 
G46 "C4'"  C  N R 154 
G46 "O4'"  O  N N 155 
G46 "C3'"  C  N S 156 
G46 "O3'"  O  N N 157 
G46 "C2'"  C  N R 158 
G46 "C1'"  C  N R 159 
G46 "O2'"  O  N N 160 
G46 N9     N  Y N 161 
G46 C8     C  Y N 162 
G46 N7     N  Y N 163 
G46 C5     C  Y N 164 
G46 C6     C  N N 165 
G46 O6     O  N N 166 
G46 N1     N  N N 167 
G46 C2     C  N N 168 
G46 N2     N  N N 169 
G46 N3     N  N N 170 
G46 C4     C  Y N 171 
G46 H1P    H  N N 172 
G46 HS     H  N N 173 
G46 "H5'1" H  N N 174 
G46 "H5'2" H  N N 175 
G46 "H4'"  H  N N 176 
G46 "H3'"  H  N N 177 
G46 HA     H  N N 178 
G46 "H2'"  H  N N 179 
G46 "H1'"  H  N N 180 
G46 HB     H  N N 181 
G46 H8     H  N N 182 
G46 H1     H  N N 183 
G46 H2N1   H  N N 184 
G46 H2N2   H  N N 185 
HOH O      O  N N 186 
HOH H1     H  N N 187 
HOH H2     H  N N 188 
LCC "O5'"  O  N N 189 
LCC "C5'"  C  N N 190 
LCC "C4'"  C  N R 191 
LCC "O4'"  O  N N 192 
LCC "C1'"  C  N R 193 
LCC N1     N  N N 194 
LCC C6     C  N N 195 
LCC C5     C  N N 196 
LCC C5M    C  N N 197 
LCC C4     C  N N 198 
LCC N4     N  N N 199 
LCC N3     N  N N 200 
LCC C2     C  N N 201 
LCC O2     O  N N 202 
LCC "C3'"  C  N S 203 
LCC "C2'"  C  N R 204 
LCC "O2'"  O  N N 205 
LCC "O3'"  O  N N 206 
LCC "C6'"  C  N N 207 
LCC P      P  N N 208 
LCC O1P    O  N N 209 
LCC O2P    O  N N 210 
LCC OXT    O  N N 211 
LCC "H5'1" H  N N 212 
LCC "H5'2" H  N N 213 
LCC "H1'"  H  N N 214 
LCC H6     H  N N 215 
LCC H5M1   H  N N 216 
LCC H5M2   H  N N 217 
LCC H5M3   H  N N 218 
LCC H41    H  N N 219 
LCC H42    H  N N 220 
LCC "H3'"  H  N N 221 
LCC "H2'1" H  N N 222 
LCC H3T    H  N N 223 
LCC "H6'1" H  N N 224 
LCC "H6'2" H  N N 225 
LCC H1P    H  N N 226 
LCC HXT    H  N N 227 
LCG P      P  N N 228 
LCG OP1    O  N N 229 
LCG "O5'"  O  N N 230 
LCG "C5'"  C  N N 231 
LCG "C3'"  C  N S 232 
LCG "C6'"  C  N N 233 
LCG N9     N  Y N 234 
LCG C8     C  Y N 235 
LCG C4     C  Y N 236 
LCG N7     N  Y N 237 
LCG C5     C  Y N 238 
LCG C6     C  N N 239 
LCG "C2'"  C  N R 240 
LCG O6     O  N N 241 
LCG "C4'"  C  N R 242 
LCG "C1'"  C  N R 243 
LCG C2     C  N N 244 
LCG N1     N  N N 245 
LCG "O4'"  O  N N 246 
LCG OP2    O  N N 247 
LCG N2     N  N N 248 
LCG N3     N  N N 249 
LCG "O2'"  O  N N 250 
LCG "O3'"  O  N N 251 
LCG OP3    O  N N 252 
LCG "H5'"  H  N N 253 
LCG "H5''" H  N N 254 
LCG "H3'"  H  N N 255 
LCG "H6'1" H  N N 256 
LCG "H6'2" H  N N 257 
LCG H8     H  N N 258 
LCG "H2'"  H  N N 259 
LCG "H1'"  H  N N 260 
LCG H1     H  N N 261 
LCG HOP2   H  N N 262 
LCG H21    H  N N 263 
LCG H22    H  N N 264 
LCG "HO3'" H  N N 265 
LCG HOP3   H  N N 266 
MG  MG     MG N N 267 
U   OP3    O  N N 268 
U   P      P  N N 269 
U   OP1    O  N N 270 
U   OP2    O  N N 271 
U   "O5'"  O  N N 272 
U   "C5'"  C  N N 273 
U   "C4'"  C  N R 274 
U   "O4'"  O  N N 275 
U   "C3'"  C  N S 276 
U   "O3'"  O  N N 277 
U   "C2'"  C  N R 278 
U   "O2'"  O  N N 279 
U   "C1'"  C  N R 280 
U   N1     N  N N 281 
U   C2     C  N N 282 
U   O2     O  N N 283 
U   N3     N  N N 284 
U   C4     C  N N 285 
U   O4     O  N N 286 
U   C5     C  N N 287 
U   C6     C  N N 288 
U   HOP3   H  N N 289 
U   HOP2   H  N N 290 
U   "H5'"  H  N N 291 
U   "H5''" H  N N 292 
U   "H4'"  H  N N 293 
U   "H3'"  H  N N 294 
U   "HO3'" H  N N 295 
U   "H2'"  H  N N 296 
U   "HO2'" H  N N 297 
U   "H1'"  H  N N 298 
U   H3     H  N N 299 
U   H5     H  N N 300 
U   H6     H  N N 301 
# 
loop_
_chem_comp_bond.comp_id 
_chem_comp_bond.atom_id_1 
_chem_comp_bond.atom_id_2 
_chem_comp_bond.value_order 
_chem_comp_bond.pdbx_aromatic_flag 
_chem_comp_bond.pdbx_stereo_config 
_chem_comp_bond.pdbx_ordinal 
A   OP3   P      sing N N 1   
A   OP3   HOP3   sing N N 2   
A   P     OP1    doub N N 3   
A   P     OP2    sing N N 4   
A   P     "O5'"  sing N N 5   
A   OP2   HOP2   sing N N 6   
A   "O5'" "C5'"  sing N N 7   
A   "C5'" "C4'"  sing N N 8   
A   "C5'" "H5'"  sing N N 9   
A   "C5'" "H5''" sing N N 10  
A   "C4'" "O4'"  sing N N 11  
A   "C4'" "C3'"  sing N N 12  
A   "C4'" "H4'"  sing N N 13  
A   "O4'" "C1'"  sing N N 14  
A   "C3'" "O3'"  sing N N 15  
A   "C3'" "C2'"  sing N N 16  
A   "C3'" "H3'"  sing N N 17  
A   "O3'" "HO3'" sing N N 18  
A   "C2'" "O2'"  sing N N 19  
A   "C2'" "C1'"  sing N N 20  
A   "C2'" "H2'"  sing N N 21  
A   "O2'" "HO2'" sing N N 22  
A   "C1'" N9     sing N N 23  
A   "C1'" "H1'"  sing N N 24  
A   N9    C8     sing Y N 25  
A   N9    C4     sing Y N 26  
A   C8    N7     doub Y N 27  
A   C8    H8     sing N N 28  
A   N7    C5     sing Y N 29  
A   C5    C6     sing Y N 30  
A   C5    C4     doub Y N 31  
A   C6    N6     sing N N 32  
A   C6    N1     doub Y N 33  
A   N6    H61    sing N N 34  
A   N6    H62    sing N N 35  
A   N1    C2     sing Y N 36  
A   C2    N3     doub Y N 37  
A   C2    H2     sing N N 38  
A   N3    C4     sing Y N 39  
C   OP3   P      sing N N 40  
C   OP3   HOP3   sing N N 41  
C   P     OP1    doub N N 42  
C   P     OP2    sing N N 43  
C   P     "O5'"  sing N N 44  
C   OP2   HOP2   sing N N 45  
C   "O5'" "C5'"  sing N N 46  
C   "C5'" "C4'"  sing N N 47  
C   "C5'" "H5'"  sing N N 48  
C   "C5'" "H5''" sing N N 49  
C   "C4'" "O4'"  sing N N 50  
C   "C4'" "C3'"  sing N N 51  
C   "C4'" "H4'"  sing N N 52  
C   "O4'" "C1'"  sing N N 53  
C   "C3'" "O3'"  sing N N 54  
C   "C3'" "C2'"  sing N N 55  
C   "C3'" "H3'"  sing N N 56  
C   "O3'" "HO3'" sing N N 57  
C   "C2'" "O2'"  sing N N 58  
C   "C2'" "C1'"  sing N N 59  
C   "C2'" "H2'"  sing N N 60  
C   "O2'" "HO2'" sing N N 61  
C   "C1'" N1     sing N N 62  
C   "C1'" "H1'"  sing N N 63  
C   N1    C2     sing N N 64  
C   N1    C6     sing N N 65  
C   C2    O2     doub N N 66  
C   C2    N3     sing N N 67  
C   N3    C4     doub N N 68  
C   C4    N4     sing N N 69  
C   C4    C5     sing N N 70  
C   N4    H41    sing N N 71  
C   N4    H42    sing N N 72  
C   C5    C6     doub N N 73  
C   C5    H5     sing N N 74  
C   C6    H6     sing N N 75  
DGP P     OP1    doub N N 76  
DGP P     OP2    sing N N 77  
DGP P     OP3    sing N N 78  
DGP P     "O5'"  sing N N 79  
DGP OP2   HOP2   sing N N 80  
DGP OP3   HOP3   sing N N 81  
DGP "O5'" "C5'"  sing N N 82  
DGP "C5'" "C4'"  sing N N 83  
DGP "C5'" "H5'"  sing N N 84  
DGP "C5'" "H5''" sing N N 85  
DGP "C4'" "O4'"  sing N N 86  
DGP "C4'" "C3'"  sing N N 87  
DGP "C4'" "H4'"  sing N N 88  
DGP "O4'" "C1'"  sing N N 89  
DGP "C3'" "O3'"  sing N N 90  
DGP "C3'" "C2'"  sing N N 91  
DGP "C3'" "H3'"  sing N N 92  
DGP "O3'" "HO3'" sing N N 93  
DGP "C2'" "C1'"  sing N N 94  
DGP "C2'" "H2'"  sing N N 95  
DGP "C2'" "H2''" sing N N 96  
DGP "C1'" N9     sing N N 97  
DGP "C1'" "H1'"  sing N N 98  
DGP N9    C8     sing Y N 99  
DGP N9    C4     sing Y N 100 
DGP C8    N7     doub Y N 101 
DGP C8    H8     sing N N 102 
DGP N7    C5     sing Y N 103 
DGP C5    C6     sing N N 104 
DGP C5    C4     doub Y N 105 
DGP C6    O6     doub N N 106 
DGP C6    N1     sing N N 107 
DGP N1    C2     sing N N 108 
DGP N1    HN1    sing N N 109 
DGP C2    N2     sing N N 110 
DGP C2    N3     doub N N 111 
DGP N2    HN21   sing N N 112 
DGP N2    HN22   sing N N 113 
DGP N3    C4     sing N N 114 
G   OP3   P      sing N N 115 
G   OP3   HOP3   sing N N 116 
G   P     OP1    doub N N 117 
G   P     OP2    sing N N 118 
G   P     "O5'"  sing N N 119 
G   OP2   HOP2   sing N N 120 
G   "O5'" "C5'"  sing N N 121 
G   "C5'" "C4'"  sing N N 122 
G   "C5'" "H5'"  sing N N 123 
G   "C5'" "H5''" sing N N 124 
G   "C4'" "O4'"  sing N N 125 
G   "C4'" "C3'"  sing N N 126 
G   "C4'" "H4'"  sing N N 127 
G   "O4'" "C1'"  sing N N 128 
G   "C3'" "O3'"  sing N N 129 
G   "C3'" "C2'"  sing N N 130 
G   "C3'" "H3'"  sing N N 131 
G   "O3'" "HO3'" sing N N 132 
G   "C2'" "O2'"  sing N N 133 
G   "C2'" "C1'"  sing N N 134 
G   "C2'" "H2'"  sing N N 135 
G   "O2'" "HO2'" sing N N 136 
G   "C1'" N9     sing N N 137 
G   "C1'" "H1'"  sing N N 138 
G   N9    C8     sing Y N 139 
G   N9    C4     sing Y N 140 
G   C8    N7     doub Y N 141 
G   C8    H8     sing N N 142 
G   N7    C5     sing Y N 143 
G   C5    C6     sing N N 144 
G   C5    C4     doub Y N 145 
G   C6    O6     doub N N 146 
G   C6    N1     sing N N 147 
G   N1    C2     sing N N 148 
G   N1    H1     sing N N 149 
G   C2    N2     sing N N 150 
G   C2    N3     doub N N 151 
G   N2    H21    sing N N 152 
G   N2    H22    sing N N 153 
G   N3    C4     sing N N 154 
G46 P     O1P    sing N N 155 
G46 P     S2P    sing N N 156 
G46 P     O3P    doub N N 157 
G46 P     "O5'"  sing N N 158 
G46 O1P   H1P    sing N N 159 
G46 S2P   HS     sing N N 160 
G46 "O5'" "C5'"  sing N N 161 
G46 "C5'" "C4'"  sing N N 162 
G46 "C5'" "H5'1" sing N N 163 
G46 "C5'" "H5'2" sing N N 164 
G46 "C4'" "O4'"  sing N N 165 
G46 "C4'" "C3'"  sing N N 166 
G46 "C4'" "H4'"  sing N N 167 
G46 "O4'" "C1'"  sing N N 168 
G46 "C3'" "O3'"  sing N N 169 
G46 "C3'" "C2'"  sing N N 170 
G46 "C3'" "H3'"  sing N N 171 
G46 "O3'" HA     sing N N 172 
G46 "C2'" "C1'"  sing N N 173 
G46 "C2'" "O2'"  sing N N 174 
G46 "C2'" "H2'"  sing N N 175 
G46 "C1'" N9     sing N N 176 
G46 "C1'" "H1'"  sing N N 177 
G46 "O2'" HB     sing N N 178 
G46 N9    C8     sing Y N 179 
G46 N9    C4     sing Y N 180 
G46 C8    N7     doub Y N 181 
G46 C8    H8     sing N N 182 
G46 N7    C5     sing Y N 183 
G46 C5    C6     sing N N 184 
G46 C5    C4     doub Y N 185 
G46 C6    O6     doub N N 186 
G46 C6    N1     sing N N 187 
G46 N1    C2     sing N N 188 
G46 N1    H1     sing N N 189 
G46 C2    N2     sing N N 190 
G46 C2    N3     doub N N 191 
G46 N2    H2N1   sing N N 192 
G46 N2    H2N2   sing N N 193 
G46 N3    C4     sing N N 194 
HOH O     H1     sing N N 195 
HOH O     H2     sing N N 196 
LCC "O5'" "C5'"  sing N N 197 
LCC "O5'" P      sing N N 198 
LCC "C5'" "C4'"  sing N N 199 
LCC "C5'" "H5'1" sing N N 200 
LCC "C5'" "H5'2" sing N N 201 
LCC "C4'" "O4'"  sing N N 202 
LCC "C4'" "C3'"  sing N N 203 
LCC "C4'" "C6'"  sing N N 204 
LCC "O4'" "C1'"  sing N N 205 
LCC "C1'" N1     sing N N 206 
LCC "C1'" "C2'"  sing N N 207 
LCC "C1'" "H1'"  sing N N 208 
LCC N1    C6     sing N N 209 
LCC N1    C2     sing N N 210 
LCC C6    C5     doub N N 211 
LCC C6    H6     sing N N 212 
LCC C5    C5M    sing N N 213 
LCC C5    C4     sing N N 214 
LCC C5M   H5M1   sing N N 215 
LCC C5M   H5M2   sing N N 216 
LCC C5M   H5M3   sing N N 217 
LCC C4    N4     sing N N 218 
LCC C4    N3     doub N N 219 
LCC N4    H41    sing N N 220 
LCC N4    H42    sing N N 221 
LCC N3    C2     sing N N 222 
LCC C2    O2     doub N N 223 
LCC "C3'" "C2'"  sing N N 224 
LCC "C3'" "O3'"  sing N N 225 
LCC "C3'" "H3'"  sing N N 226 
LCC "C2'" "O2'"  sing N N 227 
LCC "C2'" "H2'1" sing N N 228 
LCC "O2'" "C6'"  sing N N 229 
LCC "O3'" H3T    sing N N 230 
LCC "C6'" "H6'1" sing N N 231 
LCC "C6'" "H6'2" sing N N 232 
LCC P     O1P    sing N N 233 
LCC P     O2P    doub N N 234 
LCC P     OXT    sing N N 235 
LCC O1P   H1P    sing N N 236 
LCC OXT   HXT    sing N N 237 
LCG P     OP1    doub N N 238 
LCG P     "O5'"  sing N N 239 
LCG P     OP2    sing N N 240 
LCG P     OP3    sing N N 241 
LCG "O5'" "C5'"  sing N N 242 
LCG "C5'" "C4'"  sing N N 243 
LCG "C5'" "H5'"  sing N N 244 
LCG "C5'" "H5''" sing N N 245 
LCG "C3'" "C2'"  sing N N 246 
LCG "C3'" "C4'"  sing N N 247 
LCG "C3'" "O3'"  sing N N 248 
LCG "C3'" "H3'"  sing N N 249 
LCG "C6'" "C4'"  sing N N 250 
LCG "C6'" "O2'"  sing N N 251 
LCG "C6'" "H6'1" sing N N 252 
LCG "C6'" "H6'2" sing N N 253 
LCG N9    C8     sing Y N 254 
LCG N9    C4     sing Y N 255 
LCG N9    "C1'"  sing N N 256 
LCG C8    N7     doub Y N 257 
LCG C8    H8     sing N N 258 
LCG C4    C5     doub Y N 259 
LCG C4    N3     sing N N 260 
LCG N7    C5     sing Y N 261 
LCG C5    C6     sing N N 262 
LCG C6    O6     doub N N 263 
LCG C6    N1     sing N N 264 
LCG "C2'" "C1'"  sing N N 265 
LCG "C2'" "O2'"  sing N N 266 
LCG "C2'" "H2'"  sing N N 267 
LCG "C4'" "O4'"  sing N N 268 
LCG "C1'" "O4'"  sing N N 269 
LCG "C1'" "H1'"  sing N N 270 
LCG C2    N1     sing N N 271 
LCG C2    N2     sing N N 272 
LCG C2    N3     doub N N 273 
LCG N1    H1     sing N N 274 
LCG OP2   HOP2   sing N N 275 
LCG N2    H21    sing N N 276 
LCG N2    H22    sing N N 277 
LCG "O3'" "HO3'" sing N N 278 
LCG OP3   HOP3   sing N N 279 
U   OP3   P      sing N N 280 
U   OP3   HOP3   sing N N 281 
U   P     OP1    doub N N 282 
U   P     OP2    sing N N 283 
U   P     "O5'"  sing N N 284 
U   OP2   HOP2   sing N N 285 
U   "O5'" "C5'"  sing N N 286 
U   "C5'" "C4'"  sing N N 287 
U   "C5'" "H5'"  sing N N 288 
U   "C5'" "H5''" sing N N 289 
U   "C4'" "O4'"  sing N N 290 
U   "C4'" "C3'"  sing N N 291 
U   "C4'" "H4'"  sing N N 292 
U   "O4'" "C1'"  sing N N 293 
U   "C3'" "O3'"  sing N N 294 
U   "C3'" "C2'"  sing N N 295 
U   "C3'" "H3'"  sing N N 296 
U   "O3'" "HO3'" sing N N 297 
U   "C2'" "O2'"  sing N N 298 
U   "C2'" "C1'"  sing N N 299 
U   "C2'" "H2'"  sing N N 300 
U   "O2'" "HO2'" sing N N 301 
U   "C1'" N1     sing N N 302 
U   "C1'" "H1'"  sing N N 303 
U   N1    C2     sing N N 304 
U   N1    C6     sing N N 305 
U   C2    O2     doub N N 306 
U   C2    N3     sing N N 307 
U   N3    C4     sing N N 308 
U   N3    H3     sing N N 309 
U   C4    O4     doub N N 310 
U   C4    C5     sing N N 311 
U   C5    C6     doub N N 312 
U   C5    H5     sing N N 313 
U   C6    H6     sing N N 314 
# 
_ndb_struct_conf_na.entry_id   8VAW 
_ndb_struct_conf_na.feature    'a-form double helix' 
# 
loop_
_ndb_struct_na_base_pair.model_number 
_ndb_struct_na_base_pair.i_label_asym_id 
_ndb_struct_na_base_pair.i_label_comp_id 
_ndb_struct_na_base_pair.i_label_seq_id 
_ndb_struct_na_base_pair.i_symmetry 
_ndb_struct_na_base_pair.j_label_asym_id 
_ndb_struct_na_base_pair.j_label_comp_id 
_ndb_struct_na_base_pair.j_label_seq_id 
_ndb_struct_na_base_pair.j_symmetry 
_ndb_struct_na_base_pair.shear 
_ndb_struct_na_base_pair.stretch 
_ndb_struct_na_base_pair.stagger 
_ndb_struct_na_base_pair.buckle 
_ndb_struct_na_base_pair.propeller 
_ndb_struct_na_base_pair.opening 
_ndb_struct_na_base_pair.pair_number 
_ndb_struct_na_base_pair.pair_name 
_ndb_struct_na_base_pair.i_auth_asym_id 
_ndb_struct_na_base_pair.i_auth_seq_id 
_ndb_struct_na_base_pair.i_PDB_ins_code 
_ndb_struct_na_base_pair.j_auth_asym_id 
_ndb_struct_na_base_pair.j_auth_seq_id 
_ndb_struct_na_base_pair.j_PDB_ins_code 
_ndb_struct_na_base_pair.hbond_type_28 
_ndb_struct_na_base_pair.hbond_type_12 
1 A LCG 4  1_555 B C   13 1_555 -0.256 -0.151 0.011  -0.520 -12.633 1.027  1  A_LCG4:C13_B A 4  ? B 13 ? 19 1 
1 A A   5  1_555 B U   12 1_555 0.027  -0.087 -0.037 4.054  -9.380  -4.558 2  A_A5:U12_B   A 5  ? B 12 ? 20 1 
1 A C   6  1_555 B G   11 1_555 0.149  -0.147 -0.074 9.592  -16.604 -1.383 3  A_C6:G11_B   A 6  ? B 11 ? 19 1 
1 A U   7  1_555 B A   10 1_555 -0.151 -0.057 -0.085 3.830  -15.017 2.253  4  A_U7:A10_B   A 7  ? B 10 ? 20 1 
1 A U   8  1_555 B A   9  1_555 0.012  -0.100 -0.084 5.247  -11.320 4.941  5  A_U8:A9_B    A 8  ? B 9  ? 20 1 
1 A A   9  1_555 B U   8  1_555 0.017  -0.034 0.126  -1.072 -15.626 7.074  6  A_A9:U8_B    A 9  ? B 8  ? 20 1 
1 A A   10 1_555 B U   7  1_555 0.023  -0.125 0.008  -1.916 -13.465 1.454  7  A_A10:U7_B   A 10 ? B 7  ? 20 1 
1 A G   11 1_555 B C   6  1_555 -0.137 -0.133 -0.092 -8.868 -18.988 -0.069 8  A_G11:C6_B   A 11 ? B 6  ? 19 1 
1 A U   12 1_555 B A   5  1_555 0.018  -0.102 0.058  -5.175 -11.754 -4.293 9  A_U12:A5_B   A 12 ? B 5  ? 20 1 
1 A C   13 1_555 B LCG 4  1_555 0.298  -0.186 0.099  -0.721 -12.329 -0.018 10 A_C13:LCG4_B A 13 ? B 4  ? 19 1 
# 
loop_
_ndb_struct_na_base_pair_step.model_number 
_ndb_struct_na_base_pair_step.i_label_asym_id_1 
_ndb_struct_na_base_pair_step.i_label_comp_id_1 
_ndb_struct_na_base_pair_step.i_label_seq_id_1 
_ndb_struct_na_base_pair_step.i_symmetry_1 
_ndb_struct_na_base_pair_step.j_label_asym_id_1 
_ndb_struct_na_base_pair_step.j_label_comp_id_1 
_ndb_struct_na_base_pair_step.j_label_seq_id_1 
_ndb_struct_na_base_pair_step.j_symmetry_1 
_ndb_struct_na_base_pair_step.i_label_asym_id_2 
_ndb_struct_na_base_pair_step.i_label_comp_id_2 
_ndb_struct_na_base_pair_step.i_label_seq_id_2 
_ndb_struct_na_base_pair_step.i_symmetry_2 
_ndb_struct_na_base_pair_step.j_label_asym_id_2 
_ndb_struct_na_base_pair_step.j_label_comp_id_2 
_ndb_struct_na_base_pair_step.j_label_seq_id_2 
_ndb_struct_na_base_pair_step.j_symmetry_2 
_ndb_struct_na_base_pair_step.shift 
_ndb_struct_na_base_pair_step.slide 
_ndb_struct_na_base_pair_step.rise 
_ndb_struct_na_base_pair_step.tilt 
_ndb_struct_na_base_pair_step.roll 
_ndb_struct_na_base_pair_step.twist 
_ndb_struct_na_base_pair_step.x_displacement 
_ndb_struct_na_base_pair_step.y_displacement 
_ndb_struct_na_base_pair_step.helical_rise 
_ndb_struct_na_base_pair_step.inclination 
_ndb_struct_na_base_pair_step.tip 
_ndb_struct_na_base_pair_step.helical_twist 
_ndb_struct_na_base_pair_step.step_number 
_ndb_struct_na_base_pair_step.step_name 
_ndb_struct_na_base_pair_step.i_auth_asym_id_1 
_ndb_struct_na_base_pair_step.i_auth_seq_id_1 
_ndb_struct_na_base_pair_step.i_PDB_ins_code_1 
_ndb_struct_na_base_pair_step.j_auth_asym_id_1 
_ndb_struct_na_base_pair_step.j_auth_seq_id_1 
_ndb_struct_na_base_pair_step.j_PDB_ins_code_1 
_ndb_struct_na_base_pair_step.i_auth_asym_id_2 
_ndb_struct_na_base_pair_step.i_auth_seq_id_2 
_ndb_struct_na_base_pair_step.i_PDB_ins_code_2 
_ndb_struct_na_base_pair_step.j_auth_asym_id_2 
_ndb_struct_na_base_pair_step.j_auth_seq_id_2 
_ndb_struct_na_base_pair_step.j_PDB_ins_code_2 
1 A LCG 4  1_555 B C 13 1_555 A A 5  1_555 B U   12 1_555 -0.647 -1.258 3.163 -1.253 5.044  33.047 -2.972 0.928  2.965 8.799  
2.186  33.442 1 AA_LCG4A5:U12C13_BB A 4  ? B 13 ? A 5  ? B 12 ? 
1 A A   5  1_555 B U 12 1_555 A C 6  1_555 B G   11 1_555 0.582  -1.605 3.137 0.778  1.878  32.434 -3.181 -0.912 3.055 3.358  
-1.391 32.496 2 AA_A5C6:G11U12_BB   A 5  ? B 12 ? A 6  ? B 11 ? 
1 A C   6  1_555 B G 11 1_555 A U 7  1_555 B A   10 1_555 -0.393 -1.860 3.343 -3.017 11.953 28.878 -5.516 0.205  2.428 22.707 
5.731  31.347 3 AA_C6U7:A10G11_BB   A 6  ? B 11 ? A 7  ? B 10 ? 
1 A U   7  1_555 B A 10 1_555 A U 8  1_555 B A   9  1_555 -0.024 -1.051 3.231 -2.027 9.042  31.391 -3.346 -0.290 2.823 16.273 
3.648  32.697 4 AA_U7U8:A9A10_BB    A 7  ? B 10 ? A 8  ? B 9  ? 
1 A U   8  1_555 B A 9  1_555 A A 9  1_555 B U   8  1_555 0.389  -1.453 3.223 0.044  18.731 31.060 -4.645 -0.621 2.048 31.632 
-0.075 36.152 5 AA_U8A9:U8A9_BB     A 8  ? B 9  ? A 9  ? B 8  ? 
1 A A   9  1_555 B U 8  1_555 A A 10 1_555 B U   7  1_555 -0.643 -1.397 3.240 0.272  6.680  31.629 -3.631 1.202  2.887 12.086 
-0.491 32.311 6 AA_A9A10:U7U8_BB    A 9  ? B 8  ? A 10 ? B 7  ? 
1 A A   10 1_555 B U 7  1_555 A G 11 1_555 B C   6  1_555 0.253  -1.564 3.383 2.390  9.667  32.014 -4.260 -0.058 2.816 17.020 
-4.209 33.488 7 AA_A10G11:C6U7_BB   A 10 ? B 7  ? A 11 ? B 6  ? 
1 A G   11 1_555 B C 6  1_555 A U 12 1_555 B A   5  1_555 -0.578 -1.496 3.150 -1.963 3.012  32.858 -3.114 0.701  3.033 5.305  
3.457  33.049 8 AA_G11U12:A5C6_BB   A 11 ? B 6  ? A 12 ? B 5  ? 
1 A U   12 1_555 B A 5  1_555 A C 13 1_555 B LCG 4  1_555 0.791  -1.358 3.117 1.762  4.573  33.057 -3.068 -1.104 2.945 7.981  
-3.076 33.408 9 AA_U12C13:LCG4A5_BB A 12 ? B 5  ? A 13 ? B 4  ? 
# 
_pdbx_audit_support.funding_organization   'National Science Foundation (NSF, United States)' 
_pdbx_audit_support.country                'United States' 
_pdbx_audit_support.grant_number           'CHE 2104708' 
_pdbx_audit_support.ordinal                1 
# 
_pdbx_initial_refinement_model.id               1 
_pdbx_initial_refinement_model.entity_id_list   ? 
_pdbx_initial_refinement_model.type             'experimental model' 
_pdbx_initial_refinement_model.source_name      PDB 
_pdbx_initial_refinement_model.accession_code   5L00 
_pdbx_initial_refinement_model.details          ? 
# 
_atom_sites.entry_id                    8VAW 
_atom_sites.Cartn_transf_matrix[1][1]   ? 
_atom_sites.Cartn_transf_matrix[1][2]   ? 
_atom_sites.Cartn_transf_matrix[1][3]   ? 
_atom_sites.Cartn_transf_matrix[2][1]   ? 
_atom_sites.Cartn_transf_matrix[2][2]   ? 
_atom_sites.Cartn_transf_matrix[2][3]   ? 
_atom_sites.Cartn_transf_matrix[3][1]   ? 
_atom_sites.Cartn_transf_matrix[3][2]   ? 
_atom_sites.Cartn_transf_matrix[3][3]   ? 
_atom_sites.Cartn_transf_vector[1]      ? 
_atom_sites.Cartn_transf_vector[2]      ? 
_atom_sites.Cartn_transf_vector[3]      ? 
_atom_sites.Cartn_transform_axes        ? 
_atom_sites.fract_transf_matrix[1][1]   0.01964626 
_atom_sites.fract_transf_matrix[1][2]   0.01036513 
_atom_sites.fract_transf_matrix[1][3]   -0.01445585 
_atom_sites.fract_transf_matrix[2][1]   0.00306235 
_atom_sites.fract_transf_matrix[2][2]   -0.00722687 
_atom_sites.fract_transf_matrix[2][3]   -0.02531305 
_atom_sites.fract_transf_matrix[3][1]   -0.00715023 
_atom_sites.fract_transf_matrix[3][2]   0.00883026 
_atom_sites.fract_transf_matrix[3][3]   -0.00338607 
_atom_sites.fract_transf_vector[1]      0.224145 
_atom_sites.fract_transf_vector[2]      0.374856 
_atom_sites.fract_transf_vector[3]      0.250513 
_atom_sites.solution_primary            ? 
_atom_sites.solution_secondary          ? 
_atom_sites.solution_hydrogens          ? 
_atom_sites.special_details             ? 
# 
loop_
_atom_type.symbol 
_atom_type.pdbx_scat_Z 
_atom_type.pdbx_N_electrons 
_atom_type.scat_Cromer_Mann_a1 
_atom_type.scat_Cromer_Mann_b1 
_atom_type.scat_Cromer_Mann_a2 
_atom_type.scat_Cromer_Mann_b2 
_atom_type.scat_Cromer_Mann_a3 
_atom_type.scat_Cromer_Mann_b3 
_atom_type.scat_Cromer_Mann_a4 
_atom_type.scat_Cromer_Mann_b4 
_atom_type.scat_Cromer_Mann_c 
C  6  6  2.3103  20.8439 1.0201 10.2075 1.5888 0.5687  0.8651 51.6512 0.2156   
H  1  1  0.4930  10.5109 0.3229 26.1257 0.1402 3.1424  0.0408 57.7997 0.0030   
MG 12 12 5.4265  2.8275  2.1759 79.2611 1.2283 0.3808  2.3099 7.1937  0.8594   
N  7  7  12.2220 0.0057  3.1346 9.8933  2.0141 28.9975 1.1672 0.5826  -11.5379 
O  8  8  3.0487  13.2771 2.2870 5.7011  1.5464 0.3239  0.8671 32.9089 0.2508   
P  15 15 6.4348  1.9067  4.1793 27.1570 1.7801 0.5260  1.4909 68.1645 1.1150   
S  16 16 6.9054  1.4679  5.2035 22.2151 1.4379 0.2536  1.5863 56.1720 0.8669   
# 
loop_
_atom_site.group_PDB 
_atom_site.id 
_atom_site.type_symbol 
_atom_site.label_atom_id 
_atom_site.label_alt_id 
_atom_site.label_comp_id 
_atom_site.label_asym_id 
_atom_site.label_entity_id 
_atom_site.label_seq_id 
_atom_site.pdbx_PDB_ins_code 
_atom_site.Cartn_x 
_atom_site.Cartn_y 
_atom_site.Cartn_z 
_atom_site.occupancy 
_atom_site.B_iso_or_equiv 
_atom_site.pdbx_formal_charge 
_atom_site.auth_seq_id 
_atom_site.auth_comp_id 
_atom_site.auth_asym_id 
_atom_site.auth_atom_id 
_atom_site.pdbx_PDB_model_num 
_atom_site.calc_flag 
HETATM 1   O  "O5'" . LCC A 1 1  ? 20.143  -5.353  6.243   1.000 30.573  0 1   LCC A "O5'" 1 ? 
HETATM 2   C  "C5'" . LCC A 1 1  ? 21.143  -4.868  5.360   1.000 30.992  0 1   LCC A "C5'" 1 ? 
HETATM 3   C  "C4'" . LCC A 1 1  ? 20.975  -5.705  4.113   1.000 30.041  0 1   LCC A "C4'" 1 ? 
HETATM 4   O  "O4'" . LCC A 1 1  ? 20.943  -7.110  4.362   1.000 27.891  0 1   LCC A "O4'" 1 ? 
HETATM 5   C  "C1'" . LCC A 1 1  ? 20.476  -7.744  3.071   1.000 24.063  0 1   LCC A "C1'" 1 ? 
HETATM 6   N  N1    . LCC A 1 1  ? 19.386  -8.698  3.328   1.000 20.029  0 1   LCC A N1    1 ? 
HETATM 7   C  C6    . LCC A 1 1  ? 18.774  -8.712  4.560   1.000 20.120  0 1   LCC A C6    1 ? 
HETATM 8   C  C5    . LCC A 1 1  ? 17.782  -9.610  4.808   1.000 23.361  0 1   LCC A C5    1 ? 
HETATM 9   C  C5M   . LCC A 1 1  ? 17.157  -9.612  6.058   1.000 25.552  0 1   LCC A C5M   1 ? 
HETATM 10  C  C4    . LCC A 1 1  ? 17.431  -10.448 3.798   1.000 21.264  0 1   LCC A C4    1 ? 
HETATM 11  N  N4    . LCC A 1 1  ? 16.480  -11.302 4.012   1.000 24.189  0 1   LCC A N4    1 ? 
HETATM 12  N  N3    . LCC A 1 1  ? 18.023  -10.409 2.583   1.000 19.082  0 1   LCC A N3    1 ? 
HETATM 13  C  C2    . LCC A 1 1  ? 18.985  -9.557  2.354   1.000 21.078  0 1   LCC A C2    1 ? 
HETATM 14  O  O2    . LCC A 1 1  ? 19.511  -9.528  1.242   1.000 22.619  0 1   LCC A O2    1 ? 
HETATM 15  C  "C3'" . LCC A 1 1  ? 19.658  -5.562  3.422   1.000 27.233  0 1   LCC A "C3'" 1 ? 
HETATM 16  C  "C2'" . LCC A 1 1  ? 20.141  -6.478  2.333   1.000 27.612  0 1   LCC A "C2'" 1 ? 
HETATM 17  O  "O2'" . LCC A 1 1  ? 21.398  -5.922  1.867   1.000 33.269  0 1   LCC A "O2'" 1 ? 
HETATM 18  O  "O3'" . LCC A 1 1  ? 19.436  -4.170  3.058   1.000 26.917  0 1   LCC A "O3'" 1 ? 
HETATM 19  C  "C6'" . LCC A 1 1  ? 22.032  -5.352  3.073   1.000 29.517  0 1   LCC A "C6'" 1 ? 
HETATM 20  O  "O5'" . LCC A 1 2  ? 17.581  -4.323  1.413   1.000 16.570  0 2   LCC A "O5'" 1 ? 
HETATM 21  C  "C5'" . LCC A 1 2  ? 18.225  -4.176  0.175   1.000 15.312  0 2   LCC A "C5'" 1 ? 
HETATM 22  C  "C4'" . LCC A 1 2  ? 17.657  -5.335  -0.666  1.000 15.207  0 2   LCC A "C4'" 1 ? 
HETATM 23  O  "O4'" . LCC A 1 2  ? 17.915  -6.619  0.000   1.000 16.269  0 2   LCC A "O4'" 1 ? 
HETATM 24  C  "C1'" . LCC A 1 2  ? 16.989  -7.543  -0.547  1.000 14.403  0 2   LCC A "C1'" 1 ? 
HETATM 25  N  N1    . LCC A 1 2  ? 16.110  -8.077  0.516   1.000 14.158  0 2   LCC A N1    1 ? 
HETATM 26  C  C6    . LCC A 1 2  ? 16.057  -7.451  1.760   1.000 14.464  0 2   LCC A C6    1 ? 
HETATM 27  C  C5    . LCC A 1 2  ? 15.254  -7.971  2.728   1.000 13.991  0 2   LCC A C5    1 ? 
HETATM 28  C  C5M   . LCC A 1 2  ? 15.111  -7.374  4.018   1.000 17.326  0 2   LCC A C5M   1 ? 
HETATM 29  C  C4    . LCC A 1 2  ? 14.548  -9.130  2.420   1.000 14.649  0 2   LCC A C4    1 ? 
HETATM 30  N  N4    . LCC A 1 2  ? 13.729  -9.627  3.329   1.000 15.701  0 2   LCC A N4    1 ? 
HETATM 31  N  N3    . LCC A 1 2  ? 14.568  -9.718  1.232   1.000 13.451  0 2   LCC A N3    1 ? 
HETATM 32  C  C2    . LCC A 1 2  ? 15.350  -9.154  0.246   1.000 13.371  0 2   LCC A C2    1 ? 
HETATM 33  O  O2    . LCC A 1 2  ? 15.453  -9.635  -0.915  1.000 14.643  0 2   LCC A O2    1 ? 
HETATM 34  C  "C3'" . LCC A 1 2  ? 16.127  -5.387  -0.818  1.000 13.802  0 2   LCC A "C3'" 1 ? 
HETATM 35  C  "C2'" . LCC A 1 2  ? 16.242  -6.635  -1.552  1.000 13.777  0 2   LCC A "C2'" 1 ? 
HETATM 36  O  "O2'" . LCC A 1 2  ? 17.215  -6.403  -2.625  1.000 15.372  0 2   LCC A "O2'" 1 ? 
HETATM 37  O  "O3'" . LCC A 1 2  ? 15.718  -4.267  -1.600  1.000 14.616  0 2   LCC A "O3'" 1 ? 
HETATM 38  C  "C6'" . LCC A 1 2  ? 18.153  -5.342  -2.126  1.000 15.957  0 2   LCC A "C6'" 1 ? 
HETATM 39  P  P     . LCC A 1 2  ? 18.017  -3.475  2.724   1.000 20.898  0 2   LCC A P     1 ? 
HETATM 40  O  O1P   . LCC A 1 2  ? 16.994  -3.798  3.711   1.000 23.971  0 2   LCC A O1P   1 ? 
HETATM 41  O  O2P   . LCC A 1 2  ? 18.265  -2.093  2.357   1.000 22.399  0 2   LCC A O2P   1 ? 
HETATM 42  O  "O5'" . LCC A 1 3  ? 13.480  -5.021  -2.486  1.000 11.951  0 3   LCC A "O5'" 1 ? 
HETATM 43  C  "C5'" . LCC A 1 3  ? 13.899  -5.266  -3.858  1.000 11.821  0 3   LCC A "C5'" 1 ? 
HETATM 44  C  "C4'" . LCC A 1 3  ? 13.080  -6.538  -4.269  1.000 11.575  0 3   LCC A "C4'" 1 ? 
HETATM 45  O  "O4'" . LCC A 1 3  ? 13.445  -7.646  -3.371  1.000 11.426  0 3   LCC A "O4'" 1 ? 
HETATM 46  C  "C1'" . LCC A 1 3  ? 12.329  -8.557  -3.453  1.000 11.388  0 3   LCC A "C1'" 1 ? 
HETATM 47  N  N1    . LCC A 1 3  ? 11.779  -8.691  -2.038  1.000 10.837  0 3   LCC A N1    1 ? 
HETATM 48  C  C6    . LCC A 1 3  ? 12.149  -7.792  -1.038  1.000 12.330  0 3   LCC A C6    1 ? 
HETATM 49  C  C5    . LCC A 1 3  ? 11.705  -7.905  0.238   1.000 11.349  0 3   LCC A C5    1 ? 
HETATM 50  C  C5M   . LCC A 1 3  ? 12.061  -6.982  1.264   1.000 13.044  0 3   LCC A C5M   1 ? 
HETATM 51  C  C4    . LCC A 1 3  ? 10.862  -9.046  0.471   1.000 12.015  0 3   LCC A C4    1 ? 
HETATM 52  N  N4    . LCC A 1 3  ? 10.392  -9.304  1.680   1.000 11.642  0 3   LCC A N4    1 ? 
HETATM 53  N  N3    . LCC A 1 3  ? 10.486  -9.909  -0.519  1.000 11.078  0 3   LCC A N3    1 ? 
HETATM 54  C  C2    . LCC A 1 3  ? 10.923  -9.731  -1.772  1.000 11.324  0 3   LCC A C2    1 ? 
HETATM 55  O  O2    . LCC A 1 3  ? 10.579  -10.465 -2.713  1.000 12.064  0 3   LCC A O2    1 ? 
HETATM 56  C  "C3'" . LCC A 1 3  ? 11.597  -6.471  -4.043  1.000 10.734  0 3   LCC A "C3'" 1 ? 
HETATM 57  C  "C2'" . LCC A 1 3  ? 11.415  -7.947  -4.469  1.000 10.925  0 3   LCC A "C2'" 1 ? 
HETATM 58  O  "O2'" . LCC A 1 3  ? 12.101  -8.003  -5.723  1.000 11.457  0 3   LCC A "O2'" 1 ? 
HETATM 59  O  "O3'" . LCC A 1 3  ? 11.010  -5.575  -4.976  1.000 11.865  0 3   LCC A "O3'" 1 ? 
HETATM 60  C  "C6'" . LCC A 1 3  ? 13.209  -7.012  -5.690  1.000 11.353  0 3   LCC A "C6'" 1 ? 
HETATM 61  P  P     . LCC A 1 3  ? 14.185  -3.844  -1.669  1.000 14.010  0 3   LCC A P     1 ? 
HETATM 62  O  O1P   . LCC A 1 3  ? 13.579  -3.923  -0.324  1.000 14.950  0 3   LCC A O1P   1 ? 
HETATM 63  O  O2P   . LCC A 1 3  ? 14.107  -2.574  -2.397  1.000 15.390  0 3   LCC A O2P   1 ? 
HETATM 64  P  P     . LCG A 1 4  ? 9.682   -4.722  -4.631  1.000 10.591  0 4   LCG A P     1 ? 
HETATM 65  O  OP1   . LCG A 1 4  ? 9.542   -3.766  -5.771  1.000 11.586  0 4   LCG A OP1   1 ? 
HETATM 66  O  "O5'" . LCG A 1 4  ? 8.567   -5.807  -4.701  1.000 10.928  0 4   LCG A "O5'" 1 ? 
HETATM 67  C  "C5'" . LCG A 1 4  ? 8.253   -6.516  -5.906  1.000 10.464  0 4   LCG A "C5'" 1 ? 
HETATM 68  C  "C3'" . LCG A 1 4  ? 6.054   -7.208  -4.834  1.000 10.570  0 4   LCG A "C3'" 1 ? 
HETATM 69  C  "C6'" . LCG A 1 4  ? 6.699   -8.387  -6.743  1.000 11.263  0 4   LCG A "C6'" 1 ? 
HETATM 70  N  N9    . LCG A 1 4  ? 6.873   -8.953  -2.635  1.000 11.522  0 4   LCG A N9    1 ? 
HETATM 71  C  C8    . LCG A 1 4  ? 7.683   -8.043  -2.000  1.000 11.050  0 4   LCG A C8    1 ? 
HETATM 72  C  C4    . LCG A 1 4  ? 6.267   -9.646  -1.584  1.000 10.062  0 4   LCG A C4    1 ? 
HETATM 73  N  N7    . LCG A 1 4  ? 7.643   -8.093  -0.690  1.000 11.020  0 4   LCG A N7    1 ? 
HETATM 74  C  C5    . LCG A 1 4  ? 6.723   -9.106  -0.407  1.000 11.539  0 4   LCG A C5    1 ? 
HETATM 75  C  C6    . LCG A 1 4  ? 6.212   -9.639  0.771   1.000 10.718  0 4   LCG A C6    1 ? 
HETATM 76  C  "C2'" . LCG A 1 4  ? 5.567   -8.586  -4.728  1.000 11.233  0 4   LCG A "C2'" 1 ? 
HETATM 77  O  O6    . LCG A 1 4  ? 6.570   -9.320  1.922   1.000 12.456  0 4   LCG A O6    1 ? 
HETATM 78  C  "C4'" . LCG A 1 4  ? 7.255   -7.640  -5.594  1.000 11.017  0 4   LCG A "C4'" 1 ? 
HETATM 79  C  "C1'" . LCG A 1 4  ? 6.743   -9.217  -4.027  1.000 11.763  0 4   LCG A "C1'" 1 ? 
HETATM 80  C  C2    . LCG A 1 4  ? 4.869   -11.116 -0.614  1.000 10.890  0 4   LCG A C2    1 ? 
HETATM 81  N  N1    . LCG A 1 4  ? 5.292   -10.616 0.577   1.000 11.039  0 4   LCG A N1    1 ? 
HETATM 82  O  "O4'" . LCG A 1 4  ? 7.889   -8.524  -4.648  1.000 11.136  0 4   LCG A "O4'" 1 ? 
HETATM 83  O  OP2   . LCG A 1 4  ? 9.777   -4.212  -3.236  1.000 11.739  0 4   LCG A OP2   1 ? 
HETATM 84  N  N2    . LCG A 1 4  ? 3.906   -12.062 -0.608  1.000 11.782  0 4   LCG A N2    1 ? 
HETATM 85  N  N3    . LCG A 1 4  ? 5.312   -10.596 -1.748  1.000 11.625  0 4   LCG A N3    1 ? 
HETATM 86  O  "O2'" . LCG A 1 4  ? 5.576   -9.116  -6.048  1.000 12.009  0 4   LCG A "O2'" 1 ? 
HETATM 87  O  "O3'" . LCG A 1 4  ? 5.205   -6.380  -5.694  1.000 11.045  0 4   LCG A "O3'" 1 ? 
ATOM   88  P  P     . A   A 1 5  ? 4.157   -5.329  -5.150  1.000 11.337  0 5   A   A P     1 ? 
ATOM   89  O  OP1   . A   A 1 5  ? 3.830   -4.391  -6.318  1.000 11.668  0 5   A   A OP1   1 ? 
ATOM   90  O  OP2   . A   A 1 5  ? 4.554   -4.715  -3.873  1.000 12.468  0 5   A   A OP2   1 ? 
ATOM   91  O  "O5'" . A   A 1 5  ? 2.873   -6.213  -4.770  1.000 11.186  0 5   A   A "O5'" 1 ? 
ATOM   92  C  "C5'" . A   A 1 5  ? 2.204   -6.991  -5.770  1.000 11.366  0 5   A   A "C5'" 1 ? 
ATOM   93  C  "C4'" . A   A 1 5  ? 1.274   -7.939  -5.051  1.000 10.807  0 5   A   A "C4'" 1 ? 
ATOM   94  O  "O4'" . A   A 1 5  ? 2.021   -8.932  -4.276  1.000 10.947  0 5   A   A "O4'" 1 ? 
ATOM   95  C  "C3'" . A   A 1 5  ? 0.320   -7.333  -4.017  1.000 10.121  0 5   A   A "C3'" 1 ? 
ATOM   96  O  "O3'" . A   A 1 5  ? -0.801  -6.719  -4.661  1.000 10.481  0 5   A   A "O3'" 1 ? 
ATOM   97  C  "C2'" . A   A 1 5  ? -0.019  -8.599  -3.233  1.000 10.379  0 5   A   A "C2'" 1 ? 
ATOM   98  O  "O2'" . A   A 1 5  ? -0.899  -9.365  -4.030  1.000 10.566  0 5   A   A "O2'" 1 ? 
ATOM   99  C  "C1'" . A   A 1 5  ? 1.355   -9.208  -3.066  1.000 10.601  0 5   A   A "C1'" 1 ? 
ATOM   100 N  N9    . A   A 1 5  ? 2.088   -8.640  -1.941  1.000 10.661  0 5   A   A N9    1 ? 
ATOM   101 C  C8    . A   A 1 5  ? 3.099   -7.703  -1.975  1.000 11.129  0 5   A   A C8    1 ? 
ATOM   102 N  N7    . A   A 1 5  ? 3.612   -7.407  -0.831  1.000 11.277  0 5   A   A N7    1 ? 
ATOM   103 C  C5    . A   A 1 5  ? 2.871   -8.192  0.039   1.000 10.722  0 5   A   A C5    1 ? 
ATOM   104 C  C6    . A   A 1 5  ? 2.989   -8.325  1.423   1.000 11.549  0 5   A   A C6    1 ? 
ATOM   105 N  N6    . A   A 1 5  ? 3.854   -7.623  2.151   1.000 12.043  0 5   A   A N6    1 ? 
ATOM   106 N  N1    . A   A 1 5  ? 2.154   -9.207  2.029   1.000 12.053  0 5   A   A N1    1 ? 
ATOM   107 C  C2    . A   A 1 5  ? 1.307   -9.894  1.265   1.000 11.140  0 5   A   A C2    1 ? 
ATOM   108 N  N3    . A   A 1 5  ? 1.094   -9.849  -0.051  1.000 11.009  0 5   A   A N3    1 ? 
ATOM   109 C  C4    . A   A 1 5  ? 1.946   -8.963  -0.607  1.000 10.291  0 5   A   A C4    1 ? 
ATOM   110 P  P     . C   A 1 6  ? -1.505  -5.473  -3.969  1.000 10.722  0 6   C   A P     1 ? 
ATOM   111 O  OP1   . C   A 1 6  ? -2.470  -4.945  -4.983  1.000 10.713  0 6   C   A OP1   1 ? 
ATOM   112 O  OP2   . C   A 1 6  ? -0.481  -4.561  -3.402  1.000 11.639  0 6   C   A OP2   1 ? 
ATOM   113 O  "O5'" . C   A 1 6  ? -2.287  -6.084  -2.725  1.000 10.426  0 6   C   A "O5'" 1 ? 
ATOM   114 C  "C5'" . C   A 1 6  ? -3.295  -7.132  -2.882  1.000 10.231  0 6   C   A "C5'" 1 ? 
ATOM   115 C  "C4'" . C   A 1 6  ? -3.535  -7.800  -1.547  1.000 10.770  0 6   C   A "C4'" 1 ? 
ATOM   116 O  "O4'" . C   A 1 6  ? -2.285  -8.306  -0.995  1.000 11.072  0 6   C   A "O4'" 1 ? 
ATOM   117 C  "C3'" . C   A 1 6  ? -4.055  -6.876  -0.437  1.000 10.467  0 6   C   A "C3'" 1 ? 
ATOM   118 O  "O3'" . C   A 1 6  ? -5.457  -6.699  -0.599  1.000 10.710  0 6   C   A "O3'" 1 ? 
ATOM   119 C  "C2'" . C   A 1 6  ? -3.660  -7.683  0.800   1.000 11.353  0 6   C   A "C2'" 1 ? 
ATOM   120 O  "O2'" . C   A 1 6  ? -4.549  -8.773  0.912   1.000 12.277  0 6   C   A "O2'" 1 ? 
ATOM   121 C  "C1'" . C   A 1 6  ? -2.268  -8.180  0.424   1.000 11.695  0 6   C   A "C1'" 1 ? 
ATOM   122 N  N1    . C   A 1 6  ? -1.190  -7.242  0.825   1.000 11.340  0 6   C   A N1    1 ? 
ATOM   123 C  C2    . C   A 1 6  ? -0.750  -7.300  2.165   1.000 12.195  0 6   C   A C2    1 ? 
ATOM   124 O  O2    . C   A 1 6  ? -1.358  -8.058  2.951   1.000 13.302  0 6   C   A O2    1 ? 
ATOM   125 N  N3    . C   A 1 6  ? 0.262   -6.480  2.557   1.000 12.015  0 6   C   A N3    1 ? 
ATOM   126 C  C4    . C   A 1 6  ? 0.864   -5.692  1.657   1.000 11.210  0 6   C   A C4    1 ? 
ATOM   127 N  N4    . C   A 1 6  ? 1.895   -4.972  2.064   1.000 11.066  0 6   C   A N4    1 ? 
ATOM   128 C  C5    . C   A 1 6  ? 0.425   -5.594  0.290   1.000 10.146  0 6   C   A C5    1 ? 
ATOM   129 C  C6    . C   A 1 6  ? -0.575  -6.413  -0.075  1.000 10.923  0 6   C   A C6    1 ? 
ATOM   130 P  P     . U   A 1 7  ? -6.171  -5.403  -0.018  1.000 11.212  0 7   U   A P     1 ? 
ATOM   131 O  OP1   . U   A 1 7  ? -7.598  -5.546  -0.416  1.000 11.451  0 7   U   A OP1   1 ? 
ATOM   132 O  OP2   . U   A 1 7  ? -5.417  -4.194  -0.375  1.000 10.816  0 7   U   A OP2   1 ? 
ATOM   133 O  "O5'" . U   A 1 7  ? -6.043  -5.549  1.590   1.000 11.451  0 7   U   A "O5'" 1 ? 
ATOM   134 C  "C5'" . U   A 1 7  ? -6.782  -6.572  2.283   1.000 12.400  0 7   U   A "C5'" 1 ? 
ATOM   135 C  "C4'" . U   A 1 7  ? -6.396  -6.502  3.744   1.000 13.188  0 7   U   A "C4'" 1 ? 
ATOM   136 O  "O4'" . U   A 1 7  ? -5.001  -6.752  3.950   1.000 12.573  0 7   U   A "O4'" 1 ? 
ATOM   137 C  "C3'" . U   A 1 7  ? -6.614  -5.132  4.405   1.000 13.150  0 7   U   A "C3'" 1 ? 
ATOM   138 O  "O3'" . U   A 1 7  ? -7.992  -4.928  4.600   1.000 15.580  0 7   U   A "O3'" 1 ? 
ATOM   139 C  "C2'" . U   A 1 7  ? -5.774  -5.271  5.671   1.000 12.955  0 7   U   A "C2'" 1 ? 
ATOM   140 O  "O2'" . U   A 1 7  ? -6.420  -6.130  6.600   1.000 15.326  0 7   U   A "O2'" 1 ? 
ATOM   141 C  "C1'" . U   A 1 7  ? -4.567  -5.975  5.078   1.000 13.052  0 7   U   A "C1'" 1 ? 
ATOM   142 N  N1    . U   A 1 7  ? -3.481  -5.110  4.630   1.000 12.813  0 7   U   A N1    1 ? 
ATOM   143 C  C2    . U   A 1 7  ? -2.630  -4.614  5.603   1.000 13.607  0 7   U   A C2    1 ? 
ATOM   144 O  O2    . U   A 1 7  ? -2.890  -4.770  6.769   1.000 14.456  0 7   U   A O2    1 ? 
ATOM   145 N  N3    . U   A 1 7  ? -1.534  -3.922  5.173   1.000 12.951  0 7   U   A N3    1 ? 
ATOM   146 C  C4    . U   A 1 7  ? -1.213  -3.671  3.874   1.000 13.470  0 7   U   A C4    1 ? 
ATOM   147 O  O4    . U   A 1 7  ? -0.182  -3.067  3.591   1.000 14.724  0 7   U   A O4    1 ? 
ATOM   148 C  C5    . U   A 1 7  ? -2.183  -4.136  2.909   1.000 12.872  0 7   U   A C5    1 ? 
ATOM   149 C  C6    . U   A 1 7  ? -3.254  -4.835  3.305   1.000 12.010  0 7   U   A C6    1 ? 
ATOM   150 P  P     . U   A 1 8  ? -8.625  -3.515  4.426   1.000 15.581  0 8   U   A P     1 ? 
ATOM   151 O  OP1   . U   A 1 8  ? -10.115 -3.754  4.625   1.000 18.188  0 8   U   A OP1   1 ? 
ATOM   152 O  OP2   . U   A 1 8  ? -8.115  -2.845  3.189   1.000 16.641  0 8   U   A OP2   1 ? 
ATOM   153 O  "O5'" . U   A 1 8  ? -8.052  -2.621  5.644   1.000 13.608  0 8   U   A "O5'" 1 ? 
ATOM   154 C  "C5'" . U   A 1 8  ? -8.556  -2.953  6.977   1.000 14.843  0 8   U   A "C5'" 1 ? 
ATOM   155 C  "C4'" . U   A 1 8  ? -7.688  -2.209  7.959   1.000 14.014  0 8   U   A "C4'" 1 ? 
ATOM   156 O  "O4'" . U   A 1 8  ? -6.330  -2.714  7.941   1.000 13.589  0 8   U   A "O4'" 1 ? 
ATOM   157 C  "C3'" . U   A 1 8  ? -7.509  -0.701  7.729   1.000 14.240  0 8   U   A "C3'" 1 ? 
ATOM   158 O  "O3'" . U   A 1 8  ? -8.687  0.026   8.047   1.000 15.295  0 8   U   A "O3'" 1 ? 
ATOM   159 C  "C2'" . U   A 1 8  ? -6.301  -0.446  8.605   1.000 13.993  0 8   U   A "C2'" 1 ? 
ATOM   160 O  "O2'" . U   A 1 8  ? -6.653  -0.465  9.988   1.000 15.402  0 8   U   A "O2'" 1 ? 
ATOM   161 C  "C1'" . U   A 1 8  ? -5.442  -1.663  8.261   1.000 13.361  0 8   U   A "C1'" 1 ? 
ATOM   162 N  N1    . U   A 1 8  ? -4.534  -1.382  7.125   1.000 13.655  0 8   U   A N1    1 ? 
ATOM   163 C  C2    . U   A 1 8  ? -3.332  -0.786  7.451   1.000 12.939  0 8   U   A C2    1 ? 
ATOM   164 O  O2    . U   A 1 8  ? -3.036  -0.423  8.598   1.000 15.115  0 8   U   A O2    1 ? 
ATOM   165 N  N3    . U   A 1 8  ? -2.485  -0.566  6.407   1.000 12.507  0 8   U   A N3    1 ? 
ATOM   166 C  C4    . U   A 1 8  ? -2.775  -0.834  5.078   1.000 12.989  0 8   U   A C4    1 ? 
ATOM   167 O  O4    . U   A 1 8  ? -1.945  -0.525  4.237   1.000 13.730  0 8   U   A O4    1 ? 
ATOM   168 C  C5    . U   A 1 8  ? -4.047  -1.443  4.803   1.000 14.060  0 8   U   A C5    1 ? 
ATOM   169 C  C6    . U   A 1 8  ? -4.868  -1.720  5.835   1.000 13.153  0 8   U   A C6    1 ? 
ATOM   170 P  P     . A   A 1 9  ? -9.044  1.360   7.259   1.000 16.190  0 9   A   A P     1 ? 
ATOM   171 O  OP1   . A   A 1 9  ? -10.402 1.790   7.749   1.000 16.885  0 9   A   A OP1   1 ? 
ATOM   172 O  OP2   . A   A 1 9  ? -8.819  1.192   5.807   1.000 17.974  0 9   A   A OP2   1 ? 
ATOM   173 O  "O5'" . A   A 1 9  ? -7.983  2.407   7.770   1.000 14.557  0 9   A   A "O5'" 1 ? 
ATOM   174 C  "C5'" . A   A 1 9  ? -7.996  2.822   9.153   1.000 15.134  0 9   A   A "C5'" 1 ? 
ATOM   175 C  "C4'" . A   A 1 9  ? -6.757  3.625   9.453   1.000 14.874  0 9   A   A "C4'" 1 ? 
ATOM   176 O  "O4'" . A   A 1 9  ? -5.585  2.800   9.219   1.000 14.344  0 9   A   A "O4'" 1 ? 
ATOM   177 C  "C3'" . A   A 1 9  ? -6.490  4.838   8.572   1.000 14.143  0 9   A   A "C3'" 1 ? 
ATOM   178 O  "O3'" . A   A 1 9  ? -7.258  5.936   9.042   1.000 15.319  0 9   A   A "O3'" 1 ? 
ATOM   179 C  "C2'" . A   A 1 9  ? -5.027  5.058   8.843   1.000 14.290  0 9   A   A "C2'" 1 ? 
ATOM   180 O  "O2'" . A   A 1 9  ? -4.837  5.551   10.139  1.000 15.384  0 9   A   A "O2'" 1 ? 
ATOM   181 C  "C1'" . A   A 1 9  ? -4.519  3.623   8.776   1.000 14.066  0 9   A   A "C1'" 1 ? 
ATOM   182 N  N9    . A   A 1 9  ? -4.113  3.209   7.432   1.000 12.484  0 9   A   A N9    1 ? 
ATOM   183 C  C8    . A   A 1 9  ? -4.769  2.436   6.514   1.000 13.403  0 9   A   A C8    1 ? 
ATOM   184 N  N7    . A   A 1 9  ? -4.101  2.220   5.395   1.000 13.862  0 9   A   A N7    1 ? 
ATOM   185 C  C5    . A   A 1 9  ? -2.923  2.921   5.606   1.000 13.503  0 9   A   A C5    1 ? 
ATOM   186 C  C6    . A   A 1 9  ? -1.753  3.089   4.804   1.000 12.548  0 9   A   A C6    1 ? 
ATOM   187 N  N6    . A   A 1 9  ? -1.576  2.555   3.609   1.000 14.071  0 9   A   A N6    1 ? 
ATOM   188 N  N1    . A   A 1 9  ? -0.750  3.822   5.329   1.000 13.649  0 9   A   A N1    1 ? 
ATOM   189 C  C2    . A   A 1 9  ? -0.874  4.349   6.546   1.000 13.642  0 9   A   A C2    1 ? 
ATOM   190 N  N3    . A   A 1 9  ? -1.927  4.273   7.377   1.000 12.553  0 9   A   A N3    1 ? 
ATOM   191 C  C4    . A   A 1 9  ? -2.899  3.506   6.854   1.000 13.931  0 9   A   A C4    1 ? 
ATOM   192 P  P     . A   A 1 10 ? -7.697  7.120   8.070   1.000 16.729  0 10  A   A P     1 ? 
ATOM   193 O  OP1   . A   A 1 10 ? -8.684  7.979   8.767   1.000 18.810  0 10  A   A OP1   1 ? 
ATOM   194 O  OP2   . A   A 1 10 ? -7.983  6.601   6.767   1.000 16.048  0 10  A   A OP2   1 ? 
ATOM   195 O  "O5'" . A   A 1 10 ? -6.376  7.996   7.754   1.000 13.685  0 10  A   A "O5'" 1 ? 
ATOM   196 C  "C5'" . A   A 1 10 ? -5.954  8.844   8.779   1.000 15.052  0 10  A   A "C5'" 1 ? 
ATOM   197 C  "C4'" . A   A 1 10 ? -4.608  9.398   8.437   1.000 14.231  0 10  A   A "C4'" 1 ? 
ATOM   198 O  "O4'" . A   A 1 10 ? -3.641  8.325   8.292   1.000 13.014  0 10  A   A "O4'" 1 ? 
ATOM   199 C  "C3'" . A   A 1 10 ? -4.446  10.138  7.115   1.000 13.080  0 10  A   A "C3'" 1 ? 
ATOM   200 O  "O3'" . A   A 1 10 ? -4.991  11.441  7.264   1.000 14.096  0 10  A   A "O3'" 1 ? 
ATOM   201 C  "C2'" . A   A 1 10 ? -2.931  10.117  6.977   1.000 13.321  0 10  A   A "C2'" 1 ? 
ATOM   202 O  "O2'" . A   A 1 10 ? -2.426  10.987  7.972   1.000 13.690  0 10  A   A "O2'" 1 ? 
ATOM   203 C  "C1'" . A   A 1 10 ? -2.652  8.668   7.333   1.000 11.647  0 10  A   A "C1'" 1 ? 
ATOM   204 N  N9    . A   A 1 10 ? -2.809  7.791   6.169   1.000 12.141  0 10  A   A N9    1 ? 
ATOM   205 C  C8    . A   A 1 10 ? -3.861  6.988   5.816   1.000 12.492  0 10  A   A C8    1 ? 
ATOM   206 N  N7    . A   A 1 10 ? -3.671  6.334   4.695   1.000 12.574  0 10  A   A N7    1 ? 
ATOM   207 C  C5    . A   A 1 10 ? -2.400  6.688   4.315   1.000 11.769  0 10  A   A C5    1 ? 
ATOM   208 C  C6    . A   A 1 10 ? -1.611  6.340   3.206   1.000 12.064  0 10  A   A C6    1 ? 
ATOM   209 N  N6    . A   A 1 10 ? -1.953  5.475   2.274   1.000 12.914  0 10  A   A N6    1 ? 
ATOM   210 N  N1    . A   A 1 10 ? -0.384  6.905   3.091   1.000 12.701  0 10  A   A N1    1 ? 
ATOM   211 C  C2    . A   A 1 10 ? -0.005  7.796   4.023   1.000 13.001  0 10  A   A C2    1 ? 
ATOM   212 N  N3    . A   A 1 10 ? -0.668  8.202   5.109   1.000 11.596  0 10  A   A N3    1 ? 
ATOM   213 C  C4    . A   A 1 10 ? -1.837  7.560   5.225   1.000 11.872  0 10  A   A C4    1 ? 
ATOM   214 P  P     . G   A 1 11 ? -5.552  12.215  5.968   1.000 15.763  0 11  G   A P     1 ? 
ATOM   215 O  OP1   . G   A 1 11 ? -6.113  13.508  6.485   1.000 19.362  0 11  G   A OP1   1 ? 
ATOM   216 O  OP2   . G   A 1 11 ? -6.435  11.301  5.211   1.000 18.333  0 11  G   A OP2   1 ? 
ATOM   217 O  "O5'" . G   A 1 11 ? -4.252  12.508  5.082   1.000 15.608  0 11  G   A "O5'" 1 ? 
ATOM   218 C  "C5'" . G   A 1 11 ? -3.266  13.398  5.624   1.000 17.035  0 11  G   A "C5'" 1 ? 
ATOM   219 C  "C4'" . G   A 1 11 ? -2.045  13.347  4.716   1.000 15.835  0 11  G   A "C4'" 1 ? 
ATOM   220 O  "O4'" . G   A 1 11 ? -1.512  11.996  4.683   1.000 15.369  0 11  G   A "O4'" 1 ? 
ATOM   221 C  "C3'" . G   A 1 11 ? -2.260  13.689  3.231   1.000 16.114  0 11  G   A "C3'" 1 ? 
ATOM   222 O  "O3'" . G   A 1 11 ? -2.322  15.100  3.019   1.000 17.857  0 11  G   A "O3'" 1 ? 
ATOM   223 C  "C2'" . G   A 1 11 ? -0.990  13.063  2.651   1.000 17.293  0 11  G   A "C2'" 1 ? 
ATOM   224 O  "O2'" . G   A 1 11 ? 0.157   13.811  2.958   1.000 17.643  0 11  G   A "O2'" 1 ? 
ATOM   225 C  "C1'" . G   A 1 11 ? -0.977  11.733  3.391   1.000 14.891  0 11  G   A "C1'" 1 ? 
ATOM   226 N  N9    . G   A 1 11 ? -1.761  10.702  2.736   1.000 14.433  0 11  G   A N9    1 ? 
ATOM   227 C  C8    . G   A 1 11 ? -2.998  10.228  3.041   1.000 13.431  0 11  G   A C8    1 ? 
ATOM   228 N  N7    . G   A 1 11 ? -3.402  9.266   2.254   1.000 13.734  0 11  G   A N7    1 ? 
ATOM   229 C  C5    . G   A 1 11 ? -2.336  9.100   1.352   1.000 13.173  0 11  G   A C5    1 ? 
ATOM   230 C  C6    . G   A 1 11 ? -2.156  8.221   0.249   1.000 12.214  0 11  G   A C6    1 ? 
ATOM   231 O  O6    . G   A 1 11 ? -2.911  7.350   -0.182  1.000 13.103  0 11  G   A O6    1 ? 
ATOM   232 N  N1    . G   A 1 11 ? -0.959  8.476   -0.406  1.000 12.878  0 11  G   A N1    1 ? 
ATOM   233 C  C2    . G   A 1 11 ? -0.007  9.393   -0.066  1.000 12.814  0 11  G   A C2    1 ? 
ATOM   234 N  N2    . G   A 1 11 ? 1.103   9.482   -0.821  1.000 13.528  0 11  G   A N2    1 ? 
ATOM   235 N  N3    . G   A 1 11 ? -0.163  10.207  0.984   1.000 13.440  0 11  G   A N3    1 ? 
ATOM   236 C  C4    . G   A 1 11 ? -1.335  9.993   1.622   1.000 13.525  0 11  G   A C4    1 ? 
ATOM   237 P  P     . U   A 1 12 ? -3.035  15.710  1.747   1.000 18.750  0 12  U   A P     1 ? 
ATOM   238 O  OP1   . U   A 1 12 ? -3.095  17.196  2.038   1.000 22.548  0 12  U   A OP1   1 ? 
ATOM   239 O  OP2   . U   A 1 12 ? -4.301  15.044  1.408   1.000 20.057  0 12  U   A OP2   1 ? 
ATOM   240 O  "O5'" . U   A 1 12 ? -2.085  15.390  0.497   1.000 17.855  0 12  U   A "O5'" 1 ? 
ATOM   241 C  "C5'" . U   A 1 12 ? -0.794  15.969  0.446   1.000 17.985  0 12  U   A "C5'" 1 ? 
ATOM   242 C  "C4'" . U   A 1 12 ? -0.067  15.412  -0.754  1.000 17.168  0 12  U   A "C4'" 1 ? 
ATOM   243 O  "O4'" . U   A 1 12 ? 0.192   13.997  -0.560  1.000 16.463  0 12  U   A "O4'" 1 ? 
ATOM   244 C  "C3'" . U   A 1 12 ? -0.802  15.500  -2.098  1.000 18.063  0 12  U   A "C3'" 1 ? 
ATOM   245 O  "O3'" . U   A 1 12 ? -0.796  16.829  -2.696  1.000 20.224  0 12  U   A "O3'" 1 ? 
ATOM   246 C  "C2'" . U   A 1 12 ? 0.020   14.474  -2.877  1.000 17.766  0 12  U   A "C2'" 1 ? 
ATOM   247 O  "O2'" . U   A 1 12 ? 1.295   14.971  -3.219  1.000 19.333  0 12  U   A "O2'" 1 ? 
ATOM   248 C  "C1'" . U   A 1 12 ? 0.141   13.361  -1.836  1.000 16.509  0 12  U   A "C1'" 1 ? 
ATOM   249 N  N1    . U   A 1 12 ? -0.998  12.406  -1.861  1.000 15.346  0 12  U   A N1    1 ? 
ATOM   250 C  C2    . U   A 1 12 ? -1.010  11.416  -2.838  1.000 14.160  0 12  U   A C2    1 ? 
ATOM   251 O  O2    . U   A 1 12 ? -0.123  11.343  -3.665  1.000 16.198  0 12  U   A O2    1 ? 
ATOM   252 N  N3    . U   A 1 12 ? -2.066  10.554  -2.779  1.000 14.683  0 12  U   A N3    1 ? 
ATOM   253 C  C4    . U   A 1 12 ? -3.121  10.601  -1.901  1.000 14.388  0 12  U   A C4    1 ? 
ATOM   254 O  O4    . U   A 1 12 ? -3.999  9.749   -1.962  1.000 15.269  0 12  U   A O4    1 ? 
ATOM   255 C  C5    . U   A 1 12 ? -3.076  11.680  -0.956  1.000 14.070  0 12  U   A C5    1 ? 
ATOM   256 C  C6    . U   A 1 12 ? -2.039  12.520  -0.976  1.000 13.828  0 12  U   A C6    1 ? 
ATOM   257 P  P     . C   A 1 13 ? -2.034  17.282  -3.577  1.000 20.495  0 13  C   A P     1 ? 
ATOM   258 O  OP1   . C   A 1 13 ? -1.661  18.697  -3.951  1.000 21.903  0 13  C   A OP1   1 ? 
ATOM   259 O  OP2   . C   A 1 13 ? -3.375  16.956  -3.056  1.000 20.484  0 13  C   A OP2   1 ? 
ATOM   260 O  "O5'" . C   A 1 13 ? -1.899  16.344  -4.875  1.000 18.507  0 13  C   A "O5'" 1 ? 
ATOM   261 C  "C5'" . C   A 1 13 ? -0.719  16.470  -5.703  1.000 19.722  0 13  C   A "C5'" 1 ? 
ATOM   262 C  "C4'" . C   A 1 13 ? -0.740  15.350  -6.714  1.000 17.783  0 13  C   A "C4'" 1 ? 
ATOM   263 O  "O4'" . C   A 1 13 ? -0.658  14.059  -6.031  1.000 17.514  0 13  C   A "O4'" 1 ? 
ATOM   264 C  "C3'" . C   A 1 13 ? -1.970  15.233  -7.611  1.000 16.936  0 13  C   A "C3'" 1 ? 
ATOM   265 O  "O3'" . C   A 1 13 ? -2.022  16.172  -8.685  1.000 18.766  0 13  C   A "O3'" 1 ? 
ATOM   266 C  "C2'" . C   A 1 13 ? -1.799  13.778  -8.087  1.000 15.290  0 13  C   A "C2'" 1 ? 
ATOM   267 O  "O2'" . C   A 1 13 ? -0.729  13.623  -8.991  1.000 16.595  0 13  C   A "O2'" 1 ? 
ATOM   268 C  "C1'" . C   A 1 13 ? -1.382  13.099  -6.785  1.000 16.414  0 13  C   A "C1'" 1 ? 
ATOM   269 N  N1    . C   A 1 13 ? -2.548  12.611  -6.005  1.000 15.137  0 13  C   A N1    1 ? 
ATOM   270 C  C2    . C   A 1 13 ? -3.140  11.403  -6.423  1.000 14.337  0 13  C   A C2    1 ? 
ATOM   271 O  O2    . C   A 1 13 ? -2.638  10.816  -7.384  1.000 15.028  0 13  C   A O2    1 ? 
ATOM   272 N  N3    . C   A 1 13 ? -4.224  10.930  -5.758  1.000 13.825  0 13  C   A N3    1 ? 
ATOM   273 C  C4    . C   A 1 13 ? -4.747  11.659  -4.747  1.000 13.857  0 13  C   A C4    1 ? 
ATOM   274 N  N4    . C   A 1 13 ? -5.823  11.198  -4.140  1.000 14.721  0 13  C   A N4    1 ? 
ATOM   275 C  C5    . C   A 1 13 ? -4.180  12.906  -4.342  1.000 14.012  0 13  C   A C5    1 ? 
ATOM   276 C  C6    . C   A 1 13 ? -3.099  13.332  -4.998  1.000 15.424  0 13  C   A C6    1 ? 
ATOM   277 P  P     . G   A 1 14 ? -3.452  16.673  -9.183  1.000 20.643  0 14  G   A P     1 ? 
ATOM   278 O  OP1   . G   A 1 14 ? -3.163  17.740  -10.200 1.000 25.630  0 14  G   A OP1   1 ? 
ATOM   279 O  OP2   . G   A 1 14 ? -4.287  16.970  -8.007  1.000 21.802  0 14  G   A OP2   1 ? 
ATOM   280 O  "O5'" . G   A 1 14 ? -4.093  15.389  -9.878  1.000 18.415  0 14  G   A "O5'" 1 ? 
ATOM   281 C  "C5'" . G   A 1 14 ? -3.502  14.960  -11.117 1.000 18.569  0 14  G   A "C5'" 1 ? 
ATOM   282 C  "C4'" . G   A 1 14 ? -4.196  13.695  -11.525 1.000 17.805  0 14  G   A "C4'" 1 ? 
ATOM   283 O  "O4'" . G   A 1 14 ? -4.037  12.655  -10.533 1.000 15.958  0 14  G   A "O4'" 1 ? 
ATOM   284 C  "C3'" . G   A 1 14 ? -5.704  13.778  -11.671 1.000 18.482  0 14  G   A "C3'" 1 ? 
ATOM   285 O  "O3'" . G   A 1 14 ? -5.998  14.497  -12.861 1.000 20.689  0 14  G   A "O3'" 1 ? 
ATOM   286 C  "C2'" . G   A 1 14 ? -6.032  12.290  -11.749 1.000 17.175  0 14  G   A "C2'" 1 ? 
ATOM   287 O  "O2'" . G   A 1 14 ? -5.636  11.745  -12.991 1.000 17.966  0 14  G   A "O2'" 1 ? 
ATOM   288 C  "C1'" . G   A 1 14 ? -5.131  11.764  -10.624 1.000 15.809  0 14  G   A "C1'" 1 ? 
ATOM   289 N  N9    . G   A 1 14 ? -5.830  11.718  -9.340  1.000 14.677  0 14  G   A N9    1 ? 
ATOM   290 C  C8    . G   A 1 14 ? -5.875  12.646  -8.331  1.000 15.499  0 14  G   A C8    1 ? 
ATOM   291 N  N7    . G   A 1 14 ? -6.720  12.339  -7.374  1.000 14.923  0 14  G   A N7    1 ? 
ATOM   292 C  C5    . G   A 1 14 ? -7.289  11.137  -7.806  1.000 15.149  0 14  G   A C5    1 ? 
ATOM   293 C  C6    . G   A 1 14 ? -8.303  10.334  -7.215  1.000 13.292  0 14  G   A C6    1 ? 
ATOM   294 O  O6    . G   A 1 14 ? -8.864  10.469  -6.111  1.000 15.609  0 14  G   A O6    1 ? 
ATOM   295 N  N1    . G   A 1 14 ? -8.592  9.224   -8.010  1.000 14.474  0 14  G   A N1    1 ? 
ATOM   296 C  C2    . G   A 1 14 ? -8.037  8.951   -9.239  1.000 13.807  0 14  G   A C2    1 ? 
ATOM   297 N  N2    . G   A 1 14 ? -8.456  7.824   -9.852  1.000 15.766  0 14  G   A N2    1 ? 
ATOM   298 N  N3    . G   A 1 14 ? -7.074  9.678   -9.782  1.000 13.974  0 14  G   A N3    1 ? 
ATOM   299 C  C4    . G   A 1 14 ? -6.783  10.786  -9.034  1.000 14.396  0 14  G   A C4    1 ? 
HETATM 300 P  P     . G46 A 1 15 ? -7.480  15.184  -12.937 1.000 21.698  0 15  G46 A P     1 ? 
HETATM 301 O  O1P   . G46 A 1 15 ? -7.440  15.988  -14.213 1.000 27.863  0 15  G46 A O1P   1 ? 
HETATM 302 S  S2P   . G46 A 1 15 ? -7.920  16.131  -11.379 1.000 24.949  0 15  G46 A S2P   1 ? 
HETATM 303 O  "O5'" . G46 A 1 15 ? -8.384  14.024  -13.155 1.000 21.065  0 15  G46 A "O5'" 1 ? 
HETATM 304 C  "C5'" . G46 A 1 15 ? -9.698  13.855  -12.886 1.000 25.749  0 15  G46 A "C5'" 1 ? 
HETATM 305 C  "C4'" . G46 A 1 15 ? -9.994  12.435  -13.310 1.000 25.368  0 15  G46 A "C4'" 1 ? 
HETATM 306 O  "O4'" . G46 A 1 15 ? -9.288  11.546  -12.326 1.000 24.028  0 15  G46 A "O4'" 1 ? 
HETATM 307 C  "C3'" . G46 A 1 15 ? -11.446 12.199  -13.153 1.000 25.387  0 15  G46 A "C3'" 1 ? 
HETATM 308 O  "O3'" . G46 A 1 15 ? -11.984 12.305  -14.461 1.000 25.648  0 15  G46 A "O3'" 1 ? 
HETATM 309 C  "C2'" . G46 A 1 15 ? -11.522 10.775  -12.687 1.000 24.160  0 15  G46 A "C2'" 1 ? 
HETATM 310 C  "C1'" . G46 A 1 15 ? -10.297 10.675  -11.768 1.000 21.235  0 15  G46 A "C1'" 1 ? 
HETATM 311 O  "O2'" . G46 A 1 15 ? -11.422 9.905   -13.838 1.000 23.386  0 15  G46 A "O2'" 1 ? 
HETATM 312 N  N9    . G46 A 1 15 ? -10.553 11.133  -10.406 1.000 19.752  0 15  G46 A N9    1 ? 
HETATM 313 C  C8    . G46 A 1 15 ? -10.070 12.166  -9.720  1.000 21.154  0 15  G46 A C8    1 ? 
HETATM 314 N  N7    . G46 A 1 15 ? -10.604 12.153  -8.520  1.000 19.420  0 15  G46 A N7    1 ? 
HETATM 315 C  C5    . G46 A 1 15 ? -11.374 11.116  -8.417  1.000 18.075  0 15  G46 A C5    1 ? 
HETATM 316 C  C6    . G46 A 1 15 ? -12.144 10.652  -7.440  1.000 16.108  0 15  G46 A C6    1 ? 
HETATM 317 O  O6    . G46 A 1 15 ? -12.327 11.083  -6.301  1.000 18.983  0 15  G46 A O6    1 ? 
HETATM 318 N  N1    . G46 A 1 15 ? -12.933 9.512   -7.715  1.000 17.505  0 15  G46 A N1    1 ? 
HETATM 319 C  C2    . G46 A 1 15 ? -12.848 8.839   -8.971  1.000 15.727  0 15  G46 A C2    1 ? 
HETATM 320 N  N2    . G46 A 1 15 ? -13.663 7.764   -9.036  1.000 18.403  0 15  G46 A N2    1 ? 
HETATM 321 N  N3    . G46 A 1 15 ? -12.050 9.350   -9.921  1.000 17.744  0 15  G46 A N3    1 ? 
HETATM 322 C  C4    . G46 A 1 15 ? -11.345 10.474  -9.606  1.000 16.719  0 15  G46 A C4    1 ? 
HETATM 323 O  "O5'" . LCC B 1 1  ? -21.025 7.266   1.748   1.000 30.873  0 1   LCC B "O5'" 1 ? 
HETATM 324 C  "C5'" . LCC B 1 1  ? -21.855 6.398   0.978   1.000 29.026  0 1   LCC B "C5'" 1 ? 
HETATM 325 C  "C4'" . LCC B 1 1  ? -21.307 6.666   -0.410  1.000 26.588  0 1   LCC B "C4'" 1 ? 
HETATM 326 O  "O4'" . LCC B 1 1  ? -21.308 8.056   -0.857  1.000 25.857  0 1   LCC B "O4'" 1 ? 
HETATM 327 C  "C1'" . LCC B 1 1  ? -20.389 8.150   -2.031  1.000 20.334  0 1   LCC B "C1'" 1 ? 
HETATM 328 N  N1    . LCC B 1 1  ? -19.355 9.214   -1.953  1.000 20.834  0 1   LCC B N1    1 ? 
HETATM 329 C  C6    . LCC B 1 1  ? -19.038 9.911   -0.760  1.000 24.173  0 1   LCC B C6    1 ? 
HETATM 330 C  C5    . LCC B 1 1  ? -18.066 10.902  -0.797  1.000 25.623  0 1   LCC B C5    1 ? 
HETATM 331 C  C5M   . LCC B 1 1  ? -17.721 11.602  0.374   1.000 29.994  0 1   LCC B C5M   1 ? 
HETATM 332 C  C4    . LCC B 1 1  ? -17.418 11.215  -1.992  1.000 27.146  0 1   LCC B C4    1 ? 
HETATM 333 N  N4    . LCC B 1 1  ? -16.471 12.177  -2.016  1.000 29.357  0 1   LCC B N4    1 ? 
HETATM 334 N  N3    . LCC B 1 1  ? -17.729 10.547  -3.091  1.000 21.956  0 1   LCC B N3    1 ? 
HETATM 335 C  C2    . LCC B 1 1  ? -18.695 9.597   -3.056  1.000 20.148  0 1   LCC B C2    1 ? 
HETATM 336 O  O2    . LCC B 1 1  ? -18.939 9.000   -4.088  1.000 20.006  0 1   LCC B O2    1 ? 
HETATM 337 C  "C3'" . LCC B 1 1  ? -19.858 6.401   -0.590  1.000 25.956  0 1   LCC B "C3'" 1 ? 
HETATM 338 C  "C2'" . LCC B 1 1  ? -19.901 6.753   -2.035  1.000 22.547  0 1   LCC B "C2'" 1 ? 
HETATM 339 O  "O2'" . LCC B 1 1  ? -20.979 5.908   -2.520  1.000 22.189  0 1   LCC B "O2'" 1 ? 
HETATM 340 O  "O3'" . LCC B 1 1  ? -19.569 4.997   -0.374  1.000 25.149  0 1   LCC B "O3'" 1 ? 
HETATM 341 C  "C6'" . LCC B 1 1  ? -22.000 5.757   -1.392  1.000 26.154  0 1   LCC B "C6'" 1 ? 
HETATM 342 O  "O5'" . LCC B 1 2  ? -17.653 4.324   -1.960  1.000 20.133  0 2   LCC B "O5'" 1 ? 
HETATM 343 C  "C5'" . LCC B 1 2  ? -18.410 3.441   -2.887  1.000 19.627  0 2   LCC B "C5'" 1 ? 
HETATM 344 C  "C4'" . LCC B 1 2  ? -17.863 3.796   -4.221  1.000 18.102  0 2   LCC B "C4'" 1 ? 
HETATM 345 O  "O4'" . LCC B 1 2  ? -18.068 5.141   -4.539  1.000 18.918  0 2   LCC B "O4'" 1 ? 
HETATM 346 C  "C1'" . LCC B 1 2  ? -17.080 5.504   -5.541  1.000 17.213  0 2   LCC B "C1'" 1 ? 
HETATM 347 N  N1    . LCC B 1 2  ? -16.210 6.616   -5.088  1.000 17.045  0 2   LCC B N1    1 ? 
HETATM 348 C  C6    . LCC B 1 2  ? -16.150 7.023   -3.731  1.000 16.832  0 2   LCC B C6    1 ? 
HETATM 349 C  C5    . LCC B 1 2  ? -15.311 8.059   -3.394  1.000 16.012  0 2   LCC B C5    1 ? 
HETATM 350 C  C5M   . LCC B 1 2  ? -15.205 8.487   -2.039  1.000 19.046  0 2   LCC B C5M   1 ? 
HETATM 351 C  C4    . LCC B 1 2  ? -14.626 8.697   -4.415  1.000 17.557  0 2   LCC B C4    1 ? 
HETATM 352 N  N4    . LCC B 1 2  ? -13.809 9.701   -4.147  1.000 17.852  0 2   LCC B N4    1 ? 
HETATM 353 N  N3    . LCC B 1 2  ? -14.700 8.268   -5.707  1.000 18.425  0 2   LCC B N3    1 ? 
HETATM 354 C  C2    . LCC B 1 2  ? -15.515 7.254   -6.003  1.000 17.665  0 2   LCC B C2    1 ? 
HETATM 355 O  O2    . LCC B 1 2  ? -15.545 6.877   -7.196  1.000 18.142  0 2   LCC B O2    1 ? 
HETATM 356 C  "C3'" . LCC B 1 2  ? -16.318 3.661   -4.362  1.000 18.524  0 2   LCC B "C3'" 1 ? 
HETATM 357 C  "C2'" . LCC B 1 2  ? -16.393 4.139   -5.772  1.000 16.112  0 2   LCC B "C2'" 1 ? 
HETATM 358 O  "O2'" . LCC B 1 2  ? -17.355 3.234   -6.335  1.000 19.095  0 2   LCC B "O2'" 1 ? 
HETATM 359 O  "O3'" . LCC B 1 2  ? -15.909 2.329   -4.185  1.000 18.716  0 2   LCC B "O3'" 1 ? 
HETATM 360 C  "C6'" . LCC B 1 2  ? -18.433 2.960   -5.360  1.000 19.568  0 2   LCC B "C6'" 1 ? 
HETATM 361 P  P     . LCC B 1 2  ? -18.033 4.363   -0.364  1.000 22.718  0 2   LCC B P     1 ? 
HETATM 362 O  O1P   . LCC B 1 2  ? -17.053 5.252   0.124   1.000 21.655  0 2   LCC B O1P   1 ? 
HETATM 363 O  O2P   . LCC B 1 2  ? -18.417 3.089   0.174   1.000 25.620  0 2   LCC B O2P   1 ? 
HETATM 364 O  "O5'" . LCC B 1 3  ? -13.581 2.281   -5.188  1.000 14.716  0 3   LCC B "O5'" 1 ? 
HETATM 365 C  "C5'" . LCC B 1 3  ? -13.944 1.581   -6.418  1.000 13.999  0 3   LCC B "C5'" 1 ? 
HETATM 366 C  "C4'" . LCC B 1 3  ? -13.126 2.196   -7.487  1.000 13.123  0 3   LCC B "C4'" 1 ? 
HETATM 367 O  "O4'" . LCC B 1 3  ? -13.490 3.588   -7.581  1.000 13.551  0 3   LCC B "O4'" 1 ? 
HETATM 368 C  "C1'" . LCC B 1 3  ? -12.400 4.218   -8.268  1.000 13.090  0 3   LCC B "C1'" 1 ? 
HETATM 369 N  N1    . LCC B 1 3  ? -11.818 5.238   -7.320  1.000 12.921  0 3   LCC B N1    1 ? 
HETATM 370 C  C6    . LCC B 1 3  ? -12.206 5.311   -6.031  1.000 13.493  0 3   LCC B C6    1 ? 
HETATM 371 C  C5    . LCC B 1 3  ? -11.726 6.316   -5.204  1.000 13.100  0 3   LCC B C5    1 ? 
HETATM 372 C  C5M   . LCC B 1 3  ? -12.154 6.299   -3.849  1.000 14.952  0 3   LCC B C5M   1 ? 
HETATM 373 C  C4    . LCC B 1 3  ? -10.891 7.266   -5.812  1.000 13.100  0 3   LCC B C4    1 ? 
HETATM 374 N  N4    . LCC B 1 3  ? -10.452 8.271   -5.062  1.000 13.613  0 3   LCC B N4    1 ? 
HETATM 375 N  N3    . LCC B 1 3  ? -10.534 7.240   -7.094  1.000 13.951  0 3   LCC B N3    1 ? 
HETATM 376 C  C2    . LCC B 1 3  ? -10.968 6.205   -7.826  1.000 13.270  0 3   LCC B C2    1 ? 
HETATM 377 O  O2    . LCC B 1 3  ? -10.617 6.145   -9.007  1.000 14.864  0 3   LCC B O2    1 ? 
HETATM 378 C  "C3'" . LCC B 1 3  ? -11.663 2.276   -7.363  1.000 14.042  0 3   LCC B "C3'" 1 ? 
HETATM 379 C  "C2'" . LCC B 1 3  ? -11.455 3.047   -8.609  1.000 13.642  0 3   LCC B "C2'" 1 ? 
HETATM 380 O  "O2'" . LCC B 1 3  ? -12.105 2.311   -9.613  1.000 13.828  0 3   LCC B "O2'" 1 ? 
HETATM 381 O  "O3'" . LCC B 1 3  ? -11.106 0.930   -7.413  1.000 13.168  0 3   LCC B "O3'" 1 ? 
HETATM 382 C  "C6'" . LCC B 1 3  ? -13.200 1.608   -8.921  1.000 14.390  0 3   LCC B "C6'" 1 ? 
HETATM 383 P  P     . LCC B 1 3  ? -14.322 1.983   -3.851  1.000 16.023  0 3   LCC B P     1 ? 
HETATM 384 O  O1P   . LCC B 1 3  ? -13.732 2.909   -2.910  1.000 15.825  0 3   LCC B O1P   1 ? 
HETATM 385 O  O2P   . LCC B 1 3  ? -14.349 0.569   -3.549  1.000 17.951  0 3   LCC B O2P   1 ? 
HETATM 386 P  P     . LCG B 1 4  ? -9.720  0.594   -6.587  1.000 12.002  0 4   LCG B P     1 ? 
HETATM 387 O  OP1   . LCG B 1 4  ? -9.620  -0.888  -6.756  1.000 12.517  0 4   LCG B OP1   1 ? 
HETATM 388 O  "O5'" . LCG B 1 4  ? -8.615  1.344   -7.342  1.000 12.734  0 4   LCG B "O5'" 1 ? 
HETATM 389 C  "C5'" . LCG B 1 4  ? -8.348  1.014   -8.690  1.000 11.184  0 4   LCG B "C5'" 1 ? 
HETATM 390 C  "C3'" . LCG B 1 4  ? -6.075  2.273   -8.395  1.000 13.193  0 4   LCG B "C3'" 1 ? 
HETATM 391 C  "C6'" . LCG B 1 4  ? -6.686  1.834   -10.523 1.000 12.294  0 4   LCG B "C6'" 1 ? 
HETATM 392 N  N9    . LCG B 1 4  ? -6.931  5.072   -7.896  1.000 12.379  0 4   LCG B N9    1 ? 
HETATM 393 C  C8    . LCG B 1 4  ? -7.806  4.856   -6.916  1.000 12.059  0 4   LCG B C8    1 ? 
HETATM 394 C  C4    . LCG B 1 4  ? -6.285  6.280   -7.664  1.000 11.648  0 4   LCG B C4    1 ? 
HETATM 395 N  N7    . LCG B 1 4  ? -7.683  5.798   -5.989  1.000 13.017  0 4   LCG B N7    1 ? 
HETATM 396 C  C5    . LCG B 1 4  ? -6.743  6.702   -6.459  1.000 12.729  0 4   LCG B C5    1 ? 
HETATM 397 C  C6    . LCG B 1 4  ? -6.244  7.904   -5.966  1.000 12.744  0 4   LCG B C6    1 ? 
HETATM 398 C  "C2'" . LCG B 1 4  ? -5.565  3.346   -9.271  1.000 13.585  0 4   LCG B "C2'" 1 ? 
HETATM 399 O  O6    . LCG B 1 4  ? -6.609  8.443   -4.914  1.000 13.949  0 4   LCG B O6    1 ? 
HETATM 400 C  "C4'" . LCG B 1 4  ? -7.311  2.029   -9.217  1.000 11.845  0 4   LCG B "C4'" 1 ? 
HETATM 401 C  "C1'" . LCG B 1 4  ? -6.794  4.279   -9.125  1.000 13.771  0 4   LCG B "C1'" 1 ? 
HETATM 402 C  C2    . LCG B 1 4  ? -4.841  7.974   -7.970  1.000 12.766  0 4   LCG B C2    1 ? 
HETATM 403 N  N1    . LCG B 1 4  ? -5.290  8.485   -6.746  1.000 11.911  0 4   LCG B N1    1 ? 
HETATM 404 O  "O4'" . LCG B 1 4  ? -7.896  3.383   -9.182  1.000 12.901  0 4   LCG B "O4'" 1 ? 
HETATM 405 O  OP2   . LCG B 1 4  ? -9.764  1.164   -5.239  1.000 13.013  0 4   LCG B OP2   1 ? 
HETATM 406 N  N2    . LCG B 1 4  ? -3.892  8.657   -8.596  1.000 12.909  0 4   LCG B N2    1 ? 
HETATM 407 N  N3    . LCG B 1 4  ? -5.331  6.825   -8.436  1.000 12.201  0 4   LCG B N3    1 ? 
HETATM 408 O  "O2'" . LCG B 1 4  ? -5.627  2.802   -10.580 1.000 13.797  0 4   LCG B "O2'" 1 ? 
HETATM 409 O  "O3'" . LCG B 1 4  ? -5.262  1.045   -8.432  1.000 13.383  0 4   LCG B "O3'" 1 ? 
ATOM   410 P  P     . A   B 1 5  ? -4.171  0.698   -7.346  1.000 12.493  0 5   A   B P     1 ? 
ATOM   411 O  OP1   . A   B 1 5  ? -3.829  -0.763  -7.564  1.000 13.619  0 5   A   B OP1   1 ? 
ATOM   412 O  OP2   . A   B 1 5  ? -4.578  1.102   -6.021  1.000 13.849  0 5   A   B OP2   1 ? 
ATOM   413 O  "O5'" . A   B 1 5  ? -2.954  1.652   -7.727  1.000 12.185  0 5   A   B "O5'" 1 ? 
ATOM   414 C  "C5'" . A   B 1 5  ? -2.229  1.504   -8.962  1.000 12.495  0 5   A   B "C5'" 1 ? 
ATOM   415 C  "C4'" . A   B 1 5  ? -1.298  2.678   -9.110  1.000 11.047  0 5   A   B "C4'" 1 ? 
ATOM   416 O  "O4'" . A   B 1 5  ? -2.047  3.946   -9.188  1.000 11.056  0 5   A   B "O4'" 1 ? 
ATOM   417 C  "C3'" . A   B 1 5  ? -0.327  2.934   -7.962  1.000 11.145  0 5   A   B "C3'" 1 ? 
ATOM   418 O  "O3'" . A   B 1 5  ? 0.767   2.027   -8.047  1.000 11.375  0 5   A   B "O3'" 1 ? 
ATOM   419 C  "C2'" . A   B 1 5  ? 0.057   4.388   -8.228  1.000 10.857  0 5   A   B "C2'" 1 ? 
ATOM   420 O  "O2'" . A   B 1 5  ? 0.908   4.442   -9.357  1.000 11.336  0 5   A   B "O2'" 1 ? 
ATOM   421 C  "C1'" . A   B 1 5  ? -1.331  4.969   -8.518  1.000 11.522  0 5   A   B "C1'" 1 ? 
ATOM   422 N  N9    . A   B 1 5  ? -2.058  5.336   -7.315  1.000 11.725  0 5   A   B N9    1 ? 
ATOM   423 C  C8    . A   B 1 5  ? -3.070  4.631   -6.719  1.000 12.215  0 5   A   B C8    1 ? 
ATOM   424 N  N7    . A   B 1 5  ? -3.566  5.197   -5.655  1.000 12.545  0 5   A   B N7    1 ? 
ATOM   425 C  C5    . A   B 1 5  ? -2.853  6.365   -5.543  1.000 11.348  0 5   A   B C5    1 ? 
ATOM   426 C  C6    . A   B 1 5  ? -2.942  7.428   -4.620  1.000 12.335  0 5   A   B C6    1 ? 
ATOM   427 N  N6    . A   B 1 5  ? -3.803  7.439   -3.618  1.000 14.147  0 5   A   B N6    1 ? 
ATOM   428 N  N1    . A   B 1 5  ? -2.090  8.460   -4.784  1.000 12.613  0 5   A   B N1    1 ? 
ATOM   429 C  C2    . A   B 1 5  ? -1.235  8.416   -5.799  1.000 12.514  0 5   A   B C2    1 ? 
ATOM   430 N  N3    . A   B 1 5  ? -1.054  7.478   -6.738  1.000 12.773  0 5   A   B N3    1 ? 
ATOM   431 C  C4    . A   B 1 5  ? -1.925  6.486   -6.561  1.000 12.047  0 5   A   B C4    1 ? 
ATOM   432 P  P     . C   B 1 6  ? 1.491   1.555   -6.692  1.000 11.519  0 6   C   B P     1 ? 
ATOM   433 O  OP1   . C   B 1 6  ? 2.450   0.478   -7.123  1.000 11.299  0 6   C   B OP1   1 ? 
ATOM   434 O  OP2   . C   B 1 6  ? 0.488   1.256   -5.618  1.000 13.414  0 6   C   B OP2   1 ? 
ATOM   435 O  "O5'" . C   B 1 6  ? 2.290   2.841   -6.164  1.000 11.958  0 6   C   B "O5'" 1 ? 
ATOM   436 C  "C5'" . C   B 1 6  ? 3.317   3.475   -6.978  1.000 12.062  0 6   C   B "C5'" 1 ? 
ATOM   437 C  "C4'" . C   B 1 6  ? 3.582   4.840   -6.384  1.000 11.941  0 6   C   B "C4'" 1 ? 
ATOM   438 O  "O4'" . C   B 1 6  ? 2.362   5.607   -6.367  1.000 11.884  0 6   C   B "O4'" 1 ? 
ATOM   439 C  "C3'" . C   B 1 6  ? 4.074   4.904   -4.941  1.000 11.009  0 6   C   B "C3'" 1 ? 
ATOM   440 O  "O3'" . C   B 1 6  ? 5.465   4.627   -4.921  1.000 11.819  0 6   C   B "O3'" 1 ? 
ATOM   441 C  "C2'" . C   B 1 6  ? 3.702   6.333   -4.582  1.000 12.364  0 6   C   B "C2'" 1 ? 
ATOM   442 O  "O2'" . C   B 1 6  ? 4.605   7.250   -5.160  1.000 13.769  0 6   C   B "O2'" 1 ? 
ATOM   443 C  "C1'" . C   B 1 6  ? 2.336   6.455   -5.225  1.000 12.202  0 6   C   B "C1'" 1 ? 
ATOM   444 N  N1    . C   B 1 6  ? 1.203   6.074   -4.333  1.000 12.238  0 6   C   B N1    1 ? 
ATOM   445 C  C2    . C   B 1 6  ? 0.750   7.013   -3.395  1.000 12.773  0 6   C   B C2    1 ? 
ATOM   446 O  O2    . C   B 1 6  ? 1.398   8.066   -3.272  1.000 13.828  0 6   C   B O2    1 ? 
ATOM   447 N  N3    . C   B 1 6  ? -0.301  6.690   -2.602  1.000 12.120  0 6   C   B N3    1 ? 
ATOM   448 C  C4    . C   B 1 6  ? -0.909  5.507   -2.708  1.000 12.449  0 6   C   B C4    1 ? 
ATOM   449 N  N4    . C   B 1 6  ? -1.964  5.256   -1.941  1.000 14.069  0 6   C   B N4    1 ? 
ATOM   450 C  C5    . C   B 1 6  ? -0.462  4.529   -3.642  1.000 12.393  0 6   C   B C5    1 ? 
ATOM   451 C  C6    . C   B 1 6  ? 0.580   4.867   -4.421  1.000 11.897  0 6   C   B C6    1 ? 
ATOM   452 P  P     . U   B 1 7  ? 6.145   4.023   -3.613  1.000 12.143  0 7   U   B P     1 ? 
ATOM   453 O  OP1   . U   B 1 7  ? 7.561   3.801   -4.015  1.000 13.568  0 7   U   B OP1   1 ? 
ATOM   454 O  OP2   . U   B 1 7  ? 5.364   2.896   -3.129  1.000 12.008  0 7   U   B OP2   1 ? 
ATOM   455 O  "O5'" . U   B 1 7  ? 6.010   5.161   -2.497  1.000 12.346  0 7   U   B "O5'" 1 ? 
ATOM   456 C  "C5'" . U   B 1 7  ? 6.834   6.338   -2.582  1.000 13.820  0 7   U   B "C5'" 1 ? 
ATOM   457 C  "C4'" . U   B 1 7  ? 6.453   7.236   -1.446  1.000 13.478  0 7   U   B "C4'" 1 ? 
ATOM   458 O  "O4'" . U   B 1 7  ? 5.100   7.695   -1.575  1.000 13.474  0 7   U   B "O4'" 1 ? 
ATOM   459 C  "C3'" . U   B 1 7  ? 6.496   6.598   -0.059  1.000 13.968  0 7   U   B "C3'" 1 ? 
ATOM   460 O  "O3'" . U   B 1 7  ? 7.827   6.455   0.409   1.000 14.595  0 7   U   B "O3'" 1 ? 
ATOM   461 C  "C2'" . U   B 1 7  ? 5.679   7.632   0.707   1.000 14.428  0 7   U   B "C2'" 1 ? 
ATOM   462 O  "O2'" . U   B 1 7  ? 6.424   8.827   0.884   1.000 14.689  0 7   U   B "O2'" 1 ? 
ATOM   463 C  "C1'" . U   B 1 7  ? 4.539   7.863   -0.275  1.000 13.894  0 7   U   B "C1'" 1 ? 
ATOM   464 N  N1    . U   B 1 7  ? 3.406   6.933   -0.071  1.000 13.781  0 7   U   B N1    1 ? 
ATOM   465 C  C2    . U   B 1 7  ? 2.483   7.225   0.919   1.000 14.335  0 7   U   B C2    1 ? 
ATOM   466 O  O2    . U   B 1 7  ? 2.690   8.115   1.741   1.000 14.219  0 7   U   B O2    1 ? 
ATOM   467 N  N3    . U   B 1 7  ? 1.419   6.387   1.003   1.000 12.831  0 7   U   B N3    1 ? 
ATOM   468 C  C4    . U   B 1 7  ? 1.154   5.294   0.200   1.000 14.216  0 7   U   B C4    1 ? 
ATOM   469 O  O4    . U   B 1 7  ? 0.102   4.676   0.363   1.000 14.193  0 7   U   B O4    1 ? 
ATOM   470 C  C5    . U   B 1 7  ? 2.170   5.038   -0.783  1.000 13.468  0 7   U   B C5    1 ? 
ATOM   471 C  C6    . U   B 1 7  ? 3.222   5.834   -0.876  1.000 12.341  0 7   U   B C6    1 ? 
ATOM   472 P  P     . U   B 1 8  ? 8.188   5.299   1.433   1.000 15.223  0 8   U   B P     1 ? 
ATOM   473 O  OP1   . U   B 1 8  ? 9.677   5.341   1.597   1.000 17.770  0 8   U   B OP1   1 ? 
ATOM   474 O  OP2   . U   B 1 8  ? 7.566   4.008   1.078   1.000 15.958  0 8   U   B OP2   1 ? 
ATOM   475 O  "O5'" . U   B 1 8  ? 7.414   5.736   2.778   1.000 15.108  0 8   U   B "O5'" 1 ? 
ATOM   476 C  "C5'" . U   B 1 8  ? 7.759   6.974   3.460   1.000 15.401  0 8   U   B "C5'" 1 ? 
ATOM   477 C  "C4'" . U   B 1 8  ? 6.724   7.197   4.531   1.000 15.681  0 8   U   B "C4'" 1 ? 
ATOM   478 O  "O4'" . U   B 1 8  ? 5.396   7.359   3.961   1.000 15.245  0 8   U   B "O4'" 1 ? 
ATOM   479 C  "C3'" . U   B 1 8  ? 6.509   6.040   5.514   1.000 15.475  0 8   U   B "C3'" 1 ? 
ATOM   480 O  "O3'" . U   B 1 8  ? 7.583   5.930   6.434   1.000 17.082  0 8   U   B "O3'" 1 ? 
ATOM   481 C  "C2'" . U   B 1 8  ? 5.177   6.443   6.132   1.000 15.552  0 8   U   B "C2'" 1 ? 
ATOM   482 O  "O2'" . U   B 1 8  ? 5.311   7.542   7.030   1.000 17.291  0 8   U   B "O2'" 1 ? 
ATOM   483 C  "C1'" . U   B 1 8  ? 4.429   6.854   4.870   1.000 14.080  0 8   U   B "C1'" 1 ? 
ATOM   484 N  N1    . U   B 1 8  ? 3.681   5.739   4.229   1.000 14.718  0 8   U   B N1    1 ? 
ATOM   485 C  C2    . U   B 1 8  ? 2.444   5.422   4.765   1.000 14.171  0 8   U   B C2    1 ? 
ATOM   486 O  O2    . U   B 1 8  ? 2.031   6.041   5.713   1.000 15.454  0 8   U   B O2    1 ? 
ATOM   487 N  N3    . U   B 1 8  ? 1.756   4.434   4.164   1.000 14.206  0 8   U   B N3    1 ? 
ATOM   488 C  C4    . U   B 1 8  ? 2.182   3.707   3.080   1.000 14.454  0 8   U   B C4    1 ? 
ATOM   489 O  O4    . U   B 1 8  ? 1.456   2.828   2.641   1.000 14.948  0 8   U   B O4    1 ? 
ATOM   490 C  C5    . U   B 1 8  ? 3.493   4.046   2.579   1.000 13.481  0 8   U   B C5    1 ? 
ATOM   491 C  C6    . U   B 1 8  ? 4.189   5.032   3.163   1.000 12.997  0 8   U   B C6    1 ? 
ATOM   492 P  P     . A   B 1 9  ? 7.928   4.519   7.095   1.000 17.788  0 9   A   B P     1 ? 
ATOM   493 O  OP1   . A   B 1 9  ? 9.172   4.765   7.889   1.000 19.812  0 9   A   B OP1   1 ? 
ATOM   494 O  OP2   . A   B 1 9  ? 7.955   3.445   6.039   1.000 19.496  0 9   A   B OP2   1 ? 
ATOM   495 O  "O5'" . A   B 1 9  ? 6.738   4.165   8.076   1.000 15.494  0 9   A   B "O5'" 1 ? 
ATOM   496 C  "C5'" . A   B 1 9  ? 6.637   4.920   9.308   1.000 15.682  0 9   A   B "C5'" 1 ? 
ATOM   497 C  "C4'" . A   B 1 9  ? 5.391   4.463   10.000  1.000 16.496  0 9   A   B "C4'" 1 ? 
ATOM   498 O  "O4'" . A   B 1 9  ? 4.195   4.764   9.233   1.000 15.699  0 9   A   B "O4'" 1 ? 
ATOM   499 C  "C3'" . A   B 1 9  ? 5.306   2.953   10.219  1.000 15.878  0 9   A   B "C3'" 1 ? 
ATOM   500 O  "O3'" . A   B 1 9  ? 6.133   2.606   11.322  1.000 18.474  0 9   A   B "O3'" 1 ? 
ATOM   501 C  "C2'" . A   B 1 9  ? 3.843   2.823   10.556  1.000 16.272  0 9   A   B "C2'" 1 ? 
ATOM   502 O  "O2'" . A   B 1 9  ? 3.551   3.300   11.854  1.000 18.540  0 9   A   B "O2'" 1 ? 
ATOM   503 C  "C1'" . A   B 1 9  ? 3.256   3.746   9.501   1.000 14.634  0 9   A   B "C1'" 1 ? 
ATOM   504 N  N9    . A   B 1 9  ? 2.962   3.045   8.265   1.000 13.981  0 9   A   B N9    1 ? 
ATOM   505 C  C8    . A   B 1 9  ? 3.726   2.972   7.127   1.000 14.205  0 9   A   B C8    1 ? 
ATOM   506 N  N7    . A   B 1 9  ? 3.113   2.301   6.170   1.000 14.099  0 9   A   B N7    1 ? 
ATOM   507 C  C5    . A   B 1 9  ? 1.911   1.893   6.723   1.000 12.823  0 9   A   B C5    1 ? 
ATOM   508 C  C6    . A   B 1 9  ? 0.847   1.116   6.222   1.000 13.204  0 9   A   B C6    1 ? 
ATOM   509 N  N6    . A   B 1 9  ? 0.827   0.679   4.970   1.000 12.510  0 9   A   B N6    1 ? 
ATOM   510 N  N1    . A   B 1 9  ? -0.211  0.866   7.028   1.000 12.818  0 9   A   B N1    1 ? 
ATOM   511 C  C2    . A   B 1 9  ? -0.155  1.333   8.282   1.000 14.427  0 9   A   B C2    1 ? 
ATOM   512 N  N3    . A   B 1 9  ? 0.790   2.076   8.861   1.000 13.104  0 9   A   B N3    1 ? 
ATOM   513 C  C4    . A   B 1 9  ? 1.809   2.325   8.030   1.000 12.901  0 9   A   B C4    1 ? 
ATOM   514 P  P     . A   B 1 10 ? 6.739   1.160   11.501  1.000 21.165  0 10  A   B P     1 ? 
ATOM   515 O  OP1   . A   B 1 10 ? 7.682   1.212   12.653  1.000 22.109  0 10  A   B OP1   1 ? 
ATOM   516 O  OP2   . A   B 1 10 ? 7.221   0.809   10.243  1.000 15.303  0 10  A   B OP2   1 ? 
ATOM   517 O  "O5'" . A   B 1 10 ? 5.581   0.116   11.799  1.000 16.792  0 10  A   B "O5'" 1 ? 
ATOM   518 C  "C5'" . A   B 1 10 ? 5.049   0.152   13.090  1.000 18.796  0 10  A   B "C5'" 1 ? 
ATOM   519 C  "C4'" . A   B 1 10 ? 3.718   -0.537  13.089  1.000 17.493  0 10  A   B "C4'" 1 ? 
ATOM   520 O  "O4'" . A   B 1 10 ? 2.853   0.042   12.069  1.000 15.534  0 10  A   B "O4'" 1 ? 
ATOM   521 C  "C3'" . A   B 1 10 ? 3.811   -2.001  12.715  1.000 17.029  0 10  A   B "C3'" 1 ? 
ATOM   522 O  "O3'" . A   B 1 10 ? 4.273   -2.645  13.910  1.000 19.207  0 10  A   B "O3'" 1 ? 
ATOM   523 C  "C2'" . A   B 1 10 ? 2.344   -2.275  12.355  1.000 14.361  0 10  A   B "C2'" 1 ? 
ATOM   524 O  "O2'" . A   B 1 10 ? 1.524   -2.357  13.484  1.000 16.683  0 10  A   B "O2'" 1 ? 
ATOM   525 C  "C1'" . A   B 1 10 ? 2.023   -1.001  11.552  1.000 15.756  0 10  A   B "C1'" 1 ? 
ATOM   526 N  N9    . A   B 1 10 ? 2.287   -1.114  10.119  1.000 14.938  0 10  A   B N9    1 ? 
ATOM   527 C  C8    . A   B 1 10 ? 3.390   -0.779  9.392   1.000 14.808  0 10  A   B C8    1 ? 
ATOM   528 N  N7    . A   B 1 10 ? 3.351   -1.053  8.113   1.000 14.772  0 10  A   B N7    1 ? 
ATOM   529 C  C5    . A   B 1 10 ? 2.089   -1.640  7.982   1.000 14.162  0 10  A   B C5    1 ? 
ATOM   530 C  C6    . A   B 1 10 ? 1.403   -2.187  6.868   1.000 13.929  0 10  A   B C6    1 ? 
ATOM   531 N  N6    . A   B 1 10 ? 1.881   -2.237  5.645   1.000 15.593  0 10  A   B N6    1 ? 
ATOM   532 N  N1    . A   B 1 10 ? 0.183   -2.703  7.121   1.000 14.513  0 10  A   B N1    1 ? 
ATOM   533 C  C2    . A   B 1 10 ? -0.310  -2.701  8.339   1.000 14.168  0 10  A   B C2    1 ? 
ATOM   534 N  N3    . A   B 1 10 ? 0.229   -2.208  9.454   1.000 14.479  0 10  A   B N3    1 ? 
ATOM   535 C  C4    . A   B 1 10 ? 1.443   -1.721  9.202   1.000 13.727  0 10  A   B C4    1 ? 
ATOM   536 P  P     . G   B 1 11 ? 4.922   -4.093  13.806  1.000 21.654  0 11  G   B P     1 ? 
ATOM   537 O  OP1   . G   B 1 11 ? 5.400   -4.584  15.132  1.000 26.090  0 11  G   B OP1   1 ? 
ATOM   538 O  OP2   . G   B 1 11 ? 5.634   -4.282  12.527  1.000 17.887  0 11  G   B OP2   1 ? 
ATOM   539 O  "O5'" . G   B 1 11 ? 3.537   -4.818  13.446  1.000 22.422  0 11  G   B "O5'" 1 ? 
ATOM   540 C  "C5'" . G   B 1 11 ? 3.593   -5.971  12.688  1.000 19.393  0 11  G   B "C5'" 1 ? 
ATOM   541 C  "C4'" . G   B 1 11 ? 2.200   -6.443  12.374  1.000 14.588  0 11  G   B "C4'" 1 ? 
ATOM   542 O  "O4'" . G   B 1 11 ? 1.517   -5.473  11.543  1.000 13.207  0 11  G   B "O4'" 1 ? 
ATOM   543 C  "C3'" . G   B 1 11 ? 2.291   -7.671  11.491  1.000 14.021  0 11  G   B "C3'" 1 ? 
ATOM   544 O  "O3'" . G   B 1 11 ? 2.370   -8.824  12.320  1.000 13.223  0 11  G   B "O3'" 1 ? 
ATOM   545 C  "C2'" . G   B 1 11 ? 0.977   -7.573  10.725  1.000 12.725  0 11  G   B "C2'" 1 ? 
ATOM   546 O  "O2'" . G   B 1 11 ? -0.043  -7.990  11.587  1.000 14.090  0 11  G   B "O2'" 1 ? 
ATOM   547 C  "C1'" . G   B 1 11 ? 0.930   -6.095  10.401  1.000 11.944  0 11  G   B "C1'" 1 ? 
ATOM   548 N  N9    . G   B 1 11 ? 1.673   -5.730  9.191   1.000 11.518  0 11  G   B N9    1 ? 
ATOM   549 C  C8    . G   B 1 11 ? 2.852   -5.056  9.054   1.000 12.266  0 11  G   B C8    1 ? 
ATOM   550 N  N7    . G   B 1 11 ? 3.245   -4.906  7.819   1.000 12.064  0 11  G   B N7    1 ? 
ATOM   551 C  C5    . G   B 1 11 ? 2.229   -5.493  7.081   1.000 10.937  0 11  G   B C5    1 ? 
ATOM   552 C  C6    . G   B 1 11 ? 2.037   -5.601  5.682   1.000 11.301  0 11  G   B C6    1 ? 
ATOM   553 O  O6    . G   B 1 11 ? 2.792   -5.218  4.796   1.000 12.303  0 11  G   B O6    1 ? 
ATOM   554 N  N1    . G   B 1 11 ? 0.897   -6.306  5.339   1.000 11.343  0 11  G   B N1    1 ? 
ATOM   555 C  C2    . G   B 1 11 ? -0.003  -6.807  6.238   1.000 11.142  0 11  G   B C2    1 ? 
ATOM   556 N  N2    . G   B 1 11 ? -1.056  -7.490  5.748   1.000 11.703  0 11  G   B N2    1 ? 
ATOM   557 N  N3    . G   B 1 11 ? 0.128   -6.689  7.564   1.000 10.477  0 11  G   B N3    1 ? 
ATOM   558 C  C4    . G   B 1 11 ? 1.259   -6.020  7.899   1.000 10.701  0 11  G   B C4    1 ? 
ATOM   559 P  P     . U   B 1 12 ? 3.100   -10.154 11.777  1.000 14.814  0 12  U   B P     1 ? 
ATOM   560 O  OP1   . U   B 1 12 ? 3.143   -11.137 12.917  1.000 15.680  0 12  U   B OP1   1 ? 
ATOM   561 O  OP2   . U   B 1 12 ? 4.354   -9.845  11.052  1.000 15.478  0 12  U   B OP2   1 ? 
ATOM   562 O  "O5'" . U   B 1 12 ? 2.123   -10.748 10.633  1.000 13.686  0 12  U   B "O5'" 1 ? 
ATOM   563 C  "C5'" . U   B 1 12 ? 0.879   -11.292 10.979  1.000 13.989  0 12  U   B "C5'" 1 ? 
ATOM   564 C  "C4'" . U   B 1 12 ? 0.171   -11.684 9.708   1.000 12.896  0 12  U   B "C4'" 1 ? 
ATOM   565 O  "O4'" . U   B 1 12 ? -0.095  -10.505 8.891   1.000 13.039  0 12  U   B "O4'" 1 ? 
ATOM   566 C  "C3'" . U   B 1 12 ? 0.894   -12.617 8.741   1.000 13.395  0 12  U   B "C3'" 1 ? 
ATOM   567 O  "O3'" . U   B 1 12 ? 0.828   -13.950 9.225   1.000 15.281  0 12  U   B "O3'" 1 ? 
ATOM   568 C  "C2'" . U   B 1 12 ? 0.110   -12.406 7.462   1.000 13.670  0 12  U   B "C2'" 1 ? 
ATOM   569 O  "O2'" . U   B 1 12 ? -1.138  -13.032 7.532   1.000 14.939  0 12  U   B "O2'" 1 ? 
ATOM   570 C  "C1'" . U   B 1 12 ? -0.050  -10.889 7.517   1.000 13.739  0 12  U   B "C1'" 1 ? 
ATOM   571 N  N1    . U   B 1 12 ? 1.102   -10.199 6.875   1.000 12.729  0 12  U   B N1    1 ? 
ATOM   572 C  C2    . U   B 1 12 ? 1.072   -10.104 5.495   1.000 13.340  0 12  U   B C2    1 ? 
ATOM   573 O  O2    . U   B 1 12 ? 0.197   -10.654 4.838   1.000 13.292  0 12  U   B O2    1 ? 
ATOM   574 N  N3    . U   B 1 12 ? 2.090   -9.396  4.944   1.000 12.660  0 12  U   B N3    1 ? 
ATOM   575 C  C4    . U   B 1 12 ? 3.129   -8.777  5.605   1.000 12.204  0 12  U   B C4    1 ? 
ATOM   576 O  O4    . U   B 1 12 ? 3.971   -8.131  4.973   1.000 13.564  0 12  U   B O4    1 ? 
ATOM   577 C  C5    . U   B 1 12 ? 3.108   -8.923  7.042   1.000 12.043  0 12  U   B C5    1 ? 
ATOM   578 C  C6    . U   B 1 12 ? 2.113   -9.632  7.597   1.000 12.573  0 12  U   B C6    1 ? 
ATOM   579 P  P     . C   B 1 13 ? 2.031   -14.934 8.893   1.000 15.759  0 13  C   B P     1 ? 
ATOM   580 O  OP1   . C   B 1 13 ? 1.749   -16.190 9.664   1.000 18.355  0 13  C   B OP1   1 ? 
ATOM   581 O  OP2   . C   B 1 13 ? 3.335   -14.288 9.060   1.000 16.889  0 13  C   B OP2   1 ? 
ATOM   582 O  "O5'" . C   B 1 13 ? 1.939   -15.213 7.316   1.000 14.192  0 13  C   B "O5'" 1 ? 
ATOM   583 C  "C5'" . C   B 1 13 ? 0.757   -15.893 6.789   1.000 14.311  0 13  C   B "C5'" 1 ? 
ATOM   584 C  "C4'" . C   B 1 13 ? 0.723   -15.728 5.288   1.000 13.967  0 13  C   B "C4'" 1 ? 
ATOM   585 O  "O4'" . C   B 1 13 ? 0.678   -14.317 4.942   1.000 13.170  0 13  C   B "O4'" 1 ? 
ATOM   586 C  "C3'" . C   B 1 13 ? 1.937   -16.208 4.520   1.000 13.971  0 13  C   B "C3'" 1 ? 
ATOM   587 O  "O3'" . C   B 1 13 ? 1.891   -17.631 4.381   1.000 14.582  0 13  C   B "O3'" 1 ? 
ATOM   588 C  "C2'" . C   B 1 13 ? 1.748   -15.471 3.191   1.000 13.300  0 13  C   B "C2'" 1 ? 
ATOM   589 O  "O2'" . C   B 1 13 ? 0.665   -15.969 2.451   1.000 14.054  0 13  C   B "O2'" 1 ? 
ATOM   590 C  "C1'" . C   B 1 13 ? 1.370   -14.089 3.723   1.000 12.627  0 13  C   B "C1'" 1 ? 
ATOM   591 N  N1    . C   B 1 13 ? 2.557   -13.237 3.929   1.000 12.510  0 13  C   B N1    1 ? 
ATOM   592 C  C2    . C   B 1 13 ? 3.124   -12.596 2.817   1.000 11.581  0 13  C   B C2    1 ? 
ATOM   593 O  O2    . C   B 1 13 ? 2.591   -12.811 1.735   1.000 11.946  0 13  C   B O2    1 ? 
ATOM   594 N  N3    . C   B 1 13 ? 4.178   -11.777 3.008   1.000 11.598  0 13  C   B N3    1 ? 
ATOM   595 C  C4    . C   B 1 13 ? 4.694   -11.591 4.223   1.000 12.283  0 13  C   B C4    1 ? 
ATOM   596 N  N4    . C   B 1 13 ? 5.743   -10.797 4.330   1.000 12.474  0 13  C   B N4    1 ? 
ATOM   597 C  C5    . C   B 1 13 ? 4.169   -12.269 5.367   1.000 12.205  0 13  C   B C5    1 ? 
ATOM   598 C  C6    . C   B 1 13 ? 3.112   -13.063 5.164   1.000 12.629  0 13  C   B C6    1 ? 
ATOM   599 P  P     . G   B 1 14 ? 3.272   -18.417 4.288   1.000 18.017  0 14  G   B P     1 ? 
ATOM   600 O  OP1   . G   B 1 14 ? 2.901   -19.865 4.264   1.000 21.057  0 14  G   B OP1   1 ? 
ATOM   601 O  OP2   . G   B 1 14 ? 4.148   -17.930 5.343   1.000 19.168  0 14  G   B OP2   1 ? 
ATOM   602 O  "O5'" . G   B 1 14 ? 3.966   -17.952 2.911   1.000 14.799  0 14  G   B "O5'" 1 ? 
ATOM   603 C  "C5'" . G   B 1 14 ? 3.366   -18.384 1.708   1.000 13.984  0 14  G   B "C5'" 1 ? 
ATOM   604 C  "C4'" . G   B 1 14 ? 4.052   -17.726 0.552   1.000 13.344  0 14  G   B "C4'" 1 ? 
ATOM   605 O  "O4'" . G   B 1 14 ? 3.991   -16.281 0.625   1.000 12.880  0 14  G   B "O4'" 1 ? 
ATOM   606 C  "C3'" . G   B 1 14 ? 5.549   -17.925 0.515   1.000 12.948  0 14  G   B "C3'" 1 ? 
ATOM   607 O  "O3'" . G   B 1 14 ? 5.831   -19.268 0.144   1.000 15.373  0 14  G   B "O3'" 1 ? 
ATOM   608 C  "C2'" . G   B 1 14 ? 5.955   -16.896 -0.528  1.000 13.478  0 14  G   B "C2'" 1 ? 
ATOM   609 O  "O2'" . G   B 1 14 ? 5.552   -17.255 -1.840  1.000 15.247  0 14  G   B "O2'" 1 ? 
ATOM   610 C  "C1'" . G   B 1 14 ? 5.098   -15.727 -0.061  1.000 12.076  0 14  G   B "C1'" 1 ? 
ATOM   611 N  N9    . G   B 1 14 ? 5.813   -14.818 0.841   1.000 12.439  0 14  G   B N9    1 ? 
ATOM   612 C  C8    . G   B 1 14 ? 5.851   -14.807 2.208   1.000 11.394  0 14  G   B C8    1 ? 
ATOM   613 N  N7    . G   B 1 14 ? 6.675   -13.906 2.686   1.000 13.018  0 14  G   B N7    1 ? 
ATOM   614 C  C5    . G   B 1 14 ? 7.268   -13.333 1.578   1.000 12.020  0 14  G   B C5    1 ? 
ATOM   615 C  C6    . G   B 1 14 ? 8.229   -12.314 1.439   1.000 11.949  0 14  G   B C6    1 ? 
ATOM   616 O  O6    . G   B 1 14 ? 8.807   -11.680 2.340   1.000 13.354  0 14  G   B O6    1 ? 
ATOM   617 N  N1    . G   B 1 14 ? 8.565   -12.071 0.113   1.000 11.508  0 14  G   B N1    1 ? 
ATOM   618 C  C2    . G   B 1 14 ? 7.991   -12.701 -0.951  1.000 11.762  0 14  G   B C2    1 ? 
ATOM   619 N  N2    . G   B 1 14 ? 8.430   -12.355 -2.159  1.000 12.609  0 14  G   B N2    1 ? 
ATOM   620 N  N3    . G   B 1 14 ? 7.049   -13.645 -0.845  1.000 11.950  0 14  G   B N3    1 ? 
ATOM   621 C  C4    . G   B 1 14 ? 6.739   -13.882 0.436   1.000 12.710  0 14  G   B C4    1 ? 
HETATM 622 P  P     . G46 B 1 15 ? 7.278   -19.877 0.561   1.000 17.034  0 15  G46 B P     1 ? 
HETATM 623 O  O1P   . G46 B 1 15 ? 7.185   -21.329 0.183   1.000 20.757  0 15  G46 B O1P   1 ? 
HETATM 624 S  S2P   . G46 B 1 15 ? 7.876   -19.426 2.345   1.000 23.728  0 15  G46 B S2P   1 ? 
HETATM 625 O  "O5'" . G46 B 1 15 ? 8.170   -19.186 -0.568  1.000 18.325  0 15  G46 B "O5'" 1 ? 
HETATM 626 C  "C5'" . G46 B 1 15 ? 9.519   -18.968 -0.431  1.000 19.047  0 15  G46 B "C5'" 1 ? 
HETATM 627 C  "C4'" . G46 B 1 15 ? 9.871   -18.090 -1.617  1.000 17.410  0 15  G46 B "C4'" 1 ? 
HETATM 628 O  "O4'" . G46 B 1 15 ? 9.312   -16.743 -1.307  1.000 15.787  0 15  G46 B "O4'" 1 ? 
HETATM 629 C  "C3'" . G46 B 1 15 ? 11.327  -17.838 -1.612  1.000 17.080  0 15  G46 B "C3'" 1 ? 
HETATM 630 O  "O3'" . G46 B 1 15 ? 11.929  -18.881 -2.384  1.000 18.911  0 15  G46 B "O3'" 1 ? 
HETATM 631 C  "C2'" . G46 B 1 15 ? 11.505  -16.490 -2.225  1.000 16.417  0 15  G46 B "C2'" 1 ? 
HETATM 632 C  "C1'" . G46 B 1 15 ? 10.319  -15.723 -1.630  1.000 14.685  0 15  G46 B "C1'" 1 ? 
HETATM 633 O  "O2'" . G46 B 1 15 ? 11.351  -16.554 -3.630  1.000 17.991  0 15  G46 B "O2'" 1 ? 
HETATM 634 N  N9    . G46 B 1 15 ? 10.573  -15.091 -0.322  1.000 13.820  0 15  G46 B N9    1 ? 
HETATM 635 C  C8    . G46 B 1 15 ? 10.091  -15.389 0.912   1.000 13.823  0 15  G46 B C8    1 ? 
HETATM 636 N  N7    . G46 B 1 15 ? 10.609  -14.584 1.811   1.000 14.436  0 15  G46 B N7    1 ? 
HETATM 637 C  C5    . G46 B 1 15 ? 11.419  -13.678 1.148   1.000 13.064  0 15  G46 B C5    1 ? 
HETATM 638 C  C6    . G46 B 1 15 ? 12.189  -12.638 1.594   1.000 13.864  0 15  G46 B C6    1 ? 
HETATM 639 O  O6    . G46 B 1 15 ? 12.319  -12.149 2.761   1.000 14.596  0 15  G46 B O6    1 ? 
HETATM 640 N  N1    . G46 B 1 15 ? 12.926  -11.983 0.606   1.000 13.279  0 15  G46 B N1    1 ? 
HETATM 641 C  C2    . G46 B 1 15 ? 12.881  -12.372 -0.734  1.000 12.593  0 15  G46 B C2    1 ? 
HETATM 642 N  N2    . G46 B 1 15 ? 13.587  -11.667 -1.576  1.000 13.512  0 15  G46 B N2    1 ? 
HETATM 643 N  N3    . G46 B 1 15 ? 12.104  -13.387 -1.174  1.000 12.529  0 15  G46 B N3    1 ? 
HETATM 644 C  C4    . G46 B 1 15 ? 11.395  -14.033 -0.192  1.000 12.824  0 15  G46 B C4    1 ? 
HETATM 645 MG MG    . MG  C 2 .  ? 6.137   -0.995  -5.051  1.000 11.666  0 201 MG  A MG    1 ? 
HETATM 646 MG MG    . MG  D 2 .  ? -11.781 10.584  -15.975 0.330 27.609  0 202 MG  A MG    1 ? 
HETATM 647 P  P     . DGP E 3 .  ? -12.566 15.925  -11.530 1.000 104.230 0 203 DGP A P     1 ? 
HETATM 648 O  OP1   . DGP E 3 .  ? -11.706 16.816  -12.435 1.000 96.512  0 203 DGP A OP1   1 ? 
HETATM 649 O  OP2   . DGP E 3 .  ? -13.693 16.689  -10.841 1.000 108.059 0 203 DGP A OP2   1 ? 
HETATM 650 O  "O5'" . DGP E 3 .  ? -13.281 14.852  -12.528 1.000 75.922  0 203 DGP A "O5'" 1 ? 
HETATM 651 C  "C5'" . DGP E 3 .  ? -14.616 14.358  -12.228 1.000 57.652  0 203 DGP A "C5'" 1 ? 
HETATM 652 C  "C4'" . DGP E 3 .  ? -14.656 12.865  -12.441 1.000 49.837  0 203 DGP A "C4'" 1 ? 
HETATM 653 O  "O4'" . DGP E 3 .  ? -14.033 12.207  -11.318 1.000 40.419  0 203 DGP A "O4'" 1 ? 
HETATM 654 C  "C3'" . DGP E 3 .  ? -16.043 12.245  -12.523 1.000 49.456  0 203 DGP A "C3'" 1 ? 
HETATM 655 O  "O3'" . DGP E 3 .  ? -15.976 11.004  -13.219 1.000 54.827  0 203 DGP A "O3'" 1 ? 
HETATM 656 C  "C2'" . DGP E 3 .  ? -16.385 12.061  -11.046 1.000 41.260  0 203 DGP A "C2'" 1 ? 
HETATM 657 C  "C1'" . DGP E 3 .  ? -15.037 11.720  -10.429 1.000 33.362  0 203 DGP A "C1'" 1 ? 
HETATM 658 N  N9    . DGP E 3 .  ? -14.796 12.329  -9.126  1.000 26.014  0 203 DGP A N9    1 ? 
HETATM 659 C  C8    . DGP E 3 .  ? -14.036 13.404  -8.748  1.000 23.142  0 203 DGP A C8    1 ? 
HETATM 660 N  N7    . DGP E 3 .  ? -14.066 13.644  -7.454  1.000 23.165  0 203 DGP A N7    1 ? 
HETATM 661 C  C5    . DGP E 3 .  ? -14.963 12.710  -6.962  1.000 21.296  0 203 DGP A C5    1 ? 
HETATM 662 C  C6    . DGP E 3 .  ? -15.400 12.458  -5.637  1.000 22.146  0 203 DGP A C6    1 ? 
HETATM 663 O  O6    . DGP E 3 .  ? -15.147 13.062  -4.578  1.000 24.875  0 203 DGP A O6    1 ? 
HETATM 664 N  N1    . DGP E 3 .  ? -16.335 11.411  -5.601  1.000 22.433  0 203 DGP A N1    1 ? 
HETATM 665 C  C2    . DGP E 3 .  ? -16.734 10.675  -6.682  1.000 21.091  0 203 DGP A C2    1 ? 
HETATM 666 N  N2    . DGP E 3 .  ? -17.602 9.689   -6.467  1.000 21.710  0 203 DGP A N2    1 ? 
HETATM 667 N  N3    . DGP E 3 .  ? -16.301 10.873  -7.921  1.000 23.267  0 203 DGP A N3    1 ? 
HETATM 668 C  C4    . DGP E 3 .  ? -15.428 11.910  -7.984  1.000 24.457  0 203 DGP A C4    1 ? 
HETATM 669 MG MG    . MG  F 2 .  ? -6.177  -2.475  -4.402  1.000 11.660  0 201 MG  B MG    1 ? 
HETATM 670 MG MG    . MG  G 2 .  ? 11.817  -18.558 -4.800  0.330 19.112  0 202 MG  B MG    1 ? 
HETATM 671 P  P     . DGP H 3 .  ? 8.987   -14.609 5.673   1.000 64.180  0 203 DGP B P     1 ? 
HETATM 672 O  OP1   . DGP H 3 .  ? 7.616   -13.796 5.336   1.000 26.801  0 203 DGP B OP1   1 ? 
HETATM 673 O  OP2   . DGP H 3 .  ? 9.788   -15.151 4.437   1.000 32.611  0 203 DGP B OP2   1 ? 
HETATM 674 O  "O5'" . DGP H 3 .  ? 10.089  -13.630 6.434   1.000 53.306  0 203 DGP B "O5'" 1 ? 
HETATM 675 C  "C5'" . DGP H 3 .  ? 11.240  -13.049 5.689   1.000 59.494  0 203 DGP B "C5'" 1 ? 
HETATM 676 C  "C4'" . DGP H 3 .  ? 12.542  -13.789 5.945   1.000 58.091  0 203 DGP B "C4'" 1 ? 
HETATM 677 O  "O4'" . DGP H 3 .  ? 12.790  -14.735 4.873   1.000 53.369  0 203 DGP B "O4'" 1 ? 
HETATM 678 C  "C3'" . DGP H 3 .  ? 13.792  -12.900 6.027   1.000 49.818  0 203 DGP B "C3'" 1 ? 
HETATM 679 O  "O3'" . DGP H 3 .  ? 14.549  -13.264 7.175   1.000 55.380  0 203 DGP B "O3'" 1 ? 
HETATM 680 C  "C2'" . DGP H 3 .  ? 14.566  -13.220 4.749   1.000 44.054  0 203 DGP B "C2'" 1 ? 
HETATM 681 C  "C1'" . DGP H 3 .  ? 14.144  -14.640 4.439   1.000 35.951  0 203 DGP B "C1'" 1 ? 
HETATM 682 N  N9    . DGP H 3 .  ? 14.206  -15.070 3.049   1.000 27.367  0 203 DGP B N9    1 ? 
HETATM 683 C  C8    . DGP H 3 .  ? 13.557  -16.219 2.681   1.000 21.818  0 203 DGP B C8    1 ? 
HETATM 684 N  N7    . DGP H 3 .  ? 13.690  -16.523 1.419   1.000 24.139  0 203 DGP B N7    1 ? 
HETATM 685 C  C5    . DGP H 3 .  ? 14.514  -15.537 0.936   1.000 21.702  0 203 DGP B C5    1 ? 
HETATM 686 C  C6    . DGP H 3 .  ? 15.014  -15.412 -0.355  1.000 21.083  0 203 DGP B C6    1 ? 
HETATM 687 O  O6    . DGP H 3 .  ? 14.841  -16.167 -1.326  1.000 25.130  0 203 DGP B O6    1 ? 
HETATM 688 N  N1    . DGP H 3 .  ? 15.847  -14.307 -0.418  1.000 22.382  0 203 DGP B N1    1 ? 
HETATM 689 C  C2    . DGP H 3 .  ? 16.132  -13.430 0.599   1.000 22.821  0 203 DGP B C2    1 ? 
HETATM 690 N  N2    . DGP H 3 .  ? 16.956  -12.414 0.297   1.000 23.693  0 203 DGP B N2    1 ? 
HETATM 691 N  N3    . DGP H 3 .  ? 15.659  -13.551 1.822   1.000 22.795  0 203 DGP B N3    1 ? 
HETATM 692 C  C4    . DGP H 3 .  ? 14.860  -14.639 1.921   1.000 21.102  0 203 DGP B C4    1 ? 
HETATM 693 O  O     . HOH I 4 .  ? -12.750 14.965  -14.926 1.000 42.498  0 301 HOH A O     1 ? 
HETATM 694 O  O     . HOH I 4 .  ? -5.258  5.104   3.255   1.000 34.870  0 302 HOH A O     1 ? 
HETATM 695 O  O     . HOH I 4 .  ? -11.950 0.254   8.924   1.000 27.795  0 303 HOH A O     1 ? 
HETATM 696 O  O     . HOH I 4 .  ? -5.411  1.155   11.531  1.000 18.939  0 304 HOH A O     1 ? 
HETATM 697 O  O     . HOH I 4 .  ? 2.091   10.582  -4.719  1.000 24.521  0 305 HOH A O     1 ? 
HETATM 698 O  O     . HOH I 4 .  ? -10.237 12.529  -5.334  1.000 34.023  0 306 HOH A O     1 ? 
HETATM 699 O  O     . HOH I 4 .  ? -5.151  6.106   0.242   1.000 24.545  0 307 HOH A O     1 ? 
HETATM 700 O  O     . HOH I 4 .  ? 1.941   12.366  1.684   1.000 35.657  0 308 HOH A O     1 ? 
HETATM 701 O  O     . HOH I 4 .  ? -7.545  0.066   3.768   1.000 25.457  0 309 HOH A O     1 ? 
HETATM 702 O  O     . HOH I 4 .  ? 7.663   -7.267  3.215   1.000 19.285  0 310 HOH A O     1 ? 
HETATM 703 O  O     . HOH I 4 .  ? 5.774   -2.368  -3.527  1.000 14.923  0 311 HOH A O     1 ? 
HETATM 704 O  O     . HOH I 4 .  ? -4.257  -9.950  3.288   1.000 25.494  0 312 HOH A O     1 ? 
HETATM 705 O  O     . HOH I 4 .  ? 2.514   13.449  -5.058  1.000 33.227  0 313 HOH A O     1 ? 
HETATM 706 O  O     . HOH I 4 .  ? -2.958  1.310   10.651  1.000 28.397  0 314 HOH A O     1 ? 
HETATM 707 O  O     . HOH I 4 .  ? -5.095  1.512   2.989   1.000 25.014  0 315 HOH A O     1 ? 
HETATM 708 O  O     . HOH I 4 .  ? -10.116 14.308  -6.971  1.000 31.899  0 316 HOH A O     1 ? 
HETATM 709 O  O     . HOH I 4 .  ? -7.473  14.135  -5.496  1.000 25.947  0 317 HOH A O     1 ? 
HETATM 710 O  O     . HOH I 4 .  ? -0.954  -2.603  -1.592  1.000 19.327  0 318 HOH A O     1 ? 
HETATM 711 O  O     . HOH I 4 .  ? -8.131  -6.039  -3.032  1.000 12.934  0 319 HOH A O     1 ? 
HETATM 712 O  O     . HOH I 4 .  ? -1.282  -4.745  -7.431  1.000 20.509  0 320 HOH A O     1 ? 
HETATM 713 O  O     . HOH I 4 .  ? -8.666  -7.675  6.748   1.000 27.725  0 321 HOH A O     1 ? 
HETATM 714 O  O     . HOH I 4 .  ? 19.132  -10.749 -1.181  1.000 31.072  0 322 HOH A O     1 ? 
HETATM 715 O  O     . HOH I 4 .  ? 1.786   13.356  -7.901  1.000 30.893  0 323 HOH A O     1 ? 
HETATM 716 O  O     . HOH I 4 .  ? -6.886  11.117  2.497   1.000 31.343  0 324 HOH A O     1 ? 
HETATM 717 O  O     . HOH I 4 .  ? 2.922   -4.858  -8.879  1.000 25.605  0 325 HOH A O     1 ? 
HETATM 718 O  O     . HOH I 4 .  ? -6.320  9.260   -0.543  1.000 24.769  0 326 HOH A O     1 ? 
HETATM 719 O  O     . HOH I 4 .  ? -5.910  8.101   2.166   1.000 28.370  0 327 HOH A O     1 ? 
HETATM 720 O  O     . HOH I 4 .  ? 5.300   -5.234  -1.258  1.000 16.937  0 328 HOH A O     1 ? 
HETATM 721 O  O     . HOH I 4 .  ? 0.510   16.215  4.291   1.000 32.093  0 329 HOH A O     1 ? 
HETATM 722 O  O     . HOH I 4 .  ? 2.097   -4.033  -2.521  1.000 15.875  0 330 HOH A O     1 ? 
HETATM 723 O  O     . HOH I 4 .  ? -1.625  5.734   9.718   1.000 25.014  0 331 HOH A O     1 ? 
HETATM 724 O  O     . HOH I 4 .  ? -3.228  13.075  9.624   1.000 21.726  0 332 HOH A O     1 ? 
HETATM 725 O  O     . HOH I 4 .  ? -2.922  -2.989  -0.090  1.000 27.414  0 333 HOH A O     1 ? 
HETATM 726 O  O     . HOH I 4 .  ? -5.761  -2.272  1.814   1.000 16.035  0 334 HOH A O     1 ? 
HETATM 727 O  O     . HOH I 4 .  ? 10.773  -4.428  -0.640  1.000 15.483  0 335 HOH A O     1 ? 
HETATM 728 O  O     . HOH I 4 .  ? -6.251  7.025   12.047  0.330 17.410  0 336 HOH A O     1 ? 
HETATM 729 O  O     . HOH I 4 .  ? 8.161   -1.424  -5.101  1.000 14.412  0 337 HOH A O     1 ? 
HETATM 730 O  O     . HOH I 4 .  ? 9.902   -11.094 -5.360  1.000 29.823  0 338 HOH A O     1 ? 
HETATM 731 O  O     . HOH I 4 .  ? 7.694   -3.121  -1.709  1.000 17.216  0 339 HOH A O     1 ? 
HETATM 732 O  O     . HOH I 4 .  ? 11.490  -1.935  -3.183  1.000 25.765  0 340 HOH A O     1 ? 
HETATM 733 O  O     . HOH I 4 .  ? -8.110  9.320   11.167  0.330 22.675  0 341 HOH A O     1 ? 
HETATM 734 O  O     . HOH I 4 .  ? 4.106   -12.208 -3.720  1.000 24.146  0 342 HOH A O     1 ? 
HETATM 735 O  O     . HOH I 4 .  ? -6.535  -2.503  -2.333  1.000 13.226  0 343 HOH A O     1 ? 
HETATM 736 O  O     . HOH I 4 .  ? 8.593   -5.715  0.494   1.000 18.748  0 344 HOH A O     1 ? 
HETATM 737 O  O     . HOH I 4 .  ? 5.860   -2.435  -6.523  1.000 11.928  0 345 HOH A O     1 ? 
HETATM 738 O  O     . HOH I 4 .  ? -5.037  16.321  -5.254  1.000 33.757  0 346 HOH A O     1 ? 
HETATM 739 O  O     . HOH I 4 .  ? -4.124  -2.783  -4.200  1.000 13.074  0 347 HOH A O     1 ? 
HETATM 740 O  O     . HOH I 4 .  ? -4.896  15.041  -1.364  1.000 24.670  0 348 HOH A O     1 ? 
HETATM 741 O  O     . HOH I 4 .  ? -9.432  -7.656  0.071   1.000 23.240  0 349 HOH A O     1 ? 
HETATM 742 O  O     . HOH I 4 .  ? -1.132  -11.492 -0.684  1.000 15.658  0 350 HOH A O     1 ? 
HETATM 743 O  O     . HOH I 4 .  ? -6.632  -9.779  -0.739  1.000 21.875  0 351 HOH A O     1 ? 
HETATM 744 O  O     . HOH I 4 .  ? -4.049  -11.335 -0.246  1.000 29.223  0 352 HOH A O     1 ? 
HETATM 745 O  O     . HOH I 4 .  ? -2.888  -0.662  1.518   1.000 23.260  0 353 HOH A O     1 ? 
HETATM 746 O  O     . HOH I 4 .  ? 6.649   -11.701 -6.894  0.330 23.108  0 354 HOH A O     1 ? 
HETATM 747 O  O     . HOH I 4 .  ? 3.153   -3.254  0.058   1.000 22.163  0 355 HOH A O     1 ? 
HETATM 748 O  O     . HOH I 4 .  ? -5.612  12.421  1.201   1.000 36.308  0 356 HOH A O     1 ? 
HETATM 749 O  O     . HOH I 4 .  ? -6.833  12.899  -1.836  1.000 22.227  0 357 HOH A O     1 ? 
HETATM 750 O  O     . HOH I 4 .  ? 5.807   -5.271  1.833   1.000 18.725  0 358 HOH A O     1 ? 
HETATM 751 O  O     . HOH I 4 .  ? 13.369  -9.322  6.383   1.000 32.424  0 359 HOH A O     1 ? 
HETATM 752 O  O     . HOH I 4 .  ? -4.287  3.693   1.199   1.000 28.673  0 360 HOH A O     1 ? 
HETATM 753 O  O     . HOH I 4 .  ? 10.530  -7.711  4.394   1.000 19.301  0 361 HOH A O     1 ? 
HETATM 754 O  O     . HOH I 4 .  ? 3.493   11.579  -1.040  1.000 14.693  0 362 HOH A O     1 ? 
HETATM 755 O  O     . HOH I 4 .  ? 0.622   -1.776  0.742   1.000 29.989  0 363 HOH A O     1 ? 
HETATM 756 O  O     . HOH I 4 .  ? -6.391  -4.507  -4.473  1.000 11.875  0 364 HOH A O     1 ? 
HETATM 757 O  O     . HOH I 4 .  ? 6.859   -4.207  0.076   1.000 13.592  0 365 HOH A O     1 ? 
HETATM 758 O  O     . HOH I 4 .  ? 0.154   -3.141  -7.844  1.000 38.472  0 366 HOH A O     1 ? 
HETATM 759 O  O     . HOH I 4 .  ? 10.261  0.272   -4.612  1.000 25.876  0 367 HOH A O     1 ? 
HETATM 760 O  O     . HOH I 4 .  ? -5.249  -0.105  1.005   1.000 34.748  0 368 HOH A O     1 ? 
HETATM 761 O  O     . HOH I 4 .  ? -4.193  -0.197  -1.744  1.000 29.508  0 369 HOH A O     1 ? 
HETATM 762 O  O     . HOH I 4 .  ? -8.396  -0.838  -1.202  1.000 29.806  0 370 HOH A O     1 ? 
HETATM 763 O  O     . HOH I 4 .  ? 15.702  -6.077  7.810   1.000 40.807  0 371 HOH A O     1 ? 
HETATM 764 O  O     . HOH I 4 .  ? 11.845  -5.008  4.279   1.000 25.113  0 372 HOH A O     1 ? 
HETATM 765 O  O     . HOH I 4 .  ? 5.917   -2.106  0.825   1.000 37.035  0 373 HOH A O     1 ? 
HETATM 766 O  O     . HOH I 4 .  ? 9.334   -4.327  3.112   1.000 28.406  0 374 HOH A O     1 ? 
HETATM 767 O  O     . HOH I 4 .  ? 0.201   -4.213  -10.300 0.330 31.243  0 375 HOH A O     1 ? 
HETATM 768 O  O     . HOH J 4 .  ? 8.424   -12.182 6.819   1.000 30.726  0 301 HOH B O     1 ? 
HETATM 769 O  O     . HOH J 4 .  ? 14.713  -18.447 -1.574  1.000 32.594  0 302 HOH B O     1 ? 
HETATM 770 O  O     . HOH J 4 .  ? -1.928  -10.759 3.730   1.000 18.036  0 303 HOH B O     1 ? 
HETATM 771 O  O     . HOH J 4 .  ? 9.839   -12.105 4.535   1.000 28.953  0 304 HOH B O     1 ? 
HETATM 772 O  O     . HOH J 4 .  ? 3.961   -5.586  16.883  0.330 19.997  0 305 HOH B O     1 ? 
HETATM 773 O  O     . HOH J 4 .  ? -20.426 7.517   -5.429  1.000 30.203  0 306 HOH B O     1 ? 
HETATM 774 O  O     . HOH J 4 .  ? 0.540   0.785   -3.127  1.000 35.234  0 307 HOH B O     1 ? 
HETATM 775 O  O     . HOH J 4 .  ? 4.435   9.607   -4.041  1.000 22.177  0 308 HOH B O     1 ? 
HETATM 776 O  O     . HOH J 4 .  ? -7.696  7.955   -2.583  1.000 25.890  0 309 HOH B O     1 ? 
HETATM 777 O  O     . HOH J 4 .  ? 4.706   0.642   -8.491  1.000 11.241  0 310 HOH B O     1 ? 
HETATM 778 O  O     . HOH J 4 .  ? 4.838   -3.720  3.990   1.000 23.276  0 311 HOH B O     1 ? 
HETATM 779 O  O     . HOH J 4 .  ? 8.097   2.610   -6.350  1.000 13.293  0 312 HOH B O     1 ? 
HETATM 780 O  O     . HOH J 4 .  ? -5.835  -0.439  -4.214  1.000 14.489  0 313 HOH B O     1 ? 
HETATM 781 O  O     . HOH J 4 .  ? 5.796   10.476  2.916   1.000 26.371  0 314 HOH B O     1 ? 
HETATM 782 O  O     . HOH J 4 .  ? -2.417  -13.068 5.156   1.000 23.757  0 315 HOH B O     1 ? 
HETATM 783 O  O     . HOH J 4 .  ? -10.529 4.935   -11.420 1.000 33.682  0 316 HOH B O     1 ? 
HETATM 784 O  O     . HOH J 4 .  ? 6.229   -6.768  5.594   1.000 18.475  0 317 HOH B O     1 ? 
HETATM 785 O  O     . HOH J 4 .  ? -7.776  1.442   -3.412  1.000 19.123  0 318 HOH B O     1 ? 
HETATM 786 O  O     . HOH J 4 .  ? -3.974  6.594   -10.777 1.000 22.898  0 319 HOH B O     1 ? 
HETATM 787 O  O     . HOH J 4 .  ? -3.046  -2.264  -9.690  1.000 28.362  0 320 HOH B O     1 ? 
HETATM 788 O  O     . HOH J 4 .  ? 2.078   -3.262  15.991  0.330 19.179  0 321 HOH B O     1 ? 
HETATM 789 O  O     . HOH J 4 .  ? 4.907   -1.216  5.883   1.000 21.617  0 322 HOH B O     1 ? 
HETATM 790 O  O     . HOH J 4 .  ? -8.723  5.091   -3.571  1.000 21.552  0 323 HOH B O     1 ? 
HETATM 791 O  O     . HOH J 4 .  ? 8.992   9.577   0.271   1.000 33.158  0 324 HOH B O     1 ? 
HETATM 792 O  O     . HOH J 4 .  ? 0.433   2.392   11.565  1.000 23.983  0 325 HOH B O     1 ? 
HETATM 793 O  O     . HOH J 4 .  ? 2.904   10.445  3.190   1.000 27.926  0 326 HOH B O     1 ? 
HETATM 794 O  O     . HOH J 4 .  ? 5.625   -3.792  6.992   1.000 22.340  0 327 HOH B O     1 ? 
HETATM 795 O  O     . HOH J 4 .  ? -0.701  2.229   -0.614  1.000 28.704  0 328 HOH B O     1 ? 
HETATM 796 O  O     . HOH J 4 .  ? 2.137   1.374   0.400   1.000 30.734  0 329 HOH B O     1 ? 
HETATM 797 O  O     . HOH J 4 .  ? 11.682  -13.835 -3.968  1.000 25.661  0 330 HOH B O     1 ? 
HETATM 798 O  O     . HOH J 4 .  ? 1.190   -1.342  -8.783  1.000 19.607  0 331 HOH B O     1 ? 
HETATM 799 O  O     . HOH J 4 .  ? -14.322 4.941   -1.126  1.000 25.014  0 332 HOH B O     1 ? 
HETATM 800 O  O     . HOH J 4 .  ? -2.444  -14.678 9.337   1.000 29.270  0 333 HOH B O     1 ? 
HETATM 801 O  O     . HOH J 4 .  ? 5.381   2.837   -0.157  1.000 17.655  0 334 HOH B O     1 ? 
HETATM 802 O  O     . HOH J 4 .  ? 4.610   1.038   4.205   1.000 20.582  0 335 HOH B O     1 ? 
HETATM 803 O  O     . HOH J 4 .  ? 6.502   0.397   -3.546  1.000 13.317  0 336 HOH B O     1 ? 
HETATM 804 O  O     . HOH J 4 .  ? -1.849  -14.841 2.844   1.000 21.455  0 337 HOH B O     1 ? 
HETATM 805 O  O     . HOH J 4 .  ? -11.920 -2.202  -7.621  1.000 15.358  0 338 HOH B O     1 ? 
HETATM 806 O  O     . HOH J 4 .  ? -1.229  -1.352  -6.729  1.000 31.391  0 339 HOH B O     1 ? 
HETATM 807 O  O     . HOH J 4 .  ? -10.881 3.120   -3.549  1.000 17.457  0 340 HOH B O     1 ? 
HETATM 808 O  O     . HOH J 4 .  ? 9.669   2.498   -2.673  1.000 25.466  0 341 HOH B O     1 ? 
HETATM 809 O  O     . HOH J 4 .  ? 4.068   -0.620  -5.091  1.000 13.961  0 342 HOH B O     1 ? 
HETATM 810 O  O     . HOH J 4 .  ? 9.313   5.697   -5.152  1.000 24.170  0 343 HOH B O     1 ? 
HETATM 811 O  O     . HOH J 4 .  ? 4.867   -11.786 9.066   1.000 21.452  0 344 HOH B O     1 ? 
HETATM 812 O  O     . HOH J 4 .  ? -5.543  3.332   -4.581  1.000 18.475  0 345 HOH B O     1 ? 
HETATM 813 O  O     . HOH J 4 .  ? -5.868  -2.389  -6.474  1.000 11.677  0 346 HOH B O     1 ? 
HETATM 814 O  O     . HOH J 4 .  ? -2.171  1.458   -4.576  1.000 18.893  0 347 HOH B O     1 ? 
HETATM 815 O  O     . HOH J 4 .  ? -8.231  -2.208  -4.674  1.000 13.970  0 348 HOH B O     1 ? 
HETATM 816 O  O     . HOH J 4 .  ? 10.483  1.410   12.250  1.000 27.063  0 349 HOH B O     1 ? 
HETATM 817 O  O     . HOH J 4 .  ? 6.773   6.732   -6.938  1.000 19.585  0 350 HOH B O     1 ? 
HETATM 818 O  O     . HOH J 4 .  ? 3.589   9.698   6.278   1.000 25.579  0 351 HOH B O     1 ? 
HETATM 819 O  O     . HOH J 4 .  ? 10.462  2.316   5.237   1.000 36.058  0 352 HOH B O     1 ? 
HETATM 820 O  O     . HOH J 4 .  ? -0.275  -9.365  14.093  1.000 23.944  0 353 HOH B O     1 ? 
HETATM 821 O  O     . HOH J 4 .  ? 0.802   6.993   8.129   1.000 29.575  0 354 HOH B O     1 ? 
HETATM 822 O  O     . HOH J 4 .  ? 2.594   2.154   -2.871  1.000 21.111  0 355 HOH B O     1 ? 
HETATM 823 O  O     . HOH J 4 .  ? 6.930   2.530   3.479   1.000 19.808  0 356 HOH B O     1 ? 
HETATM 824 O  O     . HOH J 4 .  ? 9.094   1.821   -0.041  1.000 30.970  0 357 HOH B O     1 ? 
HETATM 825 O  O     . HOH J 4 .  ? 7.317   -15.101 -3.342  1.000 51.916  0 358 HOH B O     1 ? 
HETATM 826 O  O     . HOH J 4 .  ? -3.316  2.681   -2.176  1.000 26.980  0 359 HOH B O     1 ? 
HETATM 827 O  O     . HOH J 4 .  ? 3.976   8.253   -7.832  1.000 27.832  0 360 HOH B O     1 ? 
HETATM 828 O  O     . HOH J 4 .  ? 7.438   -12.678 -4.924  1.000 26.580  0 361 HOH B O     1 ? 
HETATM 829 O  O     . HOH J 4 .  ? 6.653   1.070   7.348   1.000 25.873  0 362 HOH B O     1 ? 
HETATM 830 O  O     . HOH J 4 .  ? 9.899   0.602   8.984   1.000 32.283  0 363 HOH B O     1 ? 
HETATM 831 O  O     . HOH J 4 .  ? -5.799  5.575   -2.396  1.000 21.641  0 364 HOH B O     1 ? 
HETATM 832 O  O     . HOH J 4 .  ? 6.692   -10.703 7.223   1.000 23.165  0 365 HOH B O     1 ? 
HETATM 833 O  O     . HOH J 4 .  ? 5.442   -7.509  9.407   1.000 34.754  0 366 HOH B O     1 ? 
HETATM 834 O  O     . HOH J 4 .  ? -12.938 11.214  -1.634  1.000 29.102  0 367 HOH B O     1 ? 
HETATM 835 O  O     . HOH J 4 .  ? 5.394   -15.270 6.979   1.000 33.223  0 368 HOH B O     1 ? 
HETATM 836 O  O     . HOH J 4 .  ? -3.369  -9.506  6.431   1.000 14.690  0 369 HOH B O     1 ? 
HETATM 837 O  O     . HOH J 4 .  ? 11.508  -18.390 2.706   1.000 43.512  0 370 HOH B O     1 ? 
HETATM 838 O  O     . HOH J 4 .  ? -10.693 8.924   -1.916  1.000 21.119  0 371 HOH B O     1 ? 
HETATM 839 O  O     . HOH J 4 .  ? 6.842   -2.062  8.801   1.000 28.305  0 372 HOH B O     1 ? 
HETATM 840 O  O     . HOH J 4 .  ? 9.565   -14.217 -5.205  1.000 40.285  0 373 HOH B O     1 ? 
HETATM 841 O  O     . HOH J 4 .  ? 3.516   -1.052  2.782   1.000 25.823  0 374 HOH B O     1 ? 
HETATM 842 O  O     . HOH J 4 .  ? -1.362  -12.222 1.898   1.000 27.020  0 375 HOH B O     1 ? 
HETATM 843 O  O     . HOH J 4 .  ? -6.950  3.499   -2.885  1.000 17.979  0 376 HOH B O     1 ? 
HETATM 844 O  O     . HOH J 4 .  ? 2.194   -1.362  -3.230  1.000 28.242  0 377 HOH B O     1 ? 
HETATM 845 O  O     . HOH J 4 .  ? -0.129  0.194   0.181   1.000 27.077  0 378 HOH B O     1 ? 
HETATM 846 O  O     . HOH J 4 .  ? 6.382   0.472   -6.426  1.000 11.909  0 379 HOH B O     1 ? 
HETATM 847 O  O     . HOH J 4 .  ? -2.496  -0.835  -3.046  1.000 30.048  0 380 HOH B O     1 ? 
HETATM 848 O  O     . HOH J 4 .  ? 5.244   10.822  -7.233  1.000 34.605  0 381 HOH B O     1 ? 
HETATM 849 O  O     . HOH J 4 .  ? -1.249  0.727   12.897  1.000 32.135  0 382 HOH B O     1 ? 
HETATM 850 O  O     . HOH J 4 .  ? -2.619  -0.731  -11.636 0.330 32.216  0 383 HOH B O     1 ? 
HETATM 851 O  O     . HOH J 4 .  ? -2.067  -17.916 5.927   1.000 28.185  0 384 HOH B O     1 ? 
HETATM 852 O  O     . HOH J 4 .  ? 6.215   -2.613  5.351   1.000 17.599  0 385 HOH B O     1 ? 
HETATM 853 O  O     . HOH J 4 .  ? -10.275 -3.341  -3.236  1.000 30.318  0 386 HOH B O     1 ? 
HETATM 854 O  O     . HOH J 4 .  ? 1.879   0.378   -1.531  1.000 21.578  0 387 HOH B O     1 ? 
HETATM 855 O  O     . HOH J 4 .  ? 7.578   -1.502  6.372   1.000 34.185  0 388 HOH B O     1 ? 
HETATM 856 O  O     . HOH J 4 .  ? -12.242 6.479   -0.297  1.000 31.046  0 389 HOH B O     1 ? 
HETATM 857 O  O     . HOH J 4 .  ? 10.250  -0.122  1.805   1.000 37.556  0 390 HOH B O     1 ? 
# 
